data_4EHQ
# 
_entry.id   4EHQ 
# 
_audit_conform.dict_name       mmcif_pdbx.dic 
_audit_conform.dict_version    5.379 
_audit_conform.dict_location   http://mmcif.pdb.org/dictionaries/ascii/mmcif_pdbx.dic 
# 
loop_
_database_2.database_id 
_database_2.database_code 
_database_2.pdbx_database_accession 
_database_2.pdbx_DOI 
PDB   4EHQ         pdb_00004ehq 10.2210/pdb4ehq/pdb 
RCSB  RCSB071632   ?            ?                   
WWPDB D_1000071632 ?            ?                   
# 
_pdbx_database_status.status_code                     REL 
_pdbx_database_status.entry_id                        4EHQ 
_pdbx_database_status.recvd_initial_deposition_date   2012-04-03 
_pdbx_database_status.deposit_site                    RCSB 
_pdbx_database_status.process_site                    RCSB 
_pdbx_database_status.status_code_sf                  REL 
_pdbx_database_status.status_code_mr                  ? 
_pdbx_database_status.SG_entry                        ? 
_pdbx_database_status.status_code_cs                  ? 
_pdbx_database_status.methods_development_category    ? 
_pdbx_database_status.pdb_format_compatible           Y 
_pdbx_database_status.status_code_nmr_data            ? 
# 
loop_
_audit_author.name 
_audit_author.pdbx_ordinal 
'Liu, Y.'        1 
'Zheng, X.'      2 
'Mueller, G.A.'  3 
'Sobhany, M.'    4 
'DeRose, E.F.'   5 
'Zhang, Y.'      6 
'London, R.E.'   7 
'Birnbaumer, L.' 8 
# 
_citation.id                        primary 
_citation.title                     
'Crystal structure of calmodulin binding domain of orai1 in complex with ca2+*calmodulin displays a unique binding mode.' 
_citation.journal_abbrev            J.Biol.Chem. 
_citation.journal_volume            287 
_citation.page_first                43030 
_citation.page_last                 43041 
_citation.year                      2012 
_citation.journal_id_ASTM           JBCHA3 
_citation.country                   US 
_citation.journal_id_ISSN           0021-9258 
_citation.journal_id_CSD            0071 
_citation.book_publisher            ? 
_citation.pdbx_database_id_PubMed   23109337 
_citation.pdbx_database_id_DOI      10.1074/jbc.M112.380964 
# 
loop_
_citation_author.citation_id 
_citation_author.name 
_citation_author.ordinal 
_citation_author.identifier_ORCID 
primary 'Liu, Y.'        1 ? 
primary 'Zheng, X.'      2 ? 
primary 'Mueller, G.A.'  3 ? 
primary 'Sobhany, M.'    4 ? 
primary 'Derose, E.F.'   5 ? 
primary 'Zhang, Y.'      6 ? 
primary 'London, R.E.'   7 ? 
primary 'Birnbaumer, L.' 8 ? 
# 
_cell.entry_id           4EHQ 
_cell.length_a           100.074 
_cell.length_b           24.709 
_cell.length_c           60.903 
_cell.angle_alpha        90.00 
_cell.angle_beta         100.10 
_cell.angle_gamma        90.00 
_cell.Z_PDB              4 
_cell.pdbx_unique_axis   ? 
_cell.length_a_esd       ? 
_cell.length_b_esd       ? 
_cell.length_c_esd       ? 
_cell.angle_alpha_esd    ? 
_cell.angle_beta_esd     ? 
_cell.angle_gamma_esd    ? 
# 
_symmetry.entry_id                         4EHQ 
_symmetry.space_group_name_H-M             'C 1 2 1' 
_symmetry.pdbx_full_space_group_name_H-M   ? 
_symmetry.cell_setting                     ? 
_symmetry.Int_Tables_number                5 
_symmetry.space_group_name_Hall            ? 
# 
loop_
_entity.id 
_entity.type 
_entity.src_method 
_entity.pdbx_description 
_entity.formula_weight 
_entity.pdbx_number_of_molecules 
_entity.pdbx_ec 
_entity.pdbx_mutation 
_entity.pdbx_fragment 
_entity.details 
1 polymer     man Calmodulin                                            16721.350 1  ? ? ? ? 
2 polymer     syn 'Calcium release-activated calcium channel protein 1' 2393.895  1  ? ? ? ? 
3 non-polymer syn 'CALCIUM ION'                                         40.078    4  ? ? ? ? 
4 non-polymer syn GAMMA-BUTYROLACTONE                                   86.089    4  ? ? ? ? 
5 water       nat water                                                 18.015    88 ? ? ? ? 
# 
loop_
_entity_name_com.entity_id 
_entity_name_com.name 
1 CaM                                          
2 'Protein orai-1, Transmembrane protein 142A' 
# 
loop_
_entity_poly.entity_id 
_entity_poly.type 
_entity_poly.nstd_linkage 
_entity_poly.nstd_monomer 
_entity_poly.pdbx_seq_one_letter_code 
_entity_poly.pdbx_seq_one_letter_code_can 
_entity_poly.pdbx_strand_id 
_entity_poly.pdbx_target_identifier 
1 'polypeptide(L)' no no 
;ADQLTEEQIAEFKEAFSLFDKDGDGTITTKELGTVMRSLGQNPTEAELQDMINEVDADGNGTIDFPEFLTMMARKMKDTD
SEEEIREAFRVFDKDGNGYISAAELRHVMTNLGEKLTDEEVDEMIREADIDGDGQVNYEEFVQMMTAK
;
;ADQLTEEQIAEFKEAFSLFDKDGDGTITTKELGTVMRSLGQNPTEAELQDMINEVDADGNGTIDFPEFLTMMARKMKDTD
SEEEIREAFRVFDKDGNGYISAAELRHVMTNLGEKLTDEEVDEMIREADIDGDGQVNYEEFVQMMTAK
;
A ? 
2 'polypeptide(L)' no no HSMQALSWRKLYLSRAKLKA HSMQALSWRKLYLSRAKLKA G ? 
# 
loop_
_entity_poly_seq.entity_id 
_entity_poly_seq.num 
_entity_poly_seq.mon_id 
_entity_poly_seq.hetero 
1 1   ALA n 
1 2   ASP n 
1 3   GLN n 
1 4   LEU n 
1 5   THR n 
1 6   GLU n 
1 7   GLU n 
1 8   GLN n 
1 9   ILE n 
1 10  ALA n 
1 11  GLU n 
1 12  PHE n 
1 13  LYS n 
1 14  GLU n 
1 15  ALA n 
1 16  PHE n 
1 17  SER n 
1 18  LEU n 
1 19  PHE n 
1 20  ASP n 
1 21  LYS n 
1 22  ASP n 
1 23  GLY n 
1 24  ASP n 
1 25  GLY n 
1 26  THR n 
1 27  ILE n 
1 28  THR n 
1 29  THR n 
1 30  LYS n 
1 31  GLU n 
1 32  LEU n 
1 33  GLY n 
1 34  THR n 
1 35  VAL n 
1 36  MET n 
1 37  ARG n 
1 38  SER n 
1 39  LEU n 
1 40  GLY n 
1 41  GLN n 
1 42  ASN n 
1 43  PRO n 
1 44  THR n 
1 45  GLU n 
1 46  ALA n 
1 47  GLU n 
1 48  LEU n 
1 49  GLN n 
1 50  ASP n 
1 51  MET n 
1 52  ILE n 
1 53  ASN n 
1 54  GLU n 
1 55  VAL n 
1 56  ASP n 
1 57  ALA n 
1 58  ASP n 
1 59  GLY n 
1 60  ASN n 
1 61  GLY n 
1 62  THR n 
1 63  ILE n 
1 64  ASP n 
1 65  PHE n 
1 66  PRO n 
1 67  GLU n 
1 68  PHE n 
1 69  LEU n 
1 70  THR n 
1 71  MET n 
1 72  MET n 
1 73  ALA n 
1 74  ARG n 
1 75  LYS n 
1 76  MET n 
1 77  LYS n 
1 78  ASP n 
1 79  THR n 
1 80  ASP n 
1 81  SER n 
1 82  GLU n 
1 83  GLU n 
1 84  GLU n 
1 85  ILE n 
1 86  ARG n 
1 87  GLU n 
1 88  ALA n 
1 89  PHE n 
1 90  ARG n 
1 91  VAL n 
1 92  PHE n 
1 93  ASP n 
1 94  LYS n 
1 95  ASP n 
1 96  GLY n 
1 97  ASN n 
1 98  GLY n 
1 99  TYR n 
1 100 ILE n 
1 101 SER n 
1 102 ALA n 
1 103 ALA n 
1 104 GLU n 
1 105 LEU n 
1 106 ARG n 
1 107 HIS n 
1 108 VAL n 
1 109 MET n 
1 110 THR n 
1 111 ASN n 
1 112 LEU n 
1 113 GLY n 
1 114 GLU n 
1 115 LYS n 
1 116 LEU n 
1 117 THR n 
1 118 ASP n 
1 119 GLU n 
1 120 GLU n 
1 121 VAL n 
1 122 ASP n 
1 123 GLU n 
1 124 MET n 
1 125 ILE n 
1 126 ARG n 
1 127 GLU n 
1 128 ALA n 
1 129 ASP n 
1 130 ILE n 
1 131 ASP n 
1 132 GLY n 
1 133 ASP n 
1 134 GLY n 
1 135 GLN n 
1 136 VAL n 
1 137 ASN n 
1 138 TYR n 
1 139 GLU n 
1 140 GLU n 
1 141 PHE n 
1 142 VAL n 
1 143 GLN n 
1 144 MET n 
1 145 MET n 
1 146 THR n 
1 147 ALA n 
1 148 LYS n 
2 1   HIS n 
2 2   SER n 
2 3   MET n 
2 4   GLN n 
2 5   ALA n 
2 6   LEU n 
2 7   SER n 
2 8   TRP n 
2 9   ARG n 
2 10  LYS n 
2 11  LEU n 
2 12  TYR n 
2 13  LEU n 
2 14  SER n 
2 15  ARG n 
2 16  ALA n 
2 17  LYS n 
2 18  LEU n 
2 19  LYS n 
2 20  ALA n 
# 
_entity_src_gen.entity_id                          1 
_entity_src_gen.pdbx_src_id                        1 
_entity_src_gen.pdbx_alt_source_flag               sample 
_entity_src_gen.pdbx_seq_type                      ? 
_entity_src_gen.pdbx_beg_seq_num                   ? 
_entity_src_gen.pdbx_end_seq_num                   ? 
_entity_src_gen.gene_src_common_name               'brown rat,rat,rats' 
_entity_src_gen.gene_src_genus                     ? 
_entity_src_gen.pdbx_gene_src_gene                 'Calm1, Calm, Cam, Cam1, Calm2, Cam2, Camb, Calm3, Cam3, Camc' 
_entity_src_gen.gene_src_species                   ? 
_entity_src_gen.gene_src_strain                    ? 
_entity_src_gen.gene_src_tissue                    ? 
_entity_src_gen.gene_src_tissue_fraction           ? 
_entity_src_gen.gene_src_details                   ? 
_entity_src_gen.pdbx_gene_src_fragment             ? 
_entity_src_gen.pdbx_gene_src_scientific_name      'Rattus norvegicus' 
_entity_src_gen.pdbx_gene_src_ncbi_taxonomy_id     10116 
_entity_src_gen.pdbx_gene_src_variant              ? 
_entity_src_gen.pdbx_gene_src_cell_line            ? 
_entity_src_gen.pdbx_gene_src_atcc                 ? 
_entity_src_gen.pdbx_gene_src_organ                ? 
_entity_src_gen.pdbx_gene_src_organelle            ? 
_entity_src_gen.pdbx_gene_src_cell                 ? 
_entity_src_gen.pdbx_gene_src_cellular_location    ? 
_entity_src_gen.host_org_common_name               ? 
_entity_src_gen.pdbx_host_org_scientific_name      'Escherichia coli' 
_entity_src_gen.pdbx_host_org_ncbi_taxonomy_id     562 
_entity_src_gen.host_org_genus                     ? 
_entity_src_gen.pdbx_host_org_gene                 ? 
_entity_src_gen.pdbx_host_org_organ                ? 
_entity_src_gen.host_org_species                   ? 
_entity_src_gen.pdbx_host_org_tissue               ? 
_entity_src_gen.pdbx_host_org_tissue_fraction      ? 
_entity_src_gen.pdbx_host_org_strain               ? 
_entity_src_gen.pdbx_host_org_variant              ? 
_entity_src_gen.pdbx_host_org_cell_line            ? 
_entity_src_gen.pdbx_host_org_atcc                 ? 
_entity_src_gen.pdbx_host_org_culture_collection   ? 
_entity_src_gen.pdbx_host_org_cell                 ? 
_entity_src_gen.pdbx_host_org_organelle            ? 
_entity_src_gen.pdbx_host_org_cellular_location    ? 
_entity_src_gen.pdbx_host_org_vector_type          ? 
_entity_src_gen.pdbx_host_org_vector               ? 
_entity_src_gen.host_org_details                   ? 
_entity_src_gen.expression_system_id               ? 
_entity_src_gen.plasmid_name                       ? 
_entity_src_gen.plasmid_details                    ? 
_entity_src_gen.pdbx_description                   ? 
# 
_pdbx_entity_src_syn.entity_id              2 
_pdbx_entity_src_syn.pdbx_src_id            1 
_pdbx_entity_src_syn.pdbx_alt_source_flag   sample 
_pdbx_entity_src_syn.pdbx_beg_seq_num       ? 
_pdbx_entity_src_syn.pdbx_end_seq_num       ? 
_pdbx_entity_src_syn.organism_scientific    'Homo sapiens' 
_pdbx_entity_src_syn.organism_common_name   human 
_pdbx_entity_src_syn.ncbi_taxonomy_id       9606 
_pdbx_entity_src_syn.details                'Synthetic peptide' 
# 
loop_
_struct_ref.id 
_struct_ref.db_name 
_struct_ref.db_code 
_struct_ref.pdbx_db_accession 
_struct_ref.entity_id 
_struct_ref.pdbx_seq_one_letter_code 
_struct_ref.pdbx_align_begin 
_struct_ref.pdbx_db_isoform 
1 UNP CALM_RAT    P62161 1 
;ADQLTEEQIAEFKEAFSLFDKDGDGTITTKELGTVMRSLGQNPTEAELQDMINEVDADGNGTIDFPEFLTMMARKMKDTD
SEEEIREAFRVFDKDGNGYISAAELRHVMTNLGEKLTDEEVDEMIREADIDGDGQVNYEEFVQMMTAK
;
2  ? 
2 UNP CRCM1_HUMAN Q96D31 2 HSMQALSWRKLYLSRAKLKA 69 ? 
# 
loop_
_struct_ref_seq.align_id 
_struct_ref_seq.ref_id 
_struct_ref_seq.pdbx_PDB_id_code 
_struct_ref_seq.pdbx_strand_id 
_struct_ref_seq.seq_align_beg 
_struct_ref_seq.pdbx_seq_align_beg_ins_code 
_struct_ref_seq.seq_align_end 
_struct_ref_seq.pdbx_seq_align_end_ins_code 
_struct_ref_seq.pdbx_db_accession 
_struct_ref_seq.db_align_beg 
_struct_ref_seq.pdbx_db_align_beg_ins_code 
_struct_ref_seq.db_align_end 
_struct_ref_seq.pdbx_db_align_end_ins_code 
_struct_ref_seq.pdbx_auth_seq_align_beg 
_struct_ref_seq.pdbx_auth_seq_align_end 
1 1 4EHQ A 1 ? 148 ? P62161 2  ? 149 ? 1  148 
2 2 4EHQ G 1 ? 20  ? Q96D31 69 ? 88  ? 69 88  
# 
loop_
_chem_comp.id 
_chem_comp.type 
_chem_comp.mon_nstd_flag 
_chem_comp.name 
_chem_comp.pdbx_synonyms 
_chem_comp.formula 
_chem_comp.formula_weight 
ALA 'L-peptide linking' y ALANINE             ?                        'C3 H7 N O2'     89.093  
ARG 'L-peptide linking' y ARGININE            ?                        'C6 H15 N4 O2 1' 175.209 
ASN 'L-peptide linking' y ASPARAGINE          ?                        'C4 H8 N2 O3'    132.118 
ASP 'L-peptide linking' y 'ASPARTIC ACID'     ?                        'C4 H7 N O4'     133.103 
CA  non-polymer         . 'CALCIUM ION'       ?                        'Ca 2'           40.078  
GBL non-polymer         . GAMMA-BUTYROLACTONE 'DIHYDROFURAN-2(3H)-ONE' 'C4 H6 O2'       86.089  
GLN 'L-peptide linking' y GLUTAMINE           ?                        'C5 H10 N2 O3'   146.144 
GLU 'L-peptide linking' y 'GLUTAMIC ACID'     ?                        'C5 H9 N O4'     147.129 
GLY 'peptide linking'   y GLYCINE             ?                        'C2 H5 N O2'     75.067  
HIS 'L-peptide linking' y HISTIDINE           ?                        'C6 H10 N3 O2 1' 156.162 
HOH non-polymer         . WATER               ?                        'H2 O'           18.015  
ILE 'L-peptide linking' y ISOLEUCINE          ?                        'C6 H13 N O2'    131.173 
LEU 'L-peptide linking' y LEUCINE             ?                        'C6 H13 N O2'    131.173 
LYS 'L-peptide linking' y LYSINE              ?                        'C6 H15 N2 O2 1' 147.195 
MET 'L-peptide linking' y METHIONINE          ?                        'C5 H11 N O2 S'  149.211 
PHE 'L-peptide linking' y PHENYLALANINE       ?                        'C9 H11 N O2'    165.189 
PRO 'L-peptide linking' y PROLINE             ?                        'C5 H9 N O2'     115.130 
SER 'L-peptide linking' y SERINE              ?                        'C3 H7 N O3'     105.093 
THR 'L-peptide linking' y THREONINE           ?                        'C4 H9 N O3'     119.119 
TRP 'L-peptide linking' y TRYPTOPHAN          ?                        'C11 H12 N2 O2'  204.225 
TYR 'L-peptide linking' y TYROSINE            ?                        'C9 H11 N O3'    181.189 
VAL 'L-peptide linking' y VALINE              ?                        'C5 H11 N O2'    117.146 
# 
_exptl.entry_id          4EHQ 
_exptl.method            'X-RAY DIFFRACTION' 
_exptl.crystals_number   1 
# 
_exptl_crystal.id                    1 
_exptl_crystal.density_meas          ? 
_exptl_crystal.density_Matthews      1.94 
_exptl_crystal.density_percent_sol   36.57 
_exptl_crystal.description           ? 
_exptl_crystal.F_000                 ? 
_exptl_crystal.preparation           ? 
# 
_exptl_crystal_grow.crystal_id      1 
_exptl_crystal_grow.method          'VAPOR DIFFUSION, HANGING DROP' 
_exptl_crystal_grow.temp            293 
_exptl_crystal_grow.temp_details    ? 
_exptl_crystal_grow.pH              6.0 
_exptl_crystal_grow.pdbx_details    
;0.1 M Bis-Tris pH 6.0, 40% PPG P400, 14% butyrolactone, 1% n-octyl-beta-D-glucopyranoside, VAPOR DIFFUSION, HANGING DROP, temperature 293K
;
_exptl_crystal_grow.pdbx_pH_range   ? 
# 
_diffrn.id                     1 
_diffrn.ambient_temp           100 
_diffrn.ambient_temp_details   ? 
_diffrn.crystal_id             1 
# 
_diffrn_detector.diffrn_id              1 
_diffrn_detector.detector               CCD 
_diffrn_detector.type                   'RIGAKU SATURN 92' 
_diffrn_detector.pdbx_collection_date   2010-08-23 
_diffrn_detector.details                ? 
# 
_diffrn_radiation.diffrn_id                        1 
_diffrn_radiation.wavelength_id                    1 
_diffrn_radiation.pdbx_monochromatic_or_laue_m_l   M 
_diffrn_radiation.monochromator                    'copper anode' 
_diffrn_radiation.pdbx_diffrn_protocol             'SINGLE WAVELENGTH' 
_diffrn_radiation.pdbx_scattering_type             x-ray 
# 
_diffrn_radiation_wavelength.id           1 
_diffrn_radiation_wavelength.wavelength   1.5418 
_diffrn_radiation_wavelength.wt           1.0 
# 
_diffrn_source.diffrn_id                   1 
_diffrn_source.source                      'ROTATING ANODE' 
_diffrn_source.type                        'RIGAKU MICROMAX-007 HF' 
_diffrn_source.pdbx_synchrotron_site       ? 
_diffrn_source.pdbx_synchrotron_beamline   ? 
_diffrn_source.pdbx_wavelength             ? 
_diffrn_source.pdbx_wavelength_list        1.5418 
# 
_reflns.entry_id                     4EHQ 
_reflns.observed_criterion_sigma_I   1 
_reflns.observed_criterion_sigma_F   1 
_reflns.d_resolution_low             50 
_reflns.d_resolution_high            1.9 
_reflns.number_obs                   11497 
_reflns.number_all                   11939 
_reflns.percent_possible_obs         96.3 
_reflns.pdbx_Rmerge_I_obs            ? 
_reflns.pdbx_Rsym_value              0.084 
_reflns.pdbx_netI_over_sigmaI        12.9 
_reflns.B_iso_Wilson_estimate        18 
_reflns.pdbx_redundancy              3.4 
_reflns.R_free_details               ? 
_reflns.limit_h_max                  ? 
_reflns.limit_h_min                  ? 
_reflns.limit_k_max                  ? 
_reflns.limit_k_min                  ? 
_reflns.limit_l_max                  ? 
_reflns.limit_l_min                  ? 
_reflns.observed_criterion_F_max     ? 
_reflns.observed_criterion_F_min     ? 
_reflns.pdbx_chi_squared             ? 
_reflns.pdbx_scaling_rejects         ? 
_reflns.pdbx_ordinal                 1 
_reflns.pdbx_diffrn_id               1 
# 
_reflns_shell.d_res_high             1.90 
_reflns_shell.d_res_low              1.97 
_reflns_shell.percent_possible_all   73.9 
_reflns_shell.Rmerge_I_obs           0.231 
_reflns_shell.pdbx_Rsym_value        ? 
_reflns_shell.meanI_over_sigI_obs    3.9 
_reflns_shell.pdbx_redundancy        2.2 
_reflns_shell.percent_possible_obs   ? 
_reflns_shell.number_unique_all      853 
_reflns_shell.number_measured_all    ? 
_reflns_shell.number_measured_obs    ? 
_reflns_shell.number_unique_obs      ? 
_reflns_shell.pdbx_chi_squared       ? 
_reflns_shell.pdbx_ordinal           1 
_reflns_shell.pdbx_diffrn_id         1 
# 
_refine.entry_id                                 4EHQ 
_refine.ls_number_reflns_obs                     11118 
_refine.ls_number_reflns_all                     11497 
_refine.pdbx_ls_sigma_I                          0 
_refine.pdbx_ls_sigma_F                          0.00 
_refine.pdbx_data_cutoff_high_absF               ? 
_refine.pdbx_data_cutoff_low_absF                ? 
_refine.pdbx_data_cutoff_high_rms_absF           ? 
_refine.ls_d_res_low                             19.987 
_refine.ls_d_res_high                            1.9005 
_refine.ls_percent_reflns_obs                    93.14 
_refine.ls_R_factor_obs                          0.1806 
_refine.ls_R_factor_all                          0.1806 
_refine.ls_R_factor_R_work                       0.1789 
_refine.ls_R_factor_R_free                       0.2160 
_refine.ls_R_factor_R_free_error                 ? 
_refine.ls_R_factor_R_free_error_details         ? 
_refine.ls_percent_reflns_R_free                 4.71 
_refine.ls_number_reflns_R_free                  524 
_refine.ls_number_parameters                     ? 
_refine.ls_number_restraints                     ? 
_refine.occupancy_min                            ? 
_refine.occupancy_max                            ? 
_refine.correlation_coeff_Fo_to_Fc               ? 
_refine.correlation_coeff_Fo_to_Fc_free          ? 
_refine.B_iso_mean                               ? 
_refine.aniso_B[1][1]                            0.9482 
_refine.aniso_B[2][2]                            -0.6742 
_refine.aniso_B[3][3]                            -0.2740 
_refine.aniso_B[1][2]                            -0.0000 
_refine.aniso_B[1][3]                            0.6951 
_refine.aniso_B[2][3]                            0.0000 
_refine.solvent_model_details                    'FLAT BULK SOLVENT MODEL' 
_refine.solvent_model_param_ksol                 0.415 
_refine.solvent_model_param_bsol                 44.125 
_refine.pdbx_solvent_vdw_probe_radii             1.11 
_refine.pdbx_solvent_ion_probe_radii             ? 
_refine.pdbx_solvent_shrinkage_radii             0.90 
_refine.pdbx_ls_cross_valid_method               ? 
_refine.details                                  ? 
_refine.pdbx_starting_model                      'PDB ENTRY 1IWQ' 
_refine.pdbx_method_to_determine_struct          'MOLECULAR REPLACEMENT' 
_refine.pdbx_isotropic_thermal_model             ? 
_refine.pdbx_stereochemistry_target_values       MLHL 
_refine.pdbx_stereochem_target_val_spec_case     ? 
_refine.pdbx_R_Free_selection_details            RANDOM 
_refine.pdbx_overall_ESU_R                       ? 
_refine.pdbx_overall_ESU_R_Free                  ? 
_refine.overall_SU_ML                            0.21 
_refine.pdbx_overall_phase_error                 19.33 
_refine.overall_SU_B                             ? 
_refine.overall_SU_R_Cruickshank_DPI             ? 
_refine.ls_redundancy_reflns_obs                 ? 
_refine.B_iso_min                                ? 
_refine.B_iso_max                                ? 
_refine.overall_SU_R_free                        ? 
_refine.ls_wR_factor_R_free                      ? 
_refine.ls_wR_factor_R_work                      ? 
_refine.overall_FOM_free_R_set                   ? 
_refine.overall_FOM_work_R_set                   ? 
_refine.pdbx_diffrn_id                           1 
_refine.pdbx_refine_id                           'X-RAY DIFFRACTION' 
_refine.pdbx_TLS_residual_ADP_flag               ? 
_refine.pdbx_overall_SU_R_free_Cruickshank_DPI   ? 
_refine.pdbx_overall_SU_R_Blow_DPI               ? 
_refine.pdbx_overall_SU_R_free_Blow_DPI          ? 
# 
_refine_hist.pdbx_refine_id                   'X-RAY DIFFRACTION' 
_refine_hist.cycle_id                         LAST 
_refine_hist.pdbx_number_atoms_protein        1310 
_refine_hist.pdbx_number_atoms_nucleic_acid   0 
_refine_hist.pdbx_number_atoms_ligand         28 
_refine_hist.number_atoms_solvent             88 
_refine_hist.number_atoms_total               1426 
_refine_hist.d_res_high                       1.9005 
_refine_hist.d_res_low                        19.987 
# 
loop_
_refine_ls_restr.type 
_refine_ls_restr.dev_ideal 
_refine_ls_restr.dev_ideal_target 
_refine_ls_restr.weight 
_refine_ls_restr.number 
_refine_ls_restr.pdbx_restraint_function 
_refine_ls_restr.pdbx_refine_id 
f_bond_d           0.014  ? ? 1443 ? 'X-RAY DIFFRACTION' 
f_angle_d          0.879  ? ? 1991 ? 'X-RAY DIFFRACTION' 
f_dihedral_angle_d 13.077 ? ? 581  ? 'X-RAY DIFFRACTION' 
f_chiral_restr     0.064  ? ? 210  ? 'X-RAY DIFFRACTION' 
f_plane_restr      0.003  ? ? 251  ? 'X-RAY DIFFRACTION' 
# 
loop_
_refine_ls_shell.pdbx_total_number_of_bins_used 
_refine_ls_shell.d_res_high 
_refine_ls_shell.d_res_low 
_refine_ls_shell.number_reflns_R_work 
_refine_ls_shell.R_factor_R_work 
_refine_ls_shell.percent_reflns_obs 
_refine_ls_shell.R_factor_R_free 
_refine_ls_shell.R_factor_R_free_error 
_refine_ls_shell.percent_reflns_R_free 
_refine_ls_shell.number_reflns_R_free 
_refine_ls_shell.number_reflns_all 
_refine_ls_shell.R_factor_all 
_refine_ls_shell.number_reflns_obs 
_refine_ls_shell.redundancy_reflns_obs 
_refine_ls_shell.pdbx_refine_id 
. 1.9005 2.0916  2213 0.1647 80.00 0.2169 . . 123 . . . . 'X-RAY DIFFRACTION' 
. 2.0916 2.3938  2728 0.1573 98.00 0.1936 . . 144 . . . . 'X-RAY DIFFRACTION' 
. 2.3938 3.0143  2766 0.1824 97.00 0.2391 . . 125 . . . . 'X-RAY DIFFRACTION' 
. 3.0143 19.9877 2887 0.1883 98.00 0.2148 . . 132 . . . . 'X-RAY DIFFRACTION' 
# 
_struct.entry_id                  4EHQ 
_struct.title                     
'Crystal Structure of Calmodulin Binding Domain of Orai1 in Complex with Ca2+/Calmodulin Displays a Unique Binding Mode' 
_struct.pdbx_model_details        ? 
_struct.pdbx_CASP_flag            ? 
_struct.pdbx_model_type_details   ? 
# 
_struct_keywords.entry_id        4EHQ 
_struct_keywords.pdbx_keywords   'PROTEIN BINDING' 
_struct_keywords.text            
;calmodulin, Orai1, calcium dependent inactivation, EF hand, Calcium binding, calcium-dependent inactivation, Calmodulin binding domain of Orai1, none, cytosol, PROTEIN BINDING
;
# 
loop_
_struct_asym.id 
_struct_asym.pdbx_blank_PDB_chainid_flag 
_struct_asym.pdbx_modified 
_struct_asym.entity_id 
_struct_asym.details 
A N N 1 ? 
B N N 2 ? 
C N N 3 ? 
D N N 3 ? 
E N N 3 ? 
F N N 3 ? 
G N N 4 ? 
H N N 4 ? 
I N N 4 ? 
J N N 4 ? 
K N N 5 ? 
L N N 5 ? 
# 
_struct_biol.id        1 
_struct_biol.details   ? 
# 
loop_
_struct_conf.conf_type_id 
_struct_conf.id 
_struct_conf.pdbx_PDB_helix_id 
_struct_conf.beg_label_comp_id 
_struct_conf.beg_label_asym_id 
_struct_conf.beg_label_seq_id 
_struct_conf.pdbx_beg_PDB_ins_code 
_struct_conf.end_label_comp_id 
_struct_conf.end_label_asym_id 
_struct_conf.end_label_seq_id 
_struct_conf.pdbx_end_PDB_ins_code 
_struct_conf.beg_auth_comp_id 
_struct_conf.beg_auth_asym_id 
_struct_conf.beg_auth_seq_id 
_struct_conf.end_auth_comp_id 
_struct_conf.end_auth_asym_id 
_struct_conf.end_auth_seq_id 
_struct_conf.pdbx_PDB_helix_class 
_struct_conf.details 
_struct_conf.pdbx_PDB_helix_length 
HELX_P HELX_P1 1 THR A 5   ? ASP A 20  ? THR A 5   ASP A 20  1 ? 16 
HELX_P HELX_P2 2 THR A 28  ? LEU A 39  ? THR A 28  LEU A 39  1 ? 12 
HELX_P HELX_P3 3 THR A 44  ? ASP A 56  ? THR A 44  ASP A 56  1 ? 13 
HELX_P HELX_P4 4 ASP A 64  ? ASP A 93  ? ASP A 64  ASP A 93  1 ? 30 
HELX_P HELX_P5 5 SER A 101 ? LEU A 112 ? SER A 101 LEU A 112 1 ? 12 
HELX_P HELX_P6 6 THR A 117 ? ASP A 129 ? THR A 117 ASP A 129 1 ? 13 
HELX_P HELX_P7 7 TYR A 138 ? THR A 146 ? TYR A 138 THR A 146 1 ? 9  
HELX_P HELX_P8 8 SER B 7   ? LYS B 19  ? SER G 75  LYS G 87  1 ? 13 
# 
_struct_conf_type.id          HELX_P 
_struct_conf_type.criteria    ? 
_struct_conf_type.reference   ? 
# 
loop_
_struct_conn.id 
_struct_conn.conn_type_id 
_struct_conn.pdbx_leaving_atom_flag 
_struct_conn.pdbx_PDB_id 
_struct_conn.ptnr1_label_asym_id 
_struct_conn.ptnr1_label_comp_id 
_struct_conn.ptnr1_label_seq_id 
_struct_conn.ptnr1_label_atom_id 
_struct_conn.pdbx_ptnr1_label_alt_id 
_struct_conn.pdbx_ptnr1_PDB_ins_code 
_struct_conn.pdbx_ptnr1_standard_comp_id 
_struct_conn.ptnr1_symmetry 
_struct_conn.ptnr2_label_asym_id 
_struct_conn.ptnr2_label_comp_id 
_struct_conn.ptnr2_label_seq_id 
_struct_conn.ptnr2_label_atom_id 
_struct_conn.pdbx_ptnr2_label_alt_id 
_struct_conn.pdbx_ptnr2_PDB_ins_code 
_struct_conn.ptnr1_auth_asym_id 
_struct_conn.ptnr1_auth_comp_id 
_struct_conn.ptnr1_auth_seq_id 
_struct_conn.ptnr2_auth_asym_id 
_struct_conn.ptnr2_auth_comp_id 
_struct_conn.ptnr2_auth_seq_id 
_struct_conn.ptnr2_symmetry 
_struct_conn.pdbx_ptnr3_label_atom_id 
_struct_conn.pdbx_ptnr3_label_seq_id 
_struct_conn.pdbx_ptnr3_label_comp_id 
_struct_conn.pdbx_ptnr3_label_asym_id 
_struct_conn.pdbx_ptnr3_label_alt_id 
_struct_conn.pdbx_ptnr3_PDB_ins_code 
_struct_conn.details 
_struct_conn.pdbx_dist_value 
_struct_conn.pdbx_value_order 
_struct_conn.pdbx_role 
metalc1  metalc ? ? A ASP 20  OD1 ? ? ? 1_555 C CA  . CA ? ? A ASP 20  A CA  201 1_555 ? ? ? ? ? ? ? 2.345 ? ? 
metalc2  metalc ? ? A ASP 22  OD1 ? ? ? 1_555 C CA  . CA ? ? A ASP 22  A CA  201 1_555 ? ? ? ? ? ? ? 2.502 ? ? 
metalc3  metalc ? ? A ASP 24  OD1 ? ? ? 1_555 C CA  . CA ? ? A ASP 24  A CA  201 1_555 ? ? ? ? ? ? ? 2.377 ? ? 
metalc4  metalc ? ? A THR 26  O   ? ? ? 1_555 C CA  . CA ? ? A THR 26  A CA  201 1_555 ? ? ? ? ? ? ? 2.382 ? ? 
metalc5  metalc ? ? A GLU 31  OE2 ? ? ? 1_555 C CA  . CA ? ? A GLU 31  A CA  201 1_555 ? ? ? ? ? ? ? 2.449 ? ? 
metalc6  metalc ? ? A GLU 31  OE1 ? ? ? 1_555 C CA  . CA ? ? A GLU 31  A CA  201 1_555 ? ? ? ? ? ? ? 2.520 ? ? 
metalc7  metalc ? ? A ASP 56  OD1 ? ? ? 1_555 F CA  . CA ? ? A ASP 56  A CA  204 1_555 ? ? ? ? ? ? ? 2.321 ? ? 
metalc8  metalc ? ? A ASP 58  OD1 ? ? ? 1_555 F CA  . CA ? ? A ASP 58  A CA  204 1_555 ? ? ? ? ? ? ? 2.536 ? ? 
metalc9  metalc ? ? A ASN 60  OD1 ? ? ? 1_555 F CA  . CA ? ? A ASN 60  A CA  204 1_555 ? ? ? ? ? ? ? 2.381 ? ? 
metalc10 metalc ? ? A THR 62  O   ? ? ? 1_555 F CA  . CA ? ? A THR 62  A CA  204 1_555 ? ? ? ? ? ? ? 2.349 ? ? 
metalc11 metalc ? ? A GLU 67  OE1 ? ? ? 1_555 F CA  . CA ? ? A GLU 67  A CA  204 1_555 ? ? ? ? ? ? ? 2.449 ? ? 
metalc12 metalc ? ? A GLU 67  OE2 ? ? ? 1_555 F CA  . CA ? ? A GLU 67  A CA  204 1_555 ? ? ? ? ? ? ? 2.586 ? ? 
metalc13 metalc ? ? A ASP 93  OD1 ? ? ? 1_555 E CA  . CA ? ? A ASP 93  A CA  203 1_555 ? ? ? ? ? ? ? 2.298 ? ? 
metalc14 metalc ? ? A ASP 95  OD1 ? ? ? 1_555 E CA  . CA ? ? A ASP 95  A CA  203 1_555 ? ? ? ? ? ? ? 2.416 ? ? 
metalc15 metalc ? ? A ASN 97  OD1 ? ? ? 1_555 E CA  . CA ? ? A ASN 97  A CA  203 1_555 ? ? ? ? ? ? ? 2.364 ? ? 
metalc16 metalc ? ? A TYR 99  O   ? ? ? 1_555 E CA  . CA ? ? A TYR 99  A CA  203 1_555 ? ? ? ? ? ? ? 2.326 ? ? 
metalc17 metalc ? ? A GLU 104 OE1 ? ? ? 1_555 E CA  . CA ? ? A GLU 104 A CA  203 1_555 ? ? ? ? ? ? ? 2.377 ? ? 
metalc18 metalc ? ? A GLU 104 OE2 ? ? ? 1_555 E CA  . CA ? ? A GLU 104 A CA  203 1_555 ? ? ? ? ? ? ? 2.535 ? ? 
metalc19 metalc ? ? A ASP 129 OD1 ? ? ? 1_555 D CA  . CA ? ? A ASP 129 A CA  202 1_555 ? ? ? ? ? ? ? 2.304 ? ? 
metalc20 metalc ? ? A ASP 131 OD1 ? ? ? 1_555 D CA  . CA ? ? A ASP 131 A CA  202 1_555 ? ? ? ? ? ? ? 2.396 ? ? 
metalc21 metalc ? ? A ASP 133 OD1 ? ? ? 1_555 D CA  . CA ? ? A ASP 133 A CA  202 1_555 ? ? ? ? ? ? ? 2.411 ? ? 
metalc22 metalc ? ? A GLN 135 O   ? ? ? 1_555 D CA  . CA ? ? A GLN 135 A CA  202 1_555 ? ? ? ? ? ? ? 2.356 ? ? 
metalc23 metalc ? ? A GLU 140 OE1 ? ? ? 1_555 D CA  . CA ? ? A GLU 140 A CA  202 1_555 ? ? ? ? ? ? ? 2.402 ? ? 
metalc24 metalc ? ? A GLU 140 OE2 ? ? ? 1_555 D CA  . CA ? ? A GLU 140 A CA  202 1_555 ? ? ? ? ? ? ? 2.517 ? ? 
metalc25 metalc ? ? D CA  .   CA  ? ? ? 1_555 K HOH . O  ? ? A CA  202 A HOH 304 1_555 ? ? ? ? ? ? ? 2.442 ? ? 
metalc26 metalc ? ? E CA  .   CA  ? ? ? 1_555 K HOH . O  ? ? A CA  203 A HOH 316 1_555 ? ? ? ? ? ? ? 2.374 ? ? 
metalc27 metalc ? ? F CA  .   CA  ? ? ? 1_555 K HOH . O  ? ? A CA  204 A HOH 356 1_555 ? ? ? ? ? ? ? 2.410 ? ? 
# 
_struct_conn_type.id          metalc 
_struct_conn_type.criteria    ? 
_struct_conn_type.reference   ? 
# 
_struct_sheet.id               A 
_struct_sheet.type             ? 
_struct_sheet.number_strands   2 
_struct_sheet.details          ? 
# 
_struct_sheet_order.sheet_id     A 
_struct_sheet_order.range_id_1   1 
_struct_sheet_order.range_id_2   2 
_struct_sheet_order.offset       ? 
_struct_sheet_order.sense        anti-parallel 
# 
loop_
_struct_sheet_range.sheet_id 
_struct_sheet_range.id 
_struct_sheet_range.beg_label_comp_id 
_struct_sheet_range.beg_label_asym_id 
_struct_sheet_range.beg_label_seq_id 
_struct_sheet_range.pdbx_beg_PDB_ins_code 
_struct_sheet_range.end_label_comp_id 
_struct_sheet_range.end_label_asym_id 
_struct_sheet_range.end_label_seq_id 
_struct_sheet_range.pdbx_end_PDB_ins_code 
_struct_sheet_range.beg_auth_comp_id 
_struct_sheet_range.beg_auth_asym_id 
_struct_sheet_range.beg_auth_seq_id 
_struct_sheet_range.end_auth_comp_id 
_struct_sheet_range.end_auth_asym_id 
_struct_sheet_range.end_auth_seq_id 
A 1 TYR A 99  ? ILE A 100 ? TYR A 99  ILE A 100 
A 2 VAL A 136 ? ASN A 137 ? VAL A 136 ASN A 137 
# 
_pdbx_struct_sheet_hbond.sheet_id                A 
_pdbx_struct_sheet_hbond.range_id_1              1 
_pdbx_struct_sheet_hbond.range_id_2              2 
_pdbx_struct_sheet_hbond.range_1_label_atom_id   N 
_pdbx_struct_sheet_hbond.range_1_label_comp_id   ILE 
_pdbx_struct_sheet_hbond.range_1_label_asym_id   A 
_pdbx_struct_sheet_hbond.range_1_label_seq_id    100 
_pdbx_struct_sheet_hbond.range_1_PDB_ins_code    ? 
_pdbx_struct_sheet_hbond.range_1_auth_atom_id    N 
_pdbx_struct_sheet_hbond.range_1_auth_comp_id    ILE 
_pdbx_struct_sheet_hbond.range_1_auth_asym_id    A 
_pdbx_struct_sheet_hbond.range_1_auth_seq_id     100 
_pdbx_struct_sheet_hbond.range_2_label_atom_id   O 
_pdbx_struct_sheet_hbond.range_2_label_comp_id   VAL 
_pdbx_struct_sheet_hbond.range_2_label_asym_id   A 
_pdbx_struct_sheet_hbond.range_2_label_seq_id    136 
_pdbx_struct_sheet_hbond.range_2_PDB_ins_code    ? 
_pdbx_struct_sheet_hbond.range_2_auth_atom_id    O 
_pdbx_struct_sheet_hbond.range_2_auth_comp_id    VAL 
_pdbx_struct_sheet_hbond.range_2_auth_asym_id    A 
_pdbx_struct_sheet_hbond.range_2_auth_seq_id     136 
# 
loop_
_struct_site.id 
_struct_site.pdbx_evidence_code 
_struct_site.pdbx_auth_asym_id 
_struct_site.pdbx_auth_comp_id 
_struct_site.pdbx_auth_seq_id 
_struct_site.pdbx_auth_ins_code 
_struct_site.pdbx_num_residues 
_struct_site.details 
AC1 Software A CA  201 ? 6 'BINDING SITE FOR RESIDUE CA A 201'  
AC2 Software A CA  202 ? 6 'BINDING SITE FOR RESIDUE CA A 202'  
AC3 Software A CA  203 ? 6 'BINDING SITE FOR RESIDUE CA A 203'  
AC4 Software A CA  204 ? 6 'BINDING SITE FOR RESIDUE CA A 204'  
AC5 Software A GBL 205 ? 6 'BINDING SITE FOR RESIDUE GBL A 205' 
AC6 Software A GBL 206 ? 4 'BINDING SITE FOR RESIDUE GBL A 206' 
AC7 Software A GBL 207 ? 6 'BINDING SITE FOR RESIDUE GBL A 207' 
AC8 Software G GBL 101 ? 7 'BINDING SITE FOR RESIDUE GBL G 101' 
# 
loop_
_struct_site_gen.id 
_struct_site_gen.site_id 
_struct_site_gen.pdbx_num_res 
_struct_site_gen.label_comp_id 
_struct_site_gen.label_asym_id 
_struct_site_gen.label_seq_id 
_struct_site_gen.pdbx_auth_ins_code 
_struct_site_gen.auth_comp_id 
_struct_site_gen.auth_asym_id 
_struct_site_gen.auth_seq_id 
_struct_site_gen.label_atom_id 
_struct_site_gen.label_alt_id 
_struct_site_gen.symmetry 
_struct_site_gen.details 
1  AC1 6 ASP A 20  ? ASP A 20  . ? 1_555 ? 
2  AC1 6 ASP A 22  ? ASP A 22  . ? 1_555 ? 
3  AC1 6 ASP A 24  ? ASP A 24  . ? 1_555 ? 
4  AC1 6 THR A 26  ? THR A 26  . ? 1_555 ? 
5  AC1 6 GLU A 31  ? GLU A 31  . ? 1_555 ? 
6  AC1 6 HOH K .   ? HOH A 306 . ? 1_566 ? 
7  AC2 6 ASP A 129 ? ASP A 129 . ? 1_555 ? 
8  AC2 6 ASP A 131 ? ASP A 131 . ? 1_555 ? 
9  AC2 6 ASP A 133 ? ASP A 133 . ? 1_555 ? 
10 AC2 6 GLN A 135 ? GLN A 135 . ? 1_555 ? 
11 AC2 6 GLU A 140 ? GLU A 140 . ? 1_555 ? 
12 AC2 6 HOH K .   ? HOH A 304 . ? 1_555 ? 
13 AC3 6 ASP A 93  ? ASP A 93  . ? 1_555 ? 
14 AC3 6 ASP A 95  ? ASP A 95  . ? 1_555 ? 
15 AC3 6 ASN A 97  ? ASN A 97  . ? 1_555 ? 
16 AC3 6 TYR A 99  ? TYR A 99  . ? 1_555 ? 
17 AC3 6 GLU A 104 ? GLU A 104 . ? 1_555 ? 
18 AC3 6 HOH K .   ? HOH A 316 . ? 1_555 ? 
19 AC4 6 ASP A 56  ? ASP A 56  . ? 1_555 ? 
20 AC4 6 ASP A 58  ? ASP A 58  . ? 1_555 ? 
21 AC4 6 ASN A 60  ? ASN A 60  . ? 1_555 ? 
22 AC4 6 THR A 62  ? THR A 62  . ? 1_555 ? 
23 AC4 6 GLU A 67  ? GLU A 67  . ? 1_555 ? 
24 AC4 6 HOH K .   ? HOH A 356 . ? 1_555 ? 
25 AC5 6 GLU A 45  ? GLU A 45  . ? 2_556 ? 
26 AC5 6 ALA A 46  ? ALA A 46  . ? 2_556 ? 
27 AC5 6 GLY A 98  ? GLY A 98  . ? 1_555 ? 
28 AC5 6 TYR A 99  ? TYR A 99  . ? 1_555 ? 
29 AC5 6 ASN A 137 ? ASN A 137 . ? 1_555 ? 
30 AC5 6 HOH K .   ? HOH A 369 . ? 2_556 ? 
31 AC6 4 GLU A 45  ? GLU A 45  . ? 2_556 ? 
32 AC6 4 PHE A 89  ? PHE A 89  . ? 1_555 ? 
33 AC6 4 TYR A 138 ? TYR A 138 . ? 1_555 ? 
34 AC6 4 HOH K .   ? HOH A 327 . ? 1_555 ? 
35 AC7 6 ALA A 57  ? ALA A 57  . ? 1_555 ? 
36 AC7 6 PRO A 66  ? PRO A 66  . ? 1_555 ? 
37 AC7 6 GLU A 67  ? GLU A 67  . ? 1_555 ? 
38 AC7 6 THR A 70  ? THR A 70  . ? 1_555 ? 
39 AC7 6 LYS B 10  ? LYS G 78  . ? 4_556 ? 
40 AC7 6 HOH L .   ? HOH G 206 . ? 4_556 ? 
41 AC8 7 MET A 109 ? MET A 109 . ? 1_555 ? 
42 AC8 7 LEU A 112 ? LEU A 112 . ? 1_555 ? 
43 AC8 7 GLU A 114 ? GLU A 114 . ? 1_555 ? 
44 AC8 7 LEU B 6   ? LEU G 74  . ? 1_555 ? 
45 AC8 7 LYS B 10  ? LYS G 78  . ? 1_555 ? 
46 AC8 7 LEU B 11  ? LEU G 79  . ? 1_555 ? 
47 AC8 7 SER B 14  ? SER G 82  . ? 1_555 ? 
# 
_atom_sites.entry_id                    4EHQ 
_atom_sites.fract_transf_matrix[1][1]   -0.00351328 
_atom_sites.fract_transf_matrix[1][2]   0.00945199 
_atom_sites.fract_transf_matrix[1][3]   -0.00115826 
_atom_sites.fract_transf_matrix[2][1]   -0.01512820 
_atom_sites.fract_transf_matrix[2][2]   -0.01005486 
_atom_sites.fract_transf_matrix[2][3]   -0.03616544 
_atom_sites.fract_transf_matrix[3][1]   -0.01514109 
_atom_sites.fract_transf_matrix[3][2]   -0.00165630 
_atom_sites.fract_transf_matrix[3][3]   0.00679409 
_atom_sites.fract_transf_vector[1]      0.130348 
_atom_sites.fract_transf_vector[2]      -0.383185 
_atom_sites.fract_transf_vector[3]      0.409593 
# 
loop_
_atom_type.symbol 
C  
CA 
H  
N  
O  
S  
# 
loop_
_atom_site.group_PDB 
_atom_site.id 
_atom_site.type_symbol 
_atom_site.label_atom_id 
_atom_site.label_alt_id 
_atom_site.label_comp_id 
_atom_site.label_asym_id 
_atom_site.label_entity_id 
_atom_site.label_seq_id 
_atom_site.pdbx_PDB_ins_code 
_atom_site.Cartn_x 
_atom_site.Cartn_y 
_atom_site.Cartn_z 
_atom_site.occupancy 
_atom_site.B_iso_or_equiv 
_atom_site.pdbx_formal_charge 
_atom_site.auth_seq_id 
_atom_site.auth_comp_id 
_atom_site.auth_asym_id 
_atom_site.auth_atom_id 
_atom_site.pdbx_PDB_model_num 
ATOM   1    N  N    . ASP A 1 2   ? -15.254 13.586  -4.172  1.00 45.78 ? 2   ASP A N    1 
ATOM   2    C  CA   . ASP A 1 2   ? -15.138 12.134  -4.124  1.00 53.71 ? 2   ASP A CA   1 
ATOM   3    C  C    . ASP A 1 2   ? -15.725 11.521  -5.387  1.00 52.05 ? 2   ASP A C    1 
ATOM   4    O  O    . ASP A 1 2   ? -16.921 11.651  -5.657  1.00 39.81 ? 2   ASP A O    1 
ATOM   5    C  CB   . ASP A 1 2   ? -15.832 11.584  -2.892  1.00 49.43 ? 2   ASP A CB   1 
ATOM   6    N  N    . GLN A 1 3   ? -14.877 10.844  -6.152  1.00 40.52 ? 3   GLN A N    1 
ATOM   7    C  CA   . GLN A 1 3   ? -15.269 10.347  -7.462  1.00 42.50 ? 3   GLN A CA   1 
ATOM   8    C  C    . GLN A 1 3   ? -15.971 8.988   -7.423  1.00 35.71 ? 3   GLN A C    1 
ATOM   9    O  O    . GLN A 1 3   ? -15.443 8.011   -6.889  1.00 37.61 ? 3   GLN A O    1 
ATOM   10   C  CB   . GLN A 1 3   ? -14.054 10.274  -8.379  1.00 36.66 ? 3   GLN A CB   1 
ATOM   11   C  CG   . GLN A 1 3   ? -14.400 9.982   -9.824  1.00 29.42 ? 3   GLN A CG   1 
ATOM   12   C  CD   . GLN A 1 3   ? -13.168 9.783   -10.676 1.00 37.77 ? 3   GLN A CD   1 
ATOM   13   O  OE1  . GLN A 1 3   ? -12.809 8.652   -11.010 1.00 35.34 ? 3   GLN A OE1  1 
ATOM   14   N  NE2  . GLN A 1 3   ? -12.509 10.880  -11.032 1.00 42.21 ? 3   GLN A NE2  1 
ATOM   15   N  N    . LEU A 1 4   ? -17.165 8.940   -8.001  1.00 19.00 ? 4   LEU A N    1 
ATOM   16   C  CA   . LEU A 1 4   ? -17.895 7.689   -8.188  1.00 27.23 ? 4   LEU A CA   1 
ATOM   17   C  C    . LEU A 1 4   ? -18.763 7.793   -9.442  1.00 18.39 ? 4   LEU A C    1 
ATOM   18   O  O    . LEU A 1 4   ? -19.874 8.317   -9.395  1.00 18.09 ? 4   LEU A O    1 
ATOM   19   C  CB   . LEU A 1 4   ? -18.753 7.366   -6.960  1.00 28.53 ? 4   LEU A CB   1 
ATOM   20   C  CG   . LEU A 1 4   ? -19.467 6.013   -6.918  1.00 28.55 ? 4   LEU A CG   1 
ATOM   21   C  CD1  . LEU A 1 4   ? -18.477 4.849   -7.061  1.00 27.00 ? 4   LEU A CD1  1 
ATOM   22   C  CD2  . LEU A 1 4   ? -20.275 5.884   -5.628  1.00 24.86 ? 4   LEU A CD2  1 
ATOM   23   N  N    . THR A 1 5   ? -18.240 7.301   -10.559 1.00 22.07 ? 5   THR A N    1 
ATOM   24   C  CA   . THR A 1 5   ? -18.948 7.348   -11.836 1.00 29.22 ? 5   THR A CA   1 
ATOM   25   C  C    . THR A 1 5   ? -19.947 6.200   -11.969 1.00 24.61 ? 5   THR A C    1 
ATOM   26   O  O    . THR A 1 5   ? -19.982 5.290   -11.135 1.00 20.55 ? 5   THR A O    1 
ATOM   27   C  CB   . THR A 1 5   ? -17.969 7.280   -13.029 1.00 25.45 ? 5   THR A CB   1 
ATOM   28   O  OG1  . THR A 1 5   ? -17.248 6.041   -12.993 1.00 20.21 ? 5   THR A OG1  1 
ATOM   29   C  CG2  . THR A 1 5   ? -16.983 8.445   -12.987 1.00 24.48 ? 5   THR A CG2  1 
ATOM   30   N  N    . GLU A 1 6   ? -20.762 6.254   -13.018 1.00 22.41 ? 6   GLU A N    1 
ATOM   31   C  CA   . GLU A 1 6   ? -21.712 5.181   -13.315 1.00 22.13 ? 6   GLU A CA   1 
ATOM   32   C  C    . GLU A 1 6   ? -20.988 3.845   -13.494 1.00 22.59 ? 6   GLU A C    1 
ATOM   33   O  O    . GLU A 1 6   ? -21.417 2.810   -12.972 1.00 20.00 ? 6   GLU A O    1 
ATOM   34   C  CB   . GLU A 1 6   ? -22.507 5.517   -14.578 1.00 32.25 ? 6   GLU A CB   1 
ATOM   35   C  CG   . GLU A 1 6   ? -22.972 6.964   -14.642 1.00 42.61 ? 6   GLU A CG   1 
ATOM   36   C  CD   . GLU A 1 6   ? -23.960 7.211   -15.768 1.00 66.12 ? 6   GLU A CD   1 
ATOM   37   O  OE1  . GLU A 1 6   ? -24.694 6.262   -16.126 1.00 62.82 ? 6   GLU A OE1  1 
ATOM   38   O  OE2  . GLU A 1 6   ? -24.001 8.348   -16.292 1.00 66.15 ? 6   GLU A OE2  1 
ATOM   39   N  N    . GLU A 1 7   ? -19.891 3.876   -14.242 1.00 19.29 ? 7   GLU A N    1 
ATOM   40   C  CA   . GLU A 1 7   ? -19.086 2.685   -14.481 1.00 22.72 ? 7   GLU A CA   1 
ATOM   41   C  C    . GLU A 1 7   ? -18.429 2.172   -13.196 1.00 18.90 ? 7   GLU A C    1 
ATOM   42   O  O    . GLU A 1 7   ? -18.350 0.962   -12.975 1.00 19.83 ? 7   GLU A O    1 
ATOM   43   C  CB   . GLU A 1 7   ? -18.018 2.957   -15.545 1.00 37.26 ? 7   GLU A CB   1 
ATOM   44   C  CG   . GLU A 1 7   ? -17.032 1.811   -15.736 1.00 30.42 ? 7   GLU A CG   1 
ATOM   45   C  CD   . GLU A 1 7   ? -17.723 0.490   -16.069 1.00 44.80 ? 7   GLU A CD   1 
ATOM   46   O  OE1  . GLU A 1 7   ? -18.885 0.514   -16.528 1.00 44.11 ? 7   GLU A OE1  1 
ATOM   47   O  OE2  . GLU A 1 7   ? -17.105 -0.579  -15.868 1.00 49.34 ? 7   GLU A OE2  1 
ATOM   48   N  N    . GLN A 1 8   ? -17.938 3.085   -12.363 1.00 18.87 ? 8   GLN A N    1 
ATOM   49   C  CA   . GLN A 1 8   ? -17.333 2.691   -11.083 1.00 23.80 ? 8   GLN A CA   1 
ATOM   50   C  C    . GLN A 1 8   ? -18.351 2.044   -10.137 1.00 18.84 ? 8   GLN A C    1 
ATOM   51   O  O    . GLN A 1 8   ? -18.037 1.077   -9.443  1.00 17.05 ? 8   GLN A O    1 
ATOM   52   C  CB   . GLN A 1 8   ? -16.629 3.880   -10.417 1.00 23.94 ? 8   GLN A CB   1 
ATOM   53   C  CG   . GLN A 1 8   ? -15.458 4.418   -11.250 1.00 32.22 ? 8   GLN A CG   1 
ATOM   54   C  CD   . GLN A 1 8   ? -14.790 5.647   -10.646 1.00 33.24 ? 8   GLN A CD   1 
ATOM   55   O  OE1  . GLN A 1 8   ? -15.352 6.320   -9.782  1.00 30.81 ? 8   GLN A OE1  1 
ATOM   56   N  NE2  . GLN A 1 8   ? -13.579 5.939   -11.104 1.00 33.51 ? 8   GLN A NE2  1 
ATOM   57   N  N    . ILE A 1 9   ? -19.571 2.568   -10.122 1.00 18.08 ? 9   ILE A N    1 
ATOM   58   C  CA   . ILE A 1 9   ? -20.645 1.978   -9.329  1.00 24.34 ? 9   ILE A CA   1 
ATOM   59   C  C    . ILE A 1 9   ? -20.987 0.565   -9.811  1.00 23.49 ? 9   ILE A C    1 
ATOM   60   O  O    . ILE A 1 9   ? -21.153 -0.352  -9.008  1.00 16.28 ? 9   ILE A O    1 
ATOM   61   C  CB   . ILE A 1 9   ? -21.916 2.852   -9.351  1.00 23.18 ? 9   ILE A CB   1 
ATOM   62   C  CG1  . ILE A 1 9   ? -21.643 4.204   -8.691  1.00 17.15 ? 9   ILE A CG1  1 
ATOM   63   C  CG2  . ILE A 1 9   ? -23.074 2.143   -8.657  1.00 23.69 ? 9   ILE A CG2  1 
ATOM   64   C  CD1  . ILE A 1 9   ? -22.826 5.150   -8.768  1.00 29.52 ? 9   ILE A CD1  1 
ATOM   65   N  N    . ALA A 1 10  ? -21.090 0.390   -11.123 1.00 18.28 ? 10  ALA A N    1 
ATOM   66   C  CA   . ALA A 1 10  ? -21.327 -0.934  -11.693 1.00 23.44 ? 10  ALA A CA   1 
ATOM   67   C  C    . ALA A 1 10  ? -20.218 -1.927  -11.330 1.00 16.76 ? 10  ALA A C    1 
ATOM   68   O  O    . ALA A 1 10  ? -20.491 -3.078  -11.018 1.00 17.45 ? 10  ALA A O    1 
ATOM   69   C  CB   . ALA A 1 10  ? -21.503 -0.845  -13.205 1.00 26.28 ? 10  ALA A CB   1 
ATOM   70   N  N    . GLU A 1 11  ? -18.967 -1.481  -11.356 1.00 16.81 ? 11  GLU A N    1 
ATOM   71   C  CA   . GLU A 1 11  ? -17.858 -2.357  -11.001 1.00 19.41 ? 11  GLU A CA   1 
ATOM   72   C  C    . GLU A 1 11  ? -17.885 -2.728  -9.523  1.00 22.09 ? 11  GLU A C    1 
ATOM   73   O  O    . GLU A 1 11  ? -17.565 -3.859  -9.163  1.00 17.79 ? 11  GLU A O    1 
ATOM   74   C  CB   . GLU A 1 11  ? -16.514 -1.721  -11.368 1.00 24.64 ? 11  GLU A CB   1 
ATOM   75   C  CG   . GLU A 1 11  ? -16.233 -1.742  -12.857 1.00 27.94 ? 11  GLU A CG   1 
ATOM   76   C  CD   . GLU A 1 11  ? -15.137 -0.774  -13.274 1.00 35.10 ? 11  GLU A CD   1 
ATOM   77   O  OE1  . GLU A 1 11  ? -14.458 -0.212  -12.389 1.00 37.99 ? 11  GLU A OE1  1 
ATOM   78   O  OE2  . GLU A 1 11  ? -14.963 -0.570  -14.497 1.00 42.11 ? 11  GLU A OE2  1 
ATOM   79   N  N    . PHE A 1 12  ? -18.252 -1.779  -8.667  1.00 16.23 ? 12  PHE A N    1 
ATOM   80   C  CA   . PHE A 1 12  ? -18.441 -2.093  -7.249  1.00 15.94 ? 12  PHE A CA   1 
ATOM   81   C  C    . PHE A 1 12  ? -19.573 -3.111  -7.003  1.00 16.81 ? 12  PHE A C    1 
ATOM   82   O  O    . PHE A 1 12  ? -19.471 -3.959  -6.106  1.00 14.11 ? 12  PHE A O    1 
ATOM   83   C  CB   . PHE A 1 12  ? -18.698 -0.822  -6.434  1.00 16.71 ? 12  PHE A CB   1 
ATOM   84   C  CG   . PHE A 1 12  ? -17.450 -0.054  -6.100  1.00 17.60 ? 12  PHE A CG   1 
ATOM   85   C  CD1  . PHE A 1 12  ? -16.471 -0.606  -5.286  1.00 15.74 ? 12  PHE A CD1  1 
ATOM   86   C  CD2  . PHE A 1 12  ? -17.265 1.229   -6.576  1.00 14.45 ? 12  PHE A CD2  1 
ATOM   87   C  CE1  . PHE A 1 12  ? -15.333 0.098   -4.966  1.00 21.68 ? 12  PHE A CE1  1 
ATOM   88   C  CE2  . PHE A 1 12  ? -16.119 1.933   -6.269  1.00 13.07 ? 12  PHE A CE2  1 
ATOM   89   C  CZ   . PHE A 1 12  ? -15.151 1.369   -5.460  1.00 19.99 ? 12  PHE A CZ   1 
ATOM   90   N  N    . LYS A 1 13  ? -20.654 -3.012  -7.774  1.00 15.50 ? 13  LYS A N    1 
ATOM   91   C  CA   . LYS A 1 13  ? -21.762 -3.956  -7.637  1.00 17.74 ? 13  LYS A CA   1 
ATOM   92   C  C    . LYS A 1 13  ? -21.380 -5.348  -8.126  1.00 17.77 ? 13  LYS A C    1 
ATOM   93   O  O    . LYS A 1 13  ? -21.818 -6.352  -7.566  1.00 13.36 ? 13  LYS A O    1 
ATOM   94   C  CB   . LYS A 1 13  ? -23.018 -3.460  -8.354  1.00 17.69 ? 13  LYS A CB   1 
ATOM   95   C  CG   . LYS A 1 13  ? -23.542 -2.118  -7.858  1.00 24.68 ? 13  LYS A CG   1 
ATOM   96   C  CD   . LYS A 1 13  ? -24.644 -1.592  -8.784  1.00 30.65 ? 13  LYS A CD   1 
ATOM   97   C  CE   . LYS A 1 13  ? -25.969 -1.444  -8.065  1.00 22.74 ? 13  LYS A CE   1 
ATOM   98   N  NZ   . LYS A 1 13  ? -27.002 -0.785  -8.939  1.00 30.36 ? 13  LYS A NZ   1 
ATOM   99   N  N    . GLU A 1 14  ? -20.545 -5.407  -9.161  1.00 20.10 ? 14  GLU A N    1 
ATOM   100  C  CA   . GLU A 1 14  ? -20.040 -6.682  -9.662  1.00 20.59 ? 14  GLU A CA   1 
ATOM   101  C  C    . GLU A 1 14  ? -19.184 -7.372  -8.610  1.00 16.89 ? 14  GLU A C    1 
ATOM   102  O  O    . GLU A 1 14  ? -19.317 -8.578  -8.373  1.00 16.83 ? 14  GLU A O    1 
ATOM   103  C  CB   . GLU A 1 14  ? -19.239 -6.477  -10.956 1.00 20.05 ? 14  GLU A CB   1 
ATOM   104  C  CG   . GLU A 1 14  ? -20.120 -6.188  -12.156 1.00 24.73 ? 14  GLU A CG   1 
ATOM   105  C  CD   . GLU A 1 14  ? -19.334 -5.908  -13.431 1.00 39.25 ? 14  GLU A CD   1 
ATOM   106  O  OE1  . GLU A 1 14  ? -18.263 -5.262  -13.362 1.00 33.85 ? 14  GLU A OE1  1 
ATOM   107  O  OE2  . GLU A 1 14  ? -19.797 -6.333  -14.509 1.00 43.53 ? 14  GLU A OE2  1 
ATOM   108  N  N    . ALA A 1 15  ? -18.308 -6.607  -7.972  1.00 12.77 ? 15  ALA A N    1 
ATOM   109  C  CA   . ALA A 1 15  ? -17.470 -7.145  -6.904  1.00 19.16 ? 15  ALA A CA   1 
ATOM   110  C  C    . ALA A 1 15  ? -18.322 -7.555  -5.702  1.00 14.68 ? 15  ALA A C    1 
ATOM   111  O  O    . ALA A 1 15  ? -18.121 -8.622  -5.129  1.00 17.33 ? 15  ALA A O    1 
ATOM   112  C  CB   . ALA A 1 15  ? -16.394 -6.130  -6.496  1.00 21.97 ? 15  ALA A CB   1 
ATOM   113  N  N    . PHE A 1 16  ? -19.276 -6.709  -5.328  1.00 11.46 ? 16  PHE A N    1 
ATOM   114  C  CA   . PHE A 1 16  ? -20.197 -7.024  -4.237  1.00 14.16 ? 16  PHE A CA   1 
ATOM   115  C  C    . PHE A 1 16  ? -20.968 -8.317  -4.511  1.00 13.78 ? 16  PHE A C    1 
ATOM   116  O  O    . PHE A 1 16  ? -21.168 -9.134  -3.612  1.00 13.43 ? 16  PHE A O    1 
ATOM   117  C  CB   . PHE A 1 16  ? -21.189 -5.873  -4.016  1.00 11.31 ? 16  PHE A CB   1 
ATOM   118  C  CG   . PHE A 1 16  ? -22.099 -6.066  -2.823  1.00 10.07 ? 16  PHE A CG   1 
ATOM   119  C  CD1  . PHE A 1 16  ? -21.681 -5.688  -1.551  1.00 11.33 ? 16  PHE A CD1  1 
ATOM   120  C  CD2  . PHE A 1 16  ? -23.361 -6.628  -2.972  1.00 18.70 ? 16  PHE A CD2  1 
ATOM   121  C  CE1  . PHE A 1 16  ? -22.506 -5.865  -0.443  1.00 10.44 ? 16  PHE A CE1  1 
ATOM   122  C  CE2  . PHE A 1 16  ? -24.201 -6.814  -1.866  1.00 13.87 ? 16  PHE A CE2  1 
ATOM   123  C  CZ   . PHE A 1 16  ? -23.766 -6.425  -0.607  1.00 15.71 ? 16  PHE A CZ   1 
ATOM   124  N  N    . SER A 1 17  ? -21.398 -8.504  -5.750  1.00 13.51 ? 17  SER A N    1 
ATOM   125  C  CA   A SER A 1 17  ? -22.192 -9.679  -6.104  0.42 17.10 ? 17  SER A CA   1 
ATOM   126  C  CA   B SER A 1 17  ? -22.187 -9.682  -6.106  0.28 17.07 ? 17  SER A CA   1 
ATOM   127  C  CA   C SER A 1 17  ? -22.181 -9.677  -6.129  0.30 17.08 ? 17  SER A CA   1 
ATOM   128  C  C    . SER A 1 17  ? -21.396 -10.976 -5.970  1.00 11.28 ? 17  SER A C    1 
ATOM   129  O  O    . SER A 1 17  ? -21.972 -12.040 -5.711  1.00 14.68 ? 17  SER A O    1 
ATOM   130  C  CB   A SER A 1 17  ? -22.775 -9.550  -7.519  0.42 17.50 ? 17  SER A CB   1 
ATOM   131  C  CB   B SER A 1 17  ? -22.756 -9.556  -7.520  0.28 17.50 ? 17  SER A CB   1 
ATOM   132  C  CB   C SER A 1 17  ? -22.683 -9.537  -7.569  0.30 17.50 ? 17  SER A CB   1 
ATOM   133  O  OG   A SER A 1 17  ? -21.776 -9.715  -8.510  0.42 15.44 ? 17  SER A OG   1 
ATOM   134  O  OG   B SER A 1 17  ? -23.817 -8.623  -7.550  0.28 19.13 ? 17  SER A OG   1 
ATOM   135  O  OG   C SER A 1 17  ? -23.042 -10.798 -8.105  0.30 15.55 ? 17  SER A OG   1 
ATOM   136  N  N    . LEU A 1 18  ? -20.079 -10.891 -6.142  1.00 12.75 ? 18  LEU A N    1 
ATOM   137  C  CA   . LEU A 1 18  ? -19.223 -12.061 -5.972  1.00 13.26 ? 18  LEU A CA   1 
ATOM   138  C  C    . LEU A 1 18  ? -19.276 -12.567 -4.521  1.00 18.14 ? 18  LEU A C    1 
ATOM   139  O  O    . LEU A 1 18  ? -19.243 -13.772 -4.261  1.00 17.29 ? 18  LEU A O    1 
ATOM   140  C  CB   . LEU A 1 18  ? -17.780 -11.739 -6.363  1.00 23.39 ? 18  LEU A CB   1 
ATOM   141  C  CG   . LEU A 1 18  ? -17.517 -11.439 -7.843  1.00 40.63 ? 18  LEU A CG   1 
ATOM   142  C  CD1  . LEU A 1 18  ? -16.046 -11.113 -8.074  1.00 42.19 ? 18  LEU A CD1  1 
ATOM   143  C  CD2  . LEU A 1 18  ? -17.956 -12.608 -8.723  1.00 56.87 ? 18  LEU A CD2  1 
ATOM   144  N  N    . PHE A 1 19  ? -19.364 -11.629 -3.584  1.00 11.29 ? 19  PHE A N    1 
ATOM   145  C  CA   . PHE A 1 19  ? -19.470 -11.957 -2.165  1.00 15.84 ? 19  PHE A CA   1 
ATOM   146  C  C    . PHE A 1 19  ? -20.898 -12.321 -1.766  1.00 12.62 ? 19  PHE A C    1 
ATOM   147  O  O    . PHE A 1 19  ? -21.121 -13.298 -1.036  1.00 15.15 ? 19  PHE A O    1 
ATOM   148  C  CB   . PHE A 1 19  ? -18.985 -10.776 -1.327  1.00 16.06 ? 19  PHE A CB   1 
ATOM   149  C  CG   . PHE A 1 19  ? -17.498 -10.598 -1.353  1.00 16.25 ? 19  PHE A CG   1 
ATOM   150  C  CD1  . PHE A 1 19  ? -16.696 -11.260 -0.434  1.00 13.19 ? 19  PHE A CD1  1 
ATOM   151  C  CD2  . PHE A 1 19  ? -16.901 -9.791  -2.304  1.00 14.95 ? 19  PHE A CD2  1 
ATOM   152  C  CE1  . PHE A 1 19  ? -15.329 -11.109 -0.449  1.00 17.71 ? 19  PHE A CE1  1 
ATOM   153  C  CE2  . PHE A 1 19  ? -15.528 -9.641  -2.329  1.00 15.74 ? 19  PHE A CE2  1 
ATOM   154  C  CZ   . PHE A 1 19  ? -14.739 -10.301 -1.394  1.00 17.10 ? 19  PHE A CZ   1 
ATOM   155  N  N    . ASP A 1 20  ? -21.853 -11.543 -2.269  1.00 11.82 ? 20  ASP A N    1 
ATOM   156  C  CA   . ASP A 1 20  ? -23.271 -11.724 -1.943  1.00 17.55 ? 20  ASP A CA   1 
ATOM   157  C  C    . ASP A 1 20  ? -23.865 -12.906 -2.714  1.00 19.13 ? 20  ASP A C    1 
ATOM   158  O  O    . ASP A 1 20  ? -24.613 -12.735 -3.687  1.00 16.97 ? 20  ASP A O    1 
ATOM   159  C  CB   . ASP A 1 20  ? -24.051 -10.434 -2.214  1.00 10.40 ? 20  ASP A CB   1 
ATOM   160  C  CG   . ASP A 1 20  ? -25.512 -10.520 -1.757  1.00 14.08 ? 20  ASP A CG   1 
ATOM   161  O  OD1  . ASP A 1 20  ? -25.863 -11.494 -1.073  1.00 13.57 ? 20  ASP A OD1  1 
ATOM   162  O  OD2  . ASP A 1 20  ? -26.301 -9.611  -2.064  1.00 16.54 ? 20  ASP A OD2  1 
ATOM   163  N  N    . LYS A 1 21  ? -23.528 -14.109 -2.258  1.00 16.48 ? 21  LYS A N    1 
ATOM   164  C  CA   . LYS A 1 21  ? -23.873 -15.343 -2.970  1.00 20.79 ? 21  LYS A CA   1 
ATOM   165  C  C    . LYS A 1 21  ? -25.371 -15.514 -3.228  1.00 14.86 ? 21  LYS A C    1 
ATOM   166  O  O    . LYS A 1 21  ? -25.771 -15.960 -4.310  1.00 13.79 ? 21  LYS A O    1 
ATOM   167  C  CB   . LYS A 1 21  ? -23.334 -16.570 -2.219  1.00 19.78 ? 21  LYS A CB   1 
ATOM   168  C  CG   . LYS A 1 21  ? -21.821 -16.603 -2.086  1.00 21.95 ? 21  LYS A CG   1 
ATOM   169  C  CD   . LYS A 1 21  ? -21.144 -16.572 -3.458  1.00 16.18 ? 21  LYS A CD   1 
ATOM   170  C  CE   . LYS A 1 21  ? -19.630 -16.770 -3.315  1.00 19.50 ? 21  LYS A CE   1 
ATOM   171  N  NZ   . LYS A 1 21  ? -18.918 -16.686 -4.612  1.00 15.51 ? 21  LYS A NZ   1 
ATOM   172  N  N    . ASP A 1 22  ? -26.200 -15.176 -2.244  1.00 12.91 ? 22  ASP A N    1 
ATOM   173  C  CA   . ASP A 1 22  ? -27.640 -15.363 -2.405  1.00 24.17 ? 22  ASP A CA   1 
ATOM   174  C  C    . ASP A 1 22  ? -28.401 -14.108 -2.839  1.00 16.89 ? 22  ASP A C    1 
ATOM   175  O  O    . ASP A 1 22  ? -29.622 -14.123 -2.922  1.00 22.08 ? 22  ASP A O    1 
ATOM   176  C  CB   . ASP A 1 22  ? -28.268 -16.001 -1.158  1.00 22.36 ? 22  ASP A CB   1 
ATOM   177  C  CG   . ASP A 1 22  ? -28.367 -15.049 0.011   1.00 19.68 ? 22  ASP A CG   1 
ATOM   178  O  OD1  . ASP A 1 22  ? -27.784 -13.936 -0.028  1.00 16.00 ? 22  ASP A OD1  1 
ATOM   179  O  OD2  . ASP A 1 22  ? -29.035 -15.432 0.990   1.00 21.27 ? 22  ASP A OD2  1 
ATOM   180  N  N    . GLY A 1 23  ? -27.674 -13.032 -3.123  1.00 20.26 ? 23  GLY A N    1 
ATOM   181  C  CA   . GLY A 1 23  ? -28.261 -11.819 -3.675  1.00 18.40 ? 23  GLY A CA   1 
ATOM   182  C  C    . GLY A 1 23  ? -29.263 -11.063 -2.815  1.00 16.79 ? 23  GLY A C    1 
ATOM   183  O  O    . GLY A 1 23  ? -30.086 -10.318 -3.339  1.00 17.84 ? 23  GLY A O    1 
ATOM   184  N  N    . ASP A 1 24  ? -29.174 -11.223 -1.499  1.00 13.89 ? 24  ASP A N    1 
ATOM   185  C  CA   . ASP A 1 24  ? -30.100 -10.573 -0.579  1.00 15.68 ? 24  ASP A CA   1 
ATOM   186  C  C    . ASP A 1 24  ? -29.664 -9.141  -0.260  1.00 18.44 ? 24  ASP A C    1 
ATOM   187  O  O    . ASP A 1 24  ? -30.368 -8.424  0.438   1.00 18.27 ? 24  ASP A O    1 
ATOM   188  C  CB   . ASP A 1 24  ? -30.206 -11.371 0.730   1.00 14.74 ? 24  ASP A CB   1 
ATOM   189  C  CG   . ASP A 1 24  ? -29.034 -11.094 1.674   1.00 13.66 ? 24  ASP A CG   1 
ATOM   190  O  OD1  . ASP A 1 24  ? -27.888 -10.988 1.182   1.00 16.01 ? 24  ASP A OD1  1 
ATOM   191  O  OD2  . ASP A 1 24  ? -29.256 -10.963 2.895   1.00 13.67 ? 24  ASP A OD2  1 
ATOM   192  N  N    . GLY A 1 25  ? -28.491 -8.738  -0.750  1.00 16.95 ? 25  GLY A N    1 
ATOM   193  C  CA   . GLY A 1 25  ? -27.981 -7.400  -0.491  1.00 14.51 ? 25  GLY A CA   1 
ATOM   194  C  C    . GLY A 1 25  ? -27.131 -7.282  0.763   1.00 13.65 ? 25  GLY A C    1 
ATOM   195  O  O    . GLY A 1 25  ? -26.794 -6.177  1.186   1.00 14.86 ? 25  GLY A O    1 
ATOM   196  N  N    . THR A 1 26  ? -26.776 -8.412  1.368   1.00 11.23 ? 26  THR A N    1 
ATOM   197  C  CA   . THR A 1 26  ? -25.845 -8.377  2.498   1.00 17.21 ? 26  THR A CA   1 
ATOM   198  C  C    . THR A 1 26  ? -24.776 -9.458  2.344   1.00 13.76 ? 26  THR A C    1 
ATOM   199  O  O    . THR A 1 26  ? -24.985 -10.442 1.640   1.00 11.44 ? 26  THR A O    1 
ATOM   200  C  CB   . THR A 1 26  ? -26.568 -8.540  3.864   1.00 16.80 ? 26  THR A CB   1 
ATOM   201  O  OG1  . THR A 1 26  ? -27.072 -9.881  4.005   1.00 15.24 ? 26  THR A OG1  1 
ATOM   202  C  CG2  . THR A 1 26  ? -27.711 -7.554  3.988   1.00 20.60 ? 26  THR A CG2  1 
ATOM   203  N  N    . ILE A 1 27  ? -23.622 -9.253  2.978   1.00 12.85 ? 27  ILE A N    1 
ATOM   204  C  CA   . ILE A 1 27  ? -22.554 -10.247 2.986   1.00 9.37  ? 27  ILE A CA   1 
ATOM   205  C  C    . ILE A 1 27  ? -22.375 -10.719 4.408   1.00 11.29 ? 27  ILE A C    1 
ATOM   206  O  O    . ILE A 1 27  ? -22.066 -9.926  5.306   1.00 15.14 ? 27  ILE A O    1 
ATOM   207  C  CB   . ILE A 1 27  ? -21.202 -9.691  2.469   1.00 8.34  ? 27  ILE A CB   1 
ATOM   208  C  CG1  . ILE A 1 27  ? -21.309 -9.270  1.007   1.00 9.67  ? 27  ILE A CG1  1 
ATOM   209  C  CG2  . ILE A 1 27  ? -20.092 -10.751 2.573   1.00 10.64 ? 27  ILE A CG2  1 
ATOM   210  C  CD1  . ILE A 1 27  ? -20.282 -8.208  0.629   1.00 9.49  ? 27  ILE A CD1  1 
ATOM   211  N  N    . THR A 1 28  ? -22.580 -12.014 4.608   1.00 13.20 ? 28  THR A N    1 
ATOM   212  C  CA   . THR A 1 28  ? -22.441 -12.647 5.910   1.00 10.99 ? 28  THR A CA   1 
ATOM   213  C  C    . THR A 1 28  ? -21.061 -13.290 6.065   1.00 13.63 ? 28  THR A C    1 
ATOM   214  O  O    . THR A 1 28  ? -20.338 -13.479 5.090   1.00 8.94  ? 28  THR A O    1 
ATOM   215  C  CB   . THR A 1 28  ? -23.486 -13.783 6.060   1.00 15.31 ? 28  THR A CB   1 
ATOM   216  O  OG1  . THR A 1 28  ? -23.235 -14.787 5.068   1.00 12.53 ? 28  THR A OG1  1 
ATOM   217  C  CG2  . THR A 1 28  ? -24.917 -13.246 5.889   1.00 16.81 ? 28  THR A CG2  1 
ATOM   218  N  N    . THR A 1 29  ? -20.709 -13.646 7.298   1.00 12.94 ? 29  THR A N    1 
ATOM   219  C  CA   A THR A 1 29  ? -19.472 -14.373 7.558   0.71 12.86 ? 29  THR A CA   1 
ATOM   220  C  CA   B THR A 1 29  ? -19.489 -14.388 7.579   0.29 12.90 ? 29  THR A CA   1 
ATOM   221  C  C    . THR A 1 29  ? -19.369 -15.643 6.701   1.00 11.44 ? 29  THR A C    1 
ATOM   222  O  O    . THR A 1 29  ? -18.300 -15.967 6.191   1.00 14.54 ? 29  THR A O    1 
ATOM   223  C  CB   A THR A 1 29  ? -19.314 -14.741 9.058   0.71 14.72 ? 29  THR A CB   1 
ATOM   224  C  CB   B THR A 1 29  ? -19.450 -14.809 9.060   0.29 14.79 ? 29  THR A CB   1 
ATOM   225  O  OG1  A THR A 1 29  ? -20.404 -15.573 9.473   0.71 14.40 ? 29  THR A OG1  1 
ATOM   226  O  OG1  B THR A 1 29  ? -19.625 -13.654 9.891   0.29 17.47 ? 29  THR A OG1  1 
ATOM   227  C  CG2  A THR A 1 29  ? -19.296 -13.484 9.916   0.71 18.31 ? 29  THR A CG2  1 
ATOM   228  C  CG2  B THR A 1 29  ? -18.139 -15.480 9.391   0.29 14.46 ? 29  THR A CG2  1 
ATOM   229  N  N    . LYS A 1 30  ? -20.480 -16.352 6.536   1.00 15.29 ? 30  LYS A N    1 
ATOM   230  C  CA   . LYS A 1 30  ? -20.492 -17.593 5.756   1.00 14.82 ? 30  LYS A CA   1 
ATOM   231  C  C    . LYS A 1 30  ? -20.210 -17.368 4.271   1.00 12.24 ? 30  LYS A C    1 
ATOM   232  O  O    . LYS A 1 30  ? -19.461 -18.121 3.655   1.00 13.51 ? 30  LYS A O    1 
ATOM   233  C  CB   . LYS A 1 30  ? -21.822 -18.327 5.931   1.00 17.70 ? 30  LYS A CB   1 
ATOM   234  C  CG   . LYS A 1 30  ? -22.089 -18.727 7.377   1.00 24.35 ? 30  LYS A CG   1 
ATOM   235  C  CD   . LYS A 1 30  ? -23.440 -19.403 7.553   1.00 25.95 ? 30  LYS A CD   1 
ATOM   236  C  CE   . LYS A 1 30  ? -23.598 -19.848 9.007   1.00 49.46 ? 30  LYS A CE   1 
ATOM   237  N  NZ   . LYS A 1 30  ? -24.810 -20.673 9.253   1.00 32.31 ? 30  LYS A NZ   1 
ATOM   238  N  N    . GLU A 1 31  ? -20.801 -16.329 3.696   1.00 16.69 ? 31  GLU A N    1 
ATOM   239  C  CA   . GLU A 1 31  ? -20.537 -16.006 2.298   1.00 13.71 ? 31  GLU A CA   1 
ATOM   240  C  C    . GLU A 1 31  ? -19.080 -15.603 2.132   1.00 14.16 ? 31  GLU A C    1 
ATOM   241  O  O    . GLU A 1 31  ? -18.439 -15.976 1.161   1.00 12.56 ? 31  GLU A O    1 
ATOM   242  C  CB   . GLU A 1 31  ? -21.484 -14.912 1.807   1.00 9.10  ? 31  GLU A CB   1 
ATOM   243  C  CG   . GLU A 1 31  ? -22.928 -15.425 1.653   1.00 14.36 ? 31  GLU A CG   1 
ATOM   244  C  CD   . GLU A 1 31  ? -23.934 -14.329 1.352   1.00 15.99 ? 31  GLU A CD   1 
ATOM   245  O  OE1  . GLU A 1 31  ? -23.787 -13.210 1.888   1.00 14.50 ? 31  GLU A OE1  1 
ATOM   246  O  OE2  . GLU A 1 31  ? -24.889 -14.598 0.596   1.00 15.55 ? 31  GLU A OE2  1 
ATOM   247  N  N    . LEU A 1 32  ? -18.551 -14.863 3.100   1.00 11.98 ? 32  LEU A N    1 
ATOM   248  C  CA   . LEU A 1 32  ? -17.138 -14.484 3.069   1.00 15.54 ? 32  LEU A CA   1 
ATOM   249  C  C    . LEU A 1 32  ? -16.195 -15.696 3.156   1.00 16.03 ? 32  LEU A C    1 
ATOM   250  O  O    . LEU A 1 32  ? -15.131 -15.716 2.527   1.00 15.60 ? 32  LEU A O    1 
ATOM   251  C  CB   . LEU A 1 32  ? -16.815 -13.480 4.187   1.00 10.70 ? 32  LEU A CB   1 
ATOM   252  C  CG   . LEU A 1 32  ? -15.346 -13.069 4.257   1.00 17.72 ? 32  LEU A CG   1 
ATOM   253  C  CD1  . LEU A 1 32  ? -14.871 -12.529 2.902   1.00 15.59 ? 32  LEU A CD1  1 
ATOM   254  C  CD2  . LEU A 1 32  ? -15.131 -12.035 5.360   1.00 16.88 ? 32  LEU A CD2  1 
ATOM   255  N  N    . GLY A 1 33  ? -16.573 -16.697 3.943   1.00 14.13 ? 33  GLY A N    1 
ATOM   256  C  CA   . GLY A 1 33  ? -15.786 -17.916 4.024   1.00 14.54 ? 33  GLY A CA   1 
ATOM   257  C  C    . GLY A 1 33  ? -15.694 -18.603 2.670   1.00 15.51 ? 33  GLY A C    1 
ATOM   258  O  O    . GLY A 1 33  ? -14.624 -19.060 2.256   1.00 13.22 ? 33  GLY A O    1 
ATOM   259  N  N    . THR A 1 34  ? -16.831 -18.675 1.981   1.00 14.15 ? 34  THR A N    1 
ATOM   260  C  CA   . THR A 1 34  ? -16.903 -19.294 0.664   1.00 18.21 ? 34  THR A CA   1 
ATOM   261  C  C    . THR A 1 34  ? -15.940 -18.614 -0.303  1.00 15.32 ? 34  THR A C    1 
ATOM   262  O  O    . THR A 1 34  ? -15.167 -19.276 -1.002  1.00 17.76 ? 34  THR A O    1 
ATOM   263  C  CB   . THR A 1 34  ? -18.337 -19.244 0.117   1.00 23.72 ? 34  THR A CB   1 
ATOM   264  O  OG1  . THR A 1 34  ? -19.184 -20.030 0.963   1.00 15.74 ? 34  THR A OG1  1 
ATOM   265  C  CG2  . THR A 1 34  ? -18.405 -19.774 -1.324  1.00 16.92 ? 34  THR A CG2  1 
ATOM   266  N  N    . VAL A 1 35  ? -15.972 -17.291 -0.338  1.00 16.93 ? 35  VAL A N    1 
ATOM   267  C  CA   . VAL A 1 35  ? -15.070 -16.559 -1.216  1.00 14.22 ? 35  VAL A CA   1 
ATOM   268  C  C    . VAL A 1 35  ? -13.607 -16.770 -0.812  1.00 18.89 ? 35  VAL A C    1 
ATOM   269  O  O    . VAL A 1 35  ? -12.745 -16.968 -1.662  1.00 19.85 ? 35  VAL A O    1 
ATOM   270  C  CB   . VAL A 1 35  ? -15.388 -15.052 -1.236  1.00 15.69 ? 35  VAL A CB   1 
ATOM   271  C  CG1  . VAL A 1 35  ? -14.330 -14.302 -2.028  1.00 15.00 ? 35  VAL A CG1  1 
ATOM   272  C  CG2  . VAL A 1 35  ? -16.780 -14.819 -1.833  1.00 14.93 ? 35  VAL A CG2  1 
ATOM   273  N  N    . MET A 1 36  ? -13.316 -16.728 0.483   1.00 14.52 ? 36  MET A N    1 
ATOM   274  C  CA   A MET A 1 36  ? -11.933 -16.863 0.909   0.37 20.20 ? 36  MET A CA   1 
ATOM   275  C  CA   B MET A 1 36  ? -11.935 -16.865 0.940   0.63 20.21 ? 36  MET A CA   1 
ATOM   276  C  C    . MET A 1 36  ? -11.366 -18.242 0.598   1.00 24.26 ? 36  MET A C    1 
ATOM   277  O  O    . MET A 1 36  ? -10.189 -18.373 0.252   1.00 20.51 ? 36  MET A O    1 
ATOM   278  C  CB   A MET A 1 36  ? -11.791 -16.517 2.382   0.37 17.88 ? 36  MET A CB   1 
ATOM   279  C  CB   B MET A 1 36  ? -11.814 -16.592 2.443   0.63 17.85 ? 36  MET A CB   1 
ATOM   280  C  CG   A MET A 1 36  ? -12.167 -15.084 2.658   0.37 20.98 ? 36  MET A CG   1 
ATOM   281  C  CG   B MET A 1 36  ? -12.078 -15.146 2.859   0.63 20.69 ? 36  MET A CG   1 
ATOM   282  S  SD   A MET A 1 36  ? -11.723 -14.586 4.313   0.37 26.79 ? 36  MET A SD   1 
ATOM   283  S  SD   B MET A 1 36  ? -11.052 -13.923 2.005   0.63 26.63 ? 36  MET A SD   1 
ATOM   284  C  CE   A MET A 1 36  ? -9.988  -15.046 4.337   0.37 19.66 ? 36  MET A CE   1 
ATOM   285  C  CE   B MET A 1 36  ? -9.422  -14.590 2.331   0.63 25.33 ? 36  MET A CE   1 
ATOM   286  N  N    . ARG A 1 37  ? -12.204 -19.271 0.698   1.00 16.36 ? 37  ARG A N    1 
ATOM   287  C  CA   . ARG A 1 37  ? -11.761 -20.614 0.354   1.00 20.91 ? 37  ARG A CA   1 
ATOM   288  C  C    . ARG A 1 37  ? -11.443 -20.734 -1.141  1.00 29.74 ? 37  ARG A C    1 
ATOM   289  O  O    . ARG A 1 37  ? -10.478 -21.396 -1.539  1.00 23.73 ? 37  ARG A O    1 
ATOM   290  C  CB   . ARG A 1 37  ? -12.775 -21.661 0.829   1.00 17.08 ? 37  ARG A CB   1 
ATOM   291  C  CG   . ARG A 1 37  ? -12.761 -21.794 2.345   1.00 20.34 ? 37  ARG A CG   1 
ATOM   292  C  CD   . ARG A 1 37  ? -13.614 -22.939 2.869   1.00 16.38 ? 37  ARG A CD   1 
ATOM   293  N  NE   . ARG A 1 37  ? -15.046 -22.696 2.711   1.00 22.34 ? 37  ARG A NE   1 
ATOM   294  C  CZ   . ARG A 1 37  ? -15.797 -22.047 3.598   1.00 16.54 ? 37  ARG A CZ   1 
ATOM   295  N  NH1  . ARG A 1 37  ? -15.256 -21.565 4.708   1.00 15.94 ? 37  ARG A NH1  1 
ATOM   296  N  NH2  . ARG A 1 37  ? -17.089 -21.876 3.369   1.00 23.17 ? 37  ARG A NH2  1 
ATOM   297  N  N    . SER A 1 38  ? -12.233 -20.060 -1.966  1.00 24.66 ? 38  SER A N    1 
ATOM   298  C  CA   . SER A 1 38  ? -11.991 -20.068 -3.404  1.00 24.69 ? 38  SER A CA   1 
ATOM   299  C  C    . SER A 1 38  ? -10.659 -19.398 -3.734  1.00 23.52 ? 38  SER A C    1 
ATOM   300  O  O    . SER A 1 38  ? -10.111 -19.611 -4.804  1.00 33.61 ? 38  SER A O    1 
ATOM   301  C  CB   . SER A 1 38  ? -13.128 -19.371 -4.155  1.00 26.15 ? 38  SER A CB   1 
ATOM   302  O  OG   . SER A 1 38  ? -12.944 -17.967 -4.137  1.00 34.28 ? 38  SER A OG   1 
ATOM   303  N  N    . LEU A 1 39  ? -10.143 -18.585 -2.811  1.00 30.56 ? 39  LEU A N    1 
ATOM   304  C  CA   . LEU A 1 39  ? -8.841  -17.947 -2.991  1.00 28.75 ? 39  LEU A CA   1 
ATOM   305  C  C    . LEU A 1 39  ? -7.722  -18.810 -2.411  1.00 31.10 ? 39  LEU A C    1 
ATOM   306  O  O    . LEU A 1 39  ? -6.552  -18.450 -2.477  1.00 29.76 ? 39  LEU A O    1 
ATOM   307  C  CB   . LEU A 1 39  ? -8.813  -16.555 -2.346  1.00 27.55 ? 39  LEU A CB   1 
ATOM   308  C  CG   . LEU A 1 39  ? -9.740  -15.473 -2.909  1.00 26.59 ? 39  LEU A CG   1 
ATOM   309  C  CD1  . LEU A 1 39  ? -9.804  -14.269 -1.979  1.00 26.66 ? 39  LEU A CD1  1 
ATOM   310  C  CD2  . LEU A 1 39  ? -9.306  -15.052 -4.308  1.00 38.37 ? 39  LEU A CD2  1 
ATOM   311  N  N    . GLY A 1 40  ? -8.097  -19.945 -1.829  1.00 28.76 ? 40  GLY A N    1 
ATOM   312  C  CA   . GLY A 1 40  ? -7.134  -20.895 -1.306  1.00 24.51 ? 40  GLY A CA   1 
ATOM   313  C  C    . GLY A 1 40  ? -6.819  -20.713 0.162   1.00 28.87 ? 40  GLY A C    1 
ATOM   314  O  O    . GLY A 1 40  ? -5.880  -21.314 0.682   1.00 26.90 ? 40  GLY A O    1 
ATOM   315  N  N    . GLN A 1 41  ? -7.598  -19.880 0.843   1.00 26.53 ? 41  GLN A N    1 
ATOM   316  C  CA   . GLN A 1 41  ? -7.424  -19.710 2.277   1.00 21.26 ? 41  GLN A CA   1 
ATOM   317  C  C    . GLN A 1 41  ? -8.426  -20.595 3.007   1.00 19.76 ? 41  GLN A C    1 
ATOM   318  O  O    . GLN A 1 41  ? -9.311  -21.171 2.384   1.00 22.40 ? 41  GLN A O    1 
ATOM   319  C  CB   . GLN A 1 41  ? -7.594  -18.244 2.648   1.00 23.58 ? 41  GLN A CB   1 
ATOM   320  C  CG   . GLN A 1 41  ? -6.829  -17.314 1.707   1.00 25.78 ? 41  GLN A CG   1 
ATOM   321  C  CD   . GLN A 1 41  ? -6.711  -15.903 2.237   1.00 47.39 ? 41  GLN A CD   1 
ATOM   322  O  OE1  . GLN A 1 41  ? -6.971  -15.641 3.412   0.00 34.75 ? 41  GLN A OE1  1 
ATOM   323  N  NE2  . GLN A 1 41  ? -6.313  -14.978 1.368   1.00 47.51 ? 41  GLN A NE2  1 
ATOM   324  N  N    . ASN A 1 42  ? -8.288  -20.720 4.323   1.00 19.05 ? 42  ASN A N    1 
ATOM   325  C  CA   . ASN A 1 42  ? -9.221  -21.550 5.090   1.00 17.91 ? 42  ASN A CA   1 
ATOM   326  C  C    . ASN A 1 42  ? -9.507  -20.940 6.464   1.00 18.99 ? 42  ASN A C    1 
ATOM   327  O  O    . ASN A 1 42  ? -9.248  -21.554 7.507   1.00 18.79 ? 42  ASN A O    1 
ATOM   328  C  CB   . ASN A 1 42  ? -8.673  -22.968 5.227   1.00 22.33 ? 42  ASN A CB   1 
ATOM   329  C  CG   . ASN A 1 42  ? -9.755  -23.990 5.521   1.00 20.70 ? 42  ASN A CG   1 
ATOM   330  O  OD1  . ASN A 1 42  ? -10.947 -23.704 5.398   1.00 24.00 ? 42  ASN A OD1  1 
ATOM   331  N  ND2  . ASN A 1 42  ? -9.340  -25.199 5.900   1.00 22.95 ? 42  ASN A ND2  1 
ATOM   332  N  N    . PRO A 1 43  ? -10.051 -19.720 6.471   1.00 22.53 ? 43  PRO A N    1 
ATOM   333  C  CA   . PRO A 1 43  ? -10.200 -18.993 7.737   1.00 19.64 ? 43  PRO A CA   1 
ATOM   334  C  C    . PRO A 1 43  ? -11.130 -19.732 8.697   1.00 15.60 ? 43  PRO A C    1 
ATOM   335  O  O    . PRO A 1 43  ? -12.015 -20.456 8.239   1.00 19.62 ? 43  PRO A O    1 
ATOM   336  C  CB   . PRO A 1 43  ? -10.811 -17.655 7.299   1.00 23.76 ? 43  PRO A CB   1 
ATOM   337  C  CG   . PRO A 1 43  ? -11.478 -17.945 6.002   1.00 17.26 ? 43  PRO A CG   1 
ATOM   338  C  CD   . PRO A 1 43  ? -10.630 -18.987 5.333   1.00 17.90 ? 43  PRO A CD   1 
ATOM   339  N  N    . THR A 1 44  ? -10.913 -19.567 10.000  1.00 16.79 ? 44  THR A N    1 
ATOM   340  C  CA   . THR A 1 44  ? -11.832 -20.072 11.008  1.00 19.74 ? 44  THR A CA   1 
ATOM   341  C  C    . THR A 1 44  ? -12.997 -19.101 11.095  1.00 21.01 ? 44  THR A C    1 
ATOM   342  O  O    . THR A 1 44  ? -12.940 -18.014 10.526  1.00 18.01 ? 44  THR A O    1 
ATOM   343  C  CB   . THR A 1 44  ? -11.161 -20.169 12.393  1.00 17.65 ? 44  THR A CB   1 
ATOM   344  O  OG1  . THR A 1 44  ? -10.832 -18.854 12.876  1.00 15.33 ? 44  THR A OG1  1 
ATOM   345  C  CG2  . THR A 1 44  ? -9.896  -21.006 12.318  1.00 18.39 ? 44  THR A CG2  1 
ATOM   346  N  N    . GLU A 1 45  ? -14.052 -19.479 11.803  1.00 15.78 ? 45  GLU A N    1 
ATOM   347  C  CA   A GLU A 1 45  ? -15.199 -18.594 11.960  0.59 19.11 ? 45  GLU A CA   1 
ATOM   348  C  CA   B GLU A 1 45  ? -15.200 -18.598 11.973  0.41 19.13 ? 45  GLU A CA   1 
ATOM   349  C  C    . GLU A 1 45  ? -14.808 -17.335 12.740  1.00 19.32 ? 45  GLU A C    1 
ATOM   350  O  O    . GLU A 1 45  ? -15.277 -16.240 12.432  1.00 19.20 ? 45  GLU A O    1 
ATOM   351  C  CB   A GLU A 1 45  ? -16.360 -19.329 12.637  0.59 17.88 ? 45  GLU A CB   1 
ATOM   352  C  CB   B GLU A 1 45  ? -16.347 -19.327 12.679  0.41 17.98 ? 45  GLU A CB   1 
ATOM   353  C  CG   A GLU A 1 45  ? -17.606 -18.482 12.849  0.59 27.74 ? 45  GLU A CG   1 
ATOM   354  C  CG   B GLU A 1 45  ? -16.863 -20.557 11.942  0.41 19.98 ? 45  GLU A CG   1 
ATOM   355  C  CD   A GLU A 1 45  ? -18.326 -18.141 11.555  0.59 26.75 ? 45  GLU A CD   1 
ATOM   356  C  CD   B GLU A 1 45  ? -18.153 -21.092 12.541  0.41 28.40 ? 45  GLU A CD   1 
ATOM   357  O  OE1  A GLU A 1 45  ? -18.182 -18.890 10.562  0.59 22.76 ? 45  GLU A OE1  1 
ATOM   358  O  OE1  B GLU A 1 45  ? -18.626 -20.508 13.535  0.41 30.55 ? 45  GLU A OE1  1 
ATOM   359  O  OE2  A GLU A 1 45  ? -19.042 -17.118 11.536  0.59 27.51 ? 45  GLU A OE2  1 
ATOM   360  O  OE2  B GLU A 1 45  ? -18.696 -22.093 12.021  0.41 27.56 ? 45  GLU A OE2  1 
ATOM   361  N  N    . ALA A 1 46  ? -13.941 -17.479 13.745  1.00 14.22 ? 46  ALA A N    1 
ATOM   362  C  CA   . ALA A 1 46  ? -13.455 -16.299 14.478  1.00 18.40 ? 46  ALA A CA   1 
ATOM   363  C  C    . ALA A 1 46  ? -12.727 -15.320 13.556  1.00 12.91 ? 46  ALA A C    1 
ATOM   364  O  O    . ALA A 1 46  ? -12.889 -14.098 13.660  1.00 15.36 ? 46  ALA A O    1 
ATOM   365  C  CB   . ALA A 1 46  ? -12.548 -16.702 15.635  1.00 18.11 ? 46  ALA A CB   1 
ATOM   366  N  N    . GLU A 1 47  ? -11.908 -15.855 12.665  1.00 14.55 ? 47  GLU A N    1 
ATOM   367  C  CA   . GLU A 1 47  ? -11.180 -15.016 11.718  1.00 15.63 ? 47  GLU A CA   1 
ATOM   368  C  C    . GLU A 1 47  ? -12.130 -14.312 10.758  1.00 16.09 ? 47  GLU A C    1 
ATOM   369  O  O    . GLU A 1 47  ? -11.943 -13.133 10.433  1.00 12.70 ? 47  GLU A O    1 
ATOM   370  C  CB   . GLU A 1 47  ? -10.132 -15.837 10.965  1.00 15.79 ? 47  GLU A CB   1 
ATOM   371  C  CG   . GLU A 1 47  ? -8.977  -16.263 11.867  1.00 20.19 ? 47  GLU A CG   1 
ATOM   372  C  CD   . GLU A 1 47  ? -8.114  -17.368 11.269  1.00 28.75 ? 47  GLU A CD   1 
ATOM   373  O  OE1  . GLU A 1 47  ? -8.504  -17.966 10.243  1.00 18.92 ? 47  GLU A OE1  1 
ATOM   374  O  OE2  . GLU A 1 47  ? -7.048  -17.643 11.844  1.00 24.88 ? 47  GLU A OE2  1 
ATOM   375  N  N    . LEU A 1 48  ? -13.154 -15.030 10.312  1.00 14.62 ? 48  LEU A N    1 
ATOM   376  C  CA   . LEU A 1 48  ? -14.155 -14.452 9.421   1.00 15.02 ? 48  LEU A CA   1 
ATOM   377  C  C    . LEU A 1 48  ? -14.918 -13.329 10.099  1.00 13.58 ? 48  LEU A C    1 
ATOM   378  O  O    . LEU A 1 48  ? -15.205 -12.298 9.484   1.00 13.79 ? 48  LEU A O    1 
ATOM   379  C  CB   . LEU A 1 48  ? -15.116 -15.532 8.909   1.00 14.98 ? 48  LEU A CB   1 
ATOM   380  C  CG   . LEU A 1 48  ? -14.460 -16.497 7.917   1.00 12.47 ? 48  LEU A CG   1 
ATOM   381  C  CD1  . LEU A 1 48  ? -15.330 -17.721 7.711   1.00 17.23 ? 48  LEU A CD1  1 
ATOM   382  C  CD2  . LEU A 1 48  ? -14.154 -15.786 6.593   1.00 10.80 ? 48  LEU A CD2  1 
ATOM   383  N  N    . GLN A 1 49  ? -15.238 -13.524 11.376  1.00 12.87 ? 49  GLN A N    1 
ATOM   384  C  CA   . GLN A 1 49  ? -15.976 -12.522 12.141  1.00 12.06 ? 49  GLN A CA   1 
ATOM   385  C  C    . GLN A 1 49  ? -15.153 -11.246 12.323  1.00 12.47 ? 49  GLN A C    1 
ATOM   386  O  O    . GLN A 1 49  ? -15.711 -10.157 12.315  1.00 12.69 ? 49  GLN A O    1 
ATOM   387  C  CB   . GLN A 1 49  ? -16.411 -13.079 13.503  1.00 13.05 ? 49  GLN A CB   1 
ATOM   388  C  CG   . GLN A 1 49  ? -17.447 -12.227 14.212  1.00 26.81 ? 49  GLN A CG   1 
ATOM   389  C  CD   . GLN A 1 49  ? -18.704 -12.071 13.379  1.00 36.09 ? 49  GLN A CD   1 
ATOM   390  O  OE1  . GLN A 1 49  ? -19.360 -13.058 13.035  1.00 33.62 ? 49  GLN A OE1  1 
ATOM   391  N  NE2  . GLN A 1 49  ? -19.031 -10.834 13.024  1.00 24.33 ? 49  GLN A NE2  1 
ATOM   392  N  N    . ASP A 1 50  ? -13.836 -11.384 12.465  1.00 12.33 ? 50  ASP A N    1 
ATOM   393  C  CA   . ASP A 1 50  ? -12.948 -10.228 12.592  1.00 16.02 ? 50  ASP A CA   1 
ATOM   394  C  C    . ASP A 1 50  ? -12.935 -9.420  11.287  1.00 13.62 ? 50  ASP A C    1 
ATOM   395  O  O    . ASP A 1 50  ? -12.896 -8.182  11.302  1.00 13.26 ? 50  ASP A O    1 
ATOM   396  C  CB   . ASP A 1 50  ? -11.520 -10.674 12.929  1.00 15.49 ? 50  ASP A CB   1 
ATOM   397  C  CG   . ASP A 1 50  ? -11.355 -11.082 14.385  1.00 17.36 ? 50  ASP A CG   1 
ATOM   398  O  OD1  . ASP A 1 50  ? -12.182 -10.683 15.229  1.00 24.21 ? 50  ASP A OD1  1 
ATOM   399  O  OD2  . ASP A 1 50  ? -10.377 -11.790 14.684  1.00 25.92 ? 50  ASP A OD2  1 
ATOM   400  N  N    . MET A 1 51  ? -12.941 -10.138 10.167  1.00 12.55 ? 51  MET A N    1 
ATOM   401  C  CA   . MET A 1 51  ? -12.980 -9.517  8.841   1.00 20.05 ? 51  MET A CA   1 
ATOM   402  C  C    . MET A 1 51  ? -14.295 -8.772  8.602   1.00 12.40 ? 51  MET A C    1 
ATOM   403  O  O    . MET A 1 51  ? -14.304 -7.614  8.162   1.00 16.99 ? 51  MET A O    1 
ATOM   404  C  CB   . MET A 1 51  ? -12.744 -10.568 7.747   1.00 12.34 ? 51  MET A CB   1 
ATOM   405  C  CG   . MET A 1 51  ? -11.387 -11.268 7.835   1.00 18.03 ? 51  MET A CG   1 
ATOM   406  S  SD   . MET A 1 51  ? -11.208 -12.492 6.521   1.00 27.41 ? 51  MET A SD   1 
ATOM   407  C  CE   . MET A 1 51  ? -9.710  -13.352 7.004   1.00 29.00 ? 51  MET A CE   1 
ATOM   408  N  N    . ILE A 1 52  ? -15.412 -9.422  8.902   1.00 8.63  ? 52  ILE A N    1 
ATOM   409  C  CA   . ILE A 1 52  ? -16.702 -8.747  8.834   1.00 11.86 ? 52  ILE A CA   1 
ATOM   410  C  C    . ILE A 1 52  ? -16.768 -7.549  9.787   1.00 16.45 ? 52  ILE A C    1 
ATOM   411  O  O    . ILE A 1 52  ? -17.173 -6.448  9.398   1.00 14.76 ? 52  ILE A O    1 
ATOM   412  C  CB   . ILE A 1 52  ? -17.864 -9.719  9.144   1.00 14.80 ? 52  ILE A CB   1 
ATOM   413  C  CG1  . ILE A 1 52  ? -17.914 -10.840 8.109   1.00 12.95 ? 52  ILE A CG1  1 
ATOM   414  C  CG2  . ILE A 1 52  ? -19.191 -8.977  9.191   1.00 15.86 ? 52  ILE A CG2  1 
ATOM   415  C  CD1  . ILE A 1 52  ? -18.414 -10.399 6.712   1.00 15.20 ? 52  ILE A CD1  1 
ATOM   416  N  N    . ASN A 1 53  ? -16.352 -7.752  11.033  1.00 12.08 ? 53  ASN A N    1 
ATOM   417  C  CA   . ASN A 1 53  ? -16.409 -6.682  12.024  1.00 16.19 ? 53  ASN A CA   1 
ATOM   418  C  C    . ASN A 1 53  ? -15.693 -5.400  11.621  1.00 11.23 ? 53  ASN A C    1 
ATOM   419  O  O    . ASN A 1 53  ? -16.177 -4.302  11.882  1.00 18.64 ? 53  ASN A O    1 
ATOM   420  C  CB   . ASN A 1 53  ? -15.881 -7.154  13.379  1.00 15.91 ? 53  ASN A CB   1 
ATOM   421  C  CG   . ASN A 1 53  ? -16.878 -8.017  14.121  1.00 15.88 ? 53  ASN A CG   1 
ATOM   422  O  OD1  . ASN A 1 53  ? -18.019 -8.165  13.699  1.00 19.98 ? 53  ASN A OD1  1 
ATOM   423  N  ND2  . ASN A 1 53  ? -16.449 -8.583  15.241  1.00 17.43 ? 53  ASN A ND2  1 
ATOM   424  N  N    . GLU A 1 54  ? -14.538 -5.515  10.990  1.00 12.87 ? 54  GLU A N    1 
ATOM   425  C  CA   . GLU A 1 54  ? -13.812 -4.297  10.630  1.00 19.72 ? 54  GLU A CA   1 
ATOM   426  C  C    . GLU A 1 54  ? -14.421 -3.506  9.467   1.00 21.40 ? 54  GLU A C    1 
ATOM   427  O  O    . GLU A 1 54  ? -14.130 -2.325  9.309   1.00 21.53 ? 54  GLU A O    1 
ATOM   428  C  CB   . GLU A 1 54  ? -12.321 -4.569  10.408  1.00 26.73 ? 54  GLU A CB   1 
ATOM   429  C  CG   . GLU A 1 54  ? -11.994 -5.435  9.238   1.00 24.34 ? 54  GLU A CG   1 
ATOM   430  C  CD   . GLU A 1 54  ? -10.493 -5.630  9.091   1.00 48.63 ? 54  GLU A CD   1 
ATOM   431  O  OE1  . GLU A 1 54  ? -9.801  -4.664  8.698   1.00 40.28 ? 54  GLU A OE1  1 
ATOM   432  O  OE2  . GLU A 1 54  ? -10.006 -6.744  9.388   1.00 45.45 ? 54  GLU A OE2  1 
ATOM   433  N  N    . VAL A 1 55  ? -15.282 -4.158  8.685   1.00 13.46 ? 55  VAL A N    1 
ATOM   434  C  CA   . VAL A 1 55  ? -16.007 -3.521  7.576   1.00 14.31 ? 55  VAL A CA   1 
ATOM   435  C  C    . VAL A 1 55  ? -17.403 -3.081  8.010   1.00 17.30 ? 55  VAL A C    1 
ATOM   436  O  O    . VAL A 1 55  ? -17.989 -2.179  7.415   1.00 16.07 ? 55  VAL A O    1 
ATOM   437  C  CB   . VAL A 1 55  ? -16.182 -4.505  6.384   1.00 14.32 ? 55  VAL A CB   1 
ATOM   438  C  CG1  . VAL A 1 55  ? -16.834 -3.815  5.185   1.00 18.27 ? 55  VAL A CG1  1 
ATOM   439  C  CG2  . VAL A 1 55  ? -14.857 -5.109  5.987   1.00 24.43 ? 55  VAL A CG2  1 
ATOM   440  N  N    . ASP A 1 56  ? -17.933 -3.730  9.047   1.00 13.91 ? 56  ASP A N    1 
ATOM   441  C  CA   . ASP A 1 56  ? -19.334 -3.572  9.458   1.00 19.24 ? 56  ASP A CA   1 
ATOM   442  C  C    . ASP A 1 56  ? -19.578 -2.302  10.268  1.00 17.93 ? 56  ASP A C    1 
ATOM   443  O  O    . ASP A 1 56  ? -19.742 -2.354  11.488  1.00 17.01 ? 56  ASP A O    1 
ATOM   444  C  CB   . ASP A 1 56  ? -19.769 -4.810  10.251  1.00 14.02 ? 56  ASP A CB   1 
ATOM   445  C  CG   . ASP A 1 56  ? -21.211 -4.743  10.717  1.00 19.42 ? 56  ASP A CG   1 
ATOM   446  O  OD1  . ASP A 1 56  ? -22.002 -3.984  10.129  1.00 19.28 ? 56  ASP A OD1  1 
ATOM   447  O  OD2  . ASP A 1 56  ? -21.548 -5.449  11.696  1.00 16.41 ? 56  ASP A OD2  1 
ATOM   448  N  N    . ALA A 1 57  ? -19.636 -1.167  9.576   1.00 16.74 ? 57  ALA A N    1 
ATOM   449  C  CA   . ALA A 1 57  ? -19.696 0.138   10.233  1.00 22.06 ? 57  ALA A CA   1 
ATOM   450  C  C    . ALA A 1 57  ? -20.891 0.333   11.180  1.00 23.22 ? 57  ALA A C    1 
ATOM   451  O  O    . ALA A 1 57  ? -20.772 1.033   12.184  1.00 27.07 ? 57  ALA A O    1 
ATOM   452  C  CB   . ALA A 1 57  ? -19.642 1.262   9.198   1.00 18.59 ? 57  ALA A CB   1 
ATOM   453  N  N    . ASP A 1 58  ? -22.033 -0.281  10.878  1.00 22.01 ? 58  ASP A N    1 
ATOM   454  C  CA   . ASP A 1 58  ? -23.214 -0.090  11.725  1.00 24.23 ? 58  ASP A CA   1 
ATOM   455  C  C    . ASP A 1 58  ? -23.434 -1.230  12.726  1.00 21.87 ? 58  ASP A C    1 
ATOM   456  O  O    . ASP A 1 58  ? -24.416 -1.236  13.462  1.00 25.34 ? 58  ASP A O    1 
ATOM   457  C  CB   . ASP A 1 58  ? -24.480 0.155   10.885  1.00 25.73 ? 58  ASP A CB   1 
ATOM   458  C  CG   . ASP A 1 58  ? -24.924 -1.074  10.111  1.00 24.86 ? 58  ASP A CG   1 
ATOM   459  O  OD1  . ASP A 1 58  ? -24.401 -2.176  10.379  1.00 19.77 ? 58  ASP A OD1  1 
ATOM   460  O  OD2  . ASP A 1 58  ? -25.809 -0.940  9.237   1.00 27.69 ? 58  ASP A OD2  1 
ATOM   461  N  N    . GLY A 1 59  ? -22.526 -2.200  12.728  1.00 23.97 ? 59  GLY A N    1 
ATOM   462  C  CA   . GLY A 1 59  ? -22.549 -3.286  13.691  1.00 22.87 ? 59  GLY A CA   1 
ATOM   463  C  C    . GLY A 1 59  ? -23.763 -4.202  13.689  1.00 27.41 ? 59  GLY A C    1 
ATOM   464  O  O    . GLY A 1 59  ? -24.077 -4.811  14.711  1.00 21.18 ? 59  GLY A O    1 
ATOM   465  N  N    . ASN A 1 60  ? -24.448 -4.328  12.557  1.00 18.83 ? 60  ASN A N    1 
ATOM   466  C  CA   . ASN A 1 60  ? -25.606 -5.217  12.515  1.00 14.75 ? 60  ASN A CA   1 
ATOM   467  C  C    . ASN A 1 60  ? -25.243 -6.654  12.147  1.00 16.44 ? 60  ASN A C    1 
ATOM   468  O  O    . ASN A 1 60  ? -26.118 -7.509  12.025  1.00 24.65 ? 60  ASN A O    1 
ATOM   469  C  CB   . ASN A 1 60  ? -26.708 -4.668  11.597  1.00 27.66 ? 60  ASN A CB   1 
ATOM   470  C  CG   . ASN A 1 60  ? -26.368 -4.811  10.119  1.00 20.70 ? 60  ASN A CG   1 
ATOM   471  O  OD1  . ASN A 1 60  ? -25.202 -4.961  9.753   1.00 14.25 ? 60  ASN A OD1  1 
ATOM   472  N  ND2  . ASN A 1 60  ? -27.389 -4.764  9.266   1.00 19.78 ? 60  ASN A ND2  1 
ATOM   473  N  N    . GLY A 1 61  ? -23.952 -6.913  11.956  1.00 18.05 ? 61  GLY A N    1 
ATOM   474  C  CA   . GLY A 1 61  ? -23.477 -8.269  11.745  1.00 21.53 ? 61  GLY A CA   1 
ATOM   475  C  C    . GLY A 1 61  ? -23.242 -8.688  10.301  1.00 17.04 ? 61  GLY A C    1 
ATOM   476  O  O    . GLY A 1 61  ? -22.623 -9.717  10.050  1.00 12.38 ? 61  GLY A O    1 
ATOM   477  N  N    . THR A 1 62  ? -23.733 -7.902  9.351   1.00 13.56 ? 62  THR A N    1 
ATOM   478  C  CA   . THR A 1 62  ? -23.516 -8.211  7.940   1.00 14.58 ? 62  THR A CA   1 
ATOM   479  C  C    . THR A 1 62  ? -23.027 -6.964  7.201   1.00 13.42 ? 62  THR A C    1 
ATOM   480  O  O    . THR A 1 62  ? -23.129 -5.853  7.725   1.00 13.65 ? 62  THR A O    1 
ATOM   481  C  CB   . THR A 1 62  ? -24.803 -8.690  7.253   1.00 14.85 ? 62  THR A CB   1 
ATOM   482  O  OG1  . THR A 1 62  ? -25.786 -7.656  7.322   1.00 14.21 ? 62  THR A OG1  1 
ATOM   483  C  CG2  . THR A 1 62  ? -25.350 -9.983  7.888   1.00 15.30 ? 62  THR A CG2  1 
ATOM   484  N  N    . ILE A 1 63  ? -22.511 -7.161  5.990   1.00 10.70 ? 63  ILE A N    1 
ATOM   485  C  CA   A ILE A 1 63  ? -21.986 -6.067  5.176   0.39 9.86  ? 63  ILE A CA   1 
ATOM   486  C  CA   B ILE A 1 63  ? -21.982 -6.065  5.178   0.61 9.82  ? 63  ILE A CA   1 
ATOM   487  C  C    . ILE A 1 63  ? -22.952 -5.713  4.048   1.00 14.17 ? 63  ILE A C    1 
ATOM   488  O  O    . ILE A 1 63  ? -23.275 -6.560  3.203   1.00 13.04 ? 63  ILE A O    1 
ATOM   489  C  CB   A ILE A 1 63  ? -20.620 -6.426  4.562   0.39 9.72  ? 63  ILE A CB   1 
ATOM   490  C  CB   B ILE A 1 63  ? -20.602 -6.419  4.582   0.61 9.69  ? 63  ILE A CB   1 
ATOM   491  C  CG1  A ILE A 1 63  ? -19.638 -6.862  5.653   0.39 11.17 ? 63  ILE A CG1  1 
ATOM   492  C  CG1  B ILE A 1 63  ? -19.633 -6.866  5.687   0.61 11.16 ? 63  ILE A CG1  1 
ATOM   493  C  CG2  A ILE A 1 63  ? -20.059 -5.251  3.767   0.39 11.39 ? 63  ILE A CG2  1 
ATOM   494  C  CG2  B ILE A 1 63  ? -20.033 -5.240  3.795   0.61 11.39 ? 63  ILE A CG2  1 
ATOM   495  C  CD1  A ILE A 1 63  ? -18.248 -7.155  5.139   0.39 10.30 ? 63  ILE A CD1  1 
ATOM   496  C  CD1  B ILE A 1 63  ? -19.331 -5.793  6.729   0.61 8.92  ? 63  ILE A CD1  1 
ATOM   497  N  N    . ASP A 1 64  ? -23.424 -4.468  4.046   1.00 12.92 ? 64  ASP A N    1 
ATOM   498  C  CA   . ASP A 1 64  ? -24.270 -3.962  2.968   1.00 12.59 ? 64  ASP A CA   1 
ATOM   499  C  C    . ASP A 1 64  ? -23.407 -3.249  1.919   1.00 12.47 ? 64  ASP A C    1 
ATOM   500  O  O    . ASP A 1 64  ? -22.204 -3.099  2.102   1.00 12.05 ? 64  ASP A O    1 
ATOM   501  C  CB   . ASP A 1 64  ? -25.393 -3.057  3.506   1.00 13.16 ? 64  ASP A CB   1 
ATOM   502  C  CG   . ASP A 1 64  ? -24.882 -1.833  4.263   1.00 19.35 ? 64  ASP A CG   1 
ATOM   503  O  OD1  . ASP A 1 64  ? -23.801 -1.281  3.945   1.00 18.33 ? 64  ASP A OD1  1 
ATOM   504  O  OD2  . ASP A 1 64  ? -25.593 -1.398  5.189   1.00 21.46 ? 64  ASP A OD2  1 
ATOM   505  N  N    . PHE A 1 65  ? -24.012 -2.853  0.808   1.00 12.02 ? 65  PHE A N    1 
ATOM   506  C  CA   . PHE A 1 65  ? -23.254 -2.266  -0.295  1.00 10.72 ? 65  PHE A CA   1 
ATOM   507  C  C    . PHE A 1 65  ? -22.476 -1.010  0.101   1.00 8.18  ? 65  PHE A C    1 
ATOM   508  O  O    . PHE A 1 65  ? -21.288 -0.901  -0.206  1.00 11.62 ? 65  PHE A O    1 
ATOM   509  C  CB   . PHE A 1 65  ? -24.167 -1.988  -1.497  1.00 12.55 ? 65  PHE A CB   1 
ATOM   510  C  CG   . PHE A 1 65  ? -23.457 -1.353  -2.658  1.00 13.60 ? 65  PHE A CG   1 
ATOM   511  C  CD1  . PHE A 1 65  ? -22.631 -2.107  -3.470  1.00 13.04 ? 65  PHE A CD1  1 
ATOM   512  C  CD2  . PHE A 1 65  ? -23.621 -0.005  -2.941  1.00 17.97 ? 65  PHE A CD2  1 
ATOM   513  C  CE1  . PHE A 1 65  ? -21.968 -1.523  -4.541  1.00 18.63 ? 65  PHE A CE1  1 
ATOM   514  C  CE2  . PHE A 1 65  ? -22.959 0.582   -4.014  1.00 17.08 ? 65  PHE A CE2  1 
ATOM   515  C  CZ   . PHE A 1 65  ? -22.134 -0.183  -4.810  1.00 20.67 ? 65  PHE A CZ   1 
ATOM   516  N  N    . PRO A 1 66  ? -23.139 -0.047  0.771   1.00 11.22 ? 66  PRO A N    1 
ATOM   517  C  CA   . PRO A 1 66  ? -22.401 1.160   1.181   1.00 16.75 ? 66  PRO A CA   1 
ATOM   518  C  C    . PRO A 1 66  ? -21.182 0.815   2.034   1.00 15.21 ? 66  PRO A C    1 
ATOM   519  O  O    . PRO A 1 66  ? -20.120 1.383   1.811   1.00 11.90 ? 66  PRO A O    1 
ATOM   520  C  CB   . PRO A 1 66  ? -23.426 1.946   2.006   1.00 11.16 ? 66  PRO A CB   1 
ATOM   521  C  CG   . PRO A 1 66  ? -24.761 1.454   1.537   1.00 14.70 ? 66  PRO A CG   1 
ATOM   522  C  CD   . PRO A 1 66  ? -24.565 0.017   1.147   1.00 21.35 ? 66  PRO A CD   1 
ATOM   523  N  N    . GLU A 1 67  ? -21.325 -0.099  2.996   1.00 12.64 ? 67  GLU A N    1 
ATOM   524  C  CA   . GLU A 1 67  ? -20.178 -0.530  3.807   1.00 10.62 ? 67  GLU A CA   1 
ATOM   525  C  C    . GLU A 1 67  ? -19.089 -1.164  2.933   1.00 11.62 ? 67  GLU A C    1 
ATOM   526  O  O    . GLU A 1 67  ? -17.890 -0.905  3.105   1.00 12.51 ? 67  GLU A O    1 
ATOM   527  C  CB   . GLU A 1 67  ? -20.624 -1.513  4.905   1.00 10.40 ? 67  GLU A CB   1 
ATOM   528  C  CG   . GLU A 1 67  ? -21.373 -0.841  6.050   1.00 13.22 ? 67  GLU A CG   1 
ATOM   529  C  CD   . GLU A 1 67  ? -22.089 -1.821  6.965   1.00 16.92 ? 67  GLU A CD   1 
ATOM   530  O  OE1  . GLU A 1 67  ? -22.254 -3.003  6.591   1.00 12.92 ? 67  GLU A OE1  1 
ATOM   531  O  OE2  . GLU A 1 67  ? -22.507 -1.402  8.062   1.00 16.02 ? 67  GLU A OE2  1 
ATOM   532  N  N    . PHE A 1 68  ? -19.519 -1.998  1.998   1.00 7.95  ? 68  PHE A N    1 
ATOM   533  C  CA   . PHE A 1 68  ? -18.603 -2.702  1.116   1.00 11.07 ? 68  PHE A CA   1 
ATOM   534  C  C    . PHE A 1 68  ? -17.836 -1.727  0.223   1.00 13.32 ? 68  PHE A C    1 
ATOM   535  O  O    . PHE A 1 68  ? -16.609 -1.793  0.133   1.00 10.72 ? 68  PHE A O    1 
ATOM   536  C  CB   . PHE A 1 68  ? -19.366 -3.710  0.255   1.00 9.18  ? 68  PHE A CB   1 
ATOM   537  C  CG   . PHE A 1 68  ? -18.498 -4.448  -0.730  1.00 11.69 ? 68  PHE A CG   1 
ATOM   538  C  CD1  . PHE A 1 68  ? -17.881 -5.629  -0.364  1.00 8.51  ? 68  PHE A CD1  1 
ATOM   539  C  CD2  . PHE A 1 68  ? -18.323 -3.972  -2.027  1.00 12.71 ? 68  PHE A CD2  1 
ATOM   540  C  CE1  . PHE A 1 68  ? -17.080 -6.322  -1.271  1.00 13.28 ? 68  PHE A CE1  1 
ATOM   541  C  CE2  . PHE A 1 68  ? -17.531 -4.660  -2.937  1.00 15.29 ? 68  PHE A CE2  1 
ATOM   542  C  CZ   . PHE A 1 68  ? -16.901 -5.836  -2.551  1.00 16.00 ? 68  PHE A CZ   1 
ATOM   543  N  N    . LEU A 1 69  ? -18.566 -0.837  -0.441  1.00 11.52 ? 69  LEU A N    1 
ATOM   544  C  CA   . LEU A 1 69  ? -17.959 0.140   -1.339  1.00 12.60 ? 69  LEU A CA   1 
ATOM   545  C  C    . LEU A 1 69  ? -17.004 1.069   -0.593  1.00 15.96 ? 69  LEU A C    1 
ATOM   546  O  O    . LEU A 1 69  ? -15.924 1.384   -1.093  1.00 14.99 ? 69  LEU A O    1 
ATOM   547  C  CB   . LEU A 1 69  ? -19.036 0.954   -2.062  1.00 13.08 ? 69  LEU A CB   1 
ATOM   548  C  CG   . LEU A 1 69  ? -18.613 1.992   -3.110  1.00 15.39 ? 69  LEU A CG   1 
ATOM   549  C  CD1  . LEU A 1 69  ? -19.776 2.311   -4.033  1.00 16.29 ? 69  LEU A CD1  1 
ATOM   550  C  CD2  . LEU A 1 69  ? -18.059 3.280   -2.467  1.00 13.19 ? 69  LEU A CD2  1 
ATOM   551  N  N    . THR A 1 70  ? -17.394 1.487   0.609   1.00 14.97 ? 70  THR A N    1 
ATOM   552  C  CA   A THR A 1 70  ? -16.573 2.387   1.417   0.92 17.18 ? 70  THR A CA   1 
ATOM   553  C  CA   B THR A 1 70  ? -16.566 2.397   1.393   0.08 17.01 ? 70  THR A CA   1 
ATOM   554  C  C    . THR A 1 70  ? -15.236 1.754   1.776   1.00 19.28 ? 70  THR A C    1 
ATOM   555  O  O    . THR A 1 70  ? -14.183 2.403   1.723   1.00 17.54 ? 70  THR A O    1 
ATOM   556  C  CB   A THR A 1 70  ? -17.300 2.815   2.707   0.92 11.59 ? 70  THR A CB   1 
ATOM   557  C  CB   B THR A 1 70  ? -17.297 2.910   2.656   0.08 12.06 ? 70  THR A CB   1 
ATOM   558  O  OG1  A THR A 1 70  ? -18.428 3.614   2.357   0.92 14.16 ? 70  THR A OG1  1 
ATOM   559  O  OG1  B THR A 1 70  ? -16.463 3.850   3.344   0.08 18.26 ? 70  THR A OG1  1 
ATOM   560  C  CG2  A THR A 1 70  ? -16.366 3.629   3.600   0.92 18.69 ? 70  THR A CG2  1 
ATOM   561  C  CG2  B THR A 1 70  ? -17.636 1.765   3.588   0.08 14.93 ? 70  THR A CG2  1 
ATOM   562  N  N    . MET A 1 71  ? -15.270 0.479   2.147   1.00 14.58 ? 71  MET A N    1 
ATOM   563  C  CA   A MET A 1 71  ? -14.045 -0.244  2.487   0.64 18.45 ? 71  MET A CA   1 
ATOM   564  C  CA   B MET A 1 71  ? -14.040 -0.231  2.480   0.36 18.48 ? 71  MET A CA   1 
ATOM   565  C  C    . MET A 1 71  ? -13.181 -0.513  1.248   1.00 15.78 ? 71  MET A C    1 
ATOM   566  O  O    . MET A 1 71  ? -11.971 -0.289  1.268   1.00 19.27 ? 71  MET A O    1 
ATOM   567  C  CB   A MET A 1 71  ? -14.386 -1.555  3.198   0.64 21.15 ? 71  MET A CB   1 
ATOM   568  C  CB   B MET A 1 71  ? -14.319 -1.547  3.202   0.36 21.17 ? 71  MET A CB   1 
ATOM   569  C  CG   A MET A 1 71  ? -13.180 -2.314  3.713   0.64 25.76 ? 71  MET A CG   1 
ATOM   570  C  CG   B MET A 1 71  ? -13.038 -2.315  3.507   0.36 25.69 ? 71  MET A CG   1 
ATOM   571  S  SD   A MET A 1 71  ? -12.224 -1.403  4.936   0.64 39.45 ? 71  MET A SD   1 
ATOM   572  S  SD   B MET A 1 71  ? -13.308 -4.038  3.954   0.36 49.30 ? 71  MET A SD   1 
ATOM   573  C  CE   A MET A 1 71  ? -13.474 -1.031  6.167   0.64 30.55 ? 71  MET A CE   1 
ATOM   574  C  CE   B MET A 1 71  ? -14.110 -4.669  2.479   0.36 25.80 ? 71  MET A CE   1 
ATOM   575  N  N    . MET A 1 72  ? -13.814 -1.004  0.182   1.00 16.36 ? 72  MET A N    1 
ATOM   576  C  CA   A MET A 1 72  ? -13.109 -1.317  -1.063  0.68 18.26 ? 72  MET A CA   1 
ATOM   577  C  CA   B MET A 1 72  ? -13.122 -1.310  -1.068  0.32 18.28 ? 72  MET A CA   1 
ATOM   578  C  C    . MET A 1 72  ? -12.438 -0.092  -1.684  1.00 20.67 ? 72  MET A C    1 
ATOM   579  O  O    . MET A 1 72  ? -11.311 -0.180  -2.159  1.00 17.43 ? 72  MET A O    1 
ATOM   580  C  CB   A MET A 1 72  ? -14.043 -1.985  -2.077  0.68 17.97 ? 72  MET A CB   1 
ATOM   581  C  CB   B MET A 1 72  ? -14.091 -1.934  -2.074  0.32 17.96 ? 72  MET A CB   1 
ATOM   582  C  CG   A MET A 1 72  ? -13.373 -2.346  -3.400  0.68 24.72 ? 72  MET A CG   1 
ATOM   583  C  CG   B MET A 1 72  ? -14.502 -3.351  -1.719  0.32 16.40 ? 72  MET A CG   1 
ATOM   584  S  SD   A MET A 1 72  ? -14.295 -3.572  -4.361  0.68 25.55 ? 72  MET A SD   1 
ATOM   585  S  SD   B MET A 1 72  ? -13.070 -4.438  -1.618  0.32 23.91 ? 72  MET A SD   1 
ATOM   586  C  CE   A MET A 1 72  ? -13.500 -3.445  -5.961  0.68 24.95 ? 72  MET A CE   1 
ATOM   587  C  CE   B MET A 1 72  ? -12.519 -4.421  -3.322  0.32 20.52 ? 72  MET A CE   1 
ATOM   588  N  N    . ALA A 1 73  ? -13.126 1.047   -1.677  1.00 12.96 ? 73  ALA A N    1 
ATOM   589  C  CA   . ALA A 1 73  ? -12.535 2.270   -2.211  1.00 18.20 ? 73  ALA A CA   1 
ATOM   590  C  C    . ALA A 1 73  ? -11.314 2.711   -1.390  1.00 23.69 ? 73  ALA A C    1 
ATOM   591  O  O    . ALA A 1 73  ? -10.309 3.147   -1.950  1.00 14.31 ? 73  ALA A O    1 
ATOM   592  C  CB   . ALA A 1 73  ? -13.558 3.386   -2.294  1.00 14.48 ? 73  ALA A CB   1 
ATOM   593  N  N    . ARG A 1 74  ? -11.400 2.608   -0.068  1.00 14.87 ? 74  ARG A N    1 
ATOM   594  C  CA   . ARG A 1 74  ? -10.245 2.921   0.784   1.00 19.54 ? 74  ARG A CA   1 
ATOM   595  C  C    . ARG A 1 74  ? -9.061  1.979   0.535   1.00 19.73 ? 74  ARG A C    1 
ATOM   596  O  O    . ARG A 1 74  ? -7.910  2.421   0.470   1.00 25.54 ? 74  ARG A O    1 
ATOM   597  C  CB   . ARG A 1 74  ? -10.648 2.918   2.259   1.00 21.81 ? 74  ARG A CB   1 
ATOM   598  C  CG   . ARG A 1 74  ? -11.688 3.988   2.598   1.00 39.37 ? 74  ARG A CG   1 
ATOM   599  C  CD   . ARG A 1 74  ? -12.176 3.901   4.039   1.00 36.37 ? 74  ARG A CD   1 
ATOM   600  N  NE   . ARG A 1 74  ? -11.071 3.818   4.986   1.00 38.59 ? 74  ARG A NE   1 
ATOM   601  C  CZ   . ARG A 1 74  ? -10.836 2.766   5.760   1.00 44.23 ? 74  ARG A CZ   1 
ATOM   602  N  NH1  . ARG A 1 74  ? -11.642 1.711   5.695   1.00 42.32 ? 74  ARG A NH1  1 
ATOM   603  N  NH2  . ARG A 1 74  ? -9.802  2.772   6.596   1.00 35.31 ? 74  ARG A NH2  1 
ATOM   604  N  N    . LYS A 1 75  ? -9.338  0.683   0.407   1.00 17.10 ? 75  LYS A N    1 
ATOM   605  C  CA   . LYS A 1 75  ? -8.306  -0.303  0.096   1.00 21.69 ? 75  LYS A CA   1 
ATOM   606  C  C    . LYS A 1 75  ? -7.675  -0.041  -1.262  1.00 21.29 ? 75  LYS A C    1 
ATOM   607  O  O    . LYS A 1 75  ? -6.475  -0.225  -1.426  1.00 21.09 ? 75  LYS A O    1 
ATOM   608  C  CB   . LYS A 1 75  ? -8.875  -1.721  0.099   1.00 29.50 ? 75  LYS A CB   1 
ATOM   609  C  CG   . LYS A 1 75  ? -9.334  -2.227  1.451   1.00 40.20 ? 75  LYS A CG   1 
ATOM   610  C  CD   . LYS A 1 75  ? -9.978  -3.605  1.309   1.00 47.47 ? 75  LYS A CD   1 
ATOM   611  C  CE   . LYS A 1 75  ? -8.955  -4.684  0.983   1.00 58.52 ? 75  LYS A CE   1 
ATOM   612  N  NZ   . LYS A 1 75  ? -8.003  -4.925  2.110   1.00 65.84 ? 75  LYS A NZ   1 
ATOM   613  N  N    . MET A 1 76  ? -8.491  0.348   -2.243  1.00 19.62 ? 76  MET A N    1 
ATOM   614  C  CA   . MET A 1 76  ? -7.985  0.659   -3.583  1.00 20.37 ? 76  MET A CA   1 
ATOM   615  C  C    . MET A 1 76  ? -7.024  1.845   -3.531  1.00 17.09 ? 76  MET A C    1 
ATOM   616  O  O    . MET A 1 76  ? -5.996  1.858   -4.220  1.00 20.19 ? 76  MET A O    1 
ATOM   617  C  CB   . MET A 1 76  ? -9.126  0.940   -4.572  1.00 17.49 ? 76  MET A CB   1 
ATOM   618  C  CG   . MET A 1 76  ? -9.792  -0.311  -5.144  1.00 35.13 ? 76  MET A CG   1 
ATOM   619  S  SD   . MET A 1 76  ? -11.341 0.036   -6.028  1.00 46.31 ? 76  MET A SD   1 
ATOM   620  C  CE   . MET A 1 76  ? -10.905 1.521   -6.947  1.00 29.09 ? 76  MET A CE   1 
ATOM   621  N  N    . LYS A 1 77  ? -7.351  2.839   -2.717  1.00 11.49 ? 77  LYS A N    1 
ATOM   622  C  CA   . LYS A 1 77  ? -6.476  4.000   -2.597  1.00 18.94 ? 77  LYS A CA   1 
ATOM   623  C  C    . LYS A 1 77  ? -5.141  3.631   -1.941  1.00 19.58 ? 77  LYS A C    1 
ATOM   624  O  O    . LYS A 1 77  ? -4.086  4.117   -2.360  1.00 13.97 ? 77  LYS A O    1 
ATOM   625  C  CB   . LYS A 1 77  ? -7.164  5.134   -1.840  1.00 26.52 ? 77  LYS A CB   1 
ATOM   626  C  CG   . LYS A 1 77  ? -8.291  5.801   -2.620  1.00 28.20 ? 77  LYS A CG   1 
ATOM   627  C  CD   . LYS A 1 77  ? -9.043  6.802   -1.748  1.00 36.92 ? 77  LYS A CD   1 
ATOM   628  C  CE   . LYS A 1 77  ? -10.382 7.176   -2.365  1.00 42.36 ? 77  LYS A CE   1 
ATOM   629  N  NZ   . LYS A 1 77  ? -11.248 7.904   -1.390  1.00 56.96 ? 77  LYS A NZ   1 
ATOM   630  N  N    . ASP A 1 78  ? -5.191  2.781   -0.914  1.00 25.39 ? 78  ASP A N    1 
ATOM   631  C  CA   . ASP A 1 78  ? -3.974  2.286   -0.266  1.00 22.92 ? 78  ASP A CA   1 
ATOM   632  C  C    . ASP A 1 78  ? -3.099  1.480   -1.219  1.00 18.44 ? 78  ASP A C    1 
ATOM   633  O  O    . ASP A 1 78  ? -1.872  1.597   -1.207  1.00 17.30 ? 78  ASP A O    1 
ATOM   634  C  CB   . ASP A 1 78  ? -4.312  1.421   0.945   1.00 24.63 ? 78  ASP A CB   1 
ATOM   635  C  CG   . ASP A 1 78  ? -4.964  2.208   2.056   1.00 35.93 ? 78  ASP A CG   1 
ATOM   636  O  OD1  . ASP A 1 78  ? -4.935  3.457   2.007   1.00 42.60 ? 78  ASP A OD1  1 
ATOM   637  O  OD2  . ASP A 1 78  ? -5.505  1.570   2.979   1.00 41.16 ? 78  ASP A OD2  1 
ATOM   638  N  N    . THR A 1 79  ? -3.740  0.640   -2.024  1.00 16.38 ? 79  THR A N    1 
ATOM   639  C  CA   . THR A 1 79  ? -3.050  -0.199  -3.001  1.00 17.83 ? 79  THR A CA   1 
ATOM   640  C  C    . THR A 1 79  ? -2.395  0.617   -4.123  1.00 17.70 ? 79  THR A C    1 
ATOM   641  O  O    . THR A 1 79  ? -1.281  0.312   -4.553  1.00 15.98 ? 79  THR A O    1 
ATOM   642  C  CB   . THR A 1 79  ? -4.014  -1.239  -3.613  1.00 23.23 ? 79  THR A CB   1 
ATOM   643  O  OG1  . THR A 1 79  ? -4.336  -2.223  -2.620  1.00 28.31 ? 79  THR A OG1  1 
ATOM   644  C  CG2  . THR A 1 79  ? -3.359  -1.931  -4.805  1.00 26.59 ? 79  THR A CG2  1 
ATOM   645  N  N    . ASP A 1 80  ? -3.098  1.648   -4.580  1.00 14.75 ? 80  ASP A N    1 
ATOM   646  C  CA   . ASP A 1 80  ? -2.580  2.602   -5.564  1.00 17.65 ? 80  ASP A CA   1 
ATOM   647  C  C    . ASP A 1 80  ? -1.362  3.329   -4.980  1.00 15.41 ? 80  ASP A C    1 
ATOM   648  O  O    . ASP A 1 80  ? -0.315  3.426   -5.621  1.00 14.42 ? 80  ASP A O    1 
ATOM   649  C  CB   . ASP A 1 80  ? -3.685  3.604   -5.940  1.00 19.85 ? 80  ASP A CB   1 
ATOM   650  C  CG   . ASP A 1 80  ? -3.259  4.596   -7.027  1.00 35.60 ? 80  ASP A CG   1 
ATOM   651  O  OD1  . ASP A 1 80  ? -2.137  5.143   -6.962  1.00 34.04 ? 80  ASP A OD1  1 
ATOM   652  O  OD2  . ASP A 1 80  ? -4.061  4.837   -7.956  1.00 48.43 ? 80  ASP A OD2  1 
ATOM   653  N  N    . SER A 1 81  ? -1.507  3.824   -3.756  1.00 14.59 ? 81  SER A N    1 
ATOM   654  C  CA   . SER A 1 81  ? -0.436  4.567   -3.093  1.00 15.59 ? 81  SER A CA   1 
ATOM   655  C  C    . SER A 1 81  ? 0.820   3.708   -2.886  1.00 18.31 ? 81  SER A C    1 
ATOM   656  O  O    . SER A 1 81  ? 1.936   4.137   -3.186  1.00 18.28 ? 81  SER A O    1 
ATOM   657  C  CB   . SER A 1 81  ? -0.931  5.127   -1.757  1.00 18.24 ? 81  SER A CB   1 
ATOM   658  O  OG   . SER A 1 81  ? 0.052   5.946   -1.149  1.00 27.04 ? 81  SER A OG   1 
ATOM   659  N  N    . GLU A 1 82  ? 0.620   2.494   -2.383  1.00 13.17 ? 82  GLU A N    1 
ATOM   660  C  CA   . GLU A 1 82  ? 1.690   1.514   -2.206  1.00 21.80 ? 82  GLU A CA   1 
ATOM   661  C  C    . GLU A 1 82  ? 2.421   1.157   -3.505  1.00 16.58 ? 82  GLU A C    1 
ATOM   662  O  O    . GLU A 1 82  ? 3.641   0.998   -3.514  1.00 14.11 ? 82  GLU A O    1 
ATOM   663  C  CB   . GLU A 1 82  ? 1.120   0.240   -1.575  1.00 23.41 ? 82  GLU A CB   1 
ATOM   664  C  CG   . GLU A 1 82  ? 2.057   -0.968  -1.606  1.00 35.43 ? 82  GLU A CG   1 
ATOM   665  C  CD   . GLU A 1 82  ? 2.843   -1.132  -0.313  1.00 46.71 ? 82  GLU A CD   1 
ATOM   666  O  OE1  . GLU A 1 82  ? 2.677   -0.288  0.593   1.00 49.58 ? 82  GLU A OE1  1 
ATOM   667  O  OE2  . GLU A 1 82  ? 3.624   -2.104  -0.200  1.00 38.66 ? 82  GLU A OE2  1 
ATOM   668  N  N    . GLU A 1 83  ? 1.667   1.013   -4.589  1.00 13.38 ? 83  GLU A N    1 
ATOM   669  C  CA   . GLU A 1 83  ? 2.231   0.744   -5.911  1.00 17.43 ? 83  GLU A CA   1 
ATOM   670  C  C    . GLU A 1 83  ? 3.094   1.909   -6.398  1.00 12.32 ? 83  GLU A C    1 
ATOM   671  O  O    . GLU A 1 83  ? 4.113   1.699   -7.052  1.00 11.35 ? 83  GLU A O    1 
ATOM   672  C  CB   . GLU A 1 83  ? 1.113   0.448   -6.917  1.00 23.74 ? 83  GLU A CB   1 
ATOM   673  C  CG   . GLU A 1 83  ? 1.563   0.352   -8.373  1.00 27.92 ? 83  GLU A CG   1 
ATOM   674  C  CD   . GLU A 1 83  ? 2.595   -0.748  -8.617  1.00 43.51 ? 83  GLU A CD   1 
ATOM   675  O  OE1  . GLU A 1 83  ? 2.585   -1.767  -7.885  1.00 32.00 ? 83  GLU A OE1  1 
ATOM   676  O  OE2  . GLU A 1 83  ? 3.419   -0.589  -9.547  1.00 29.37 ? 83  GLU A OE2  1 
ATOM   677  N  N    . GLU A 1 84  ? 2.695   3.136   -6.078  1.00 14.14 ? 84  GLU A N    1 
ATOM   678  C  CA   . GLU A 1 84  ? 3.515   4.297   -6.441  1.00 17.13 ? 84  GLU A CA   1 
ATOM   679  C  C    . GLU A 1 84  ? 4.845   4.277   -5.672  1.00 13.85 ? 84  GLU A C    1 
ATOM   680  O  O    . GLU A 1 84  ? 5.893   4.648   -6.207  1.00 11.76 ? 84  GLU A O    1 
ATOM   681  C  CB   . GLU A 1 84  ? 2.762   5.613   -6.208  1.00 14.67 ? 84  GLU A CB   1 
ATOM   682  C  CG   . GLU A 1 84  ? 1.609   5.848   -7.169  1.00 20.59 ? 84  GLU A CG   1 
ATOM   683  C  CD   . GLU A 1 84  ? 2.076   5.911   -8.607  1.00 42.29 ? 84  GLU A CD   1 
ATOM   684  O  OE1  . GLU A 1 84  ? 3.031   6.665   -8.884  1.00 47.84 ? 84  GLU A OE1  1 
ATOM   685  O  OE2  . GLU A 1 84  ? 1.508   5.190   -9.455  1.00 47.31 ? 84  GLU A OE2  1 
ATOM   686  N  N    . ILE A 1 85  ? 4.797   3.827   -4.420  1.00 14.29 ? 85  ILE A N    1 
ATOM   687  C  CA   . ILE A 1 85  ? 6.001   3.722   -3.589  1.00 12.82 ? 85  ILE A CA   1 
ATOM   688  C  C    . ILE A 1 85  ? 6.918   2.595   -4.072  1.00 13.58 ? 85  ILE A C    1 
ATOM   689  O  O    . ILE A 1 85  ? 8.150   2.736   -4.097  1.00 10.95 ? 85  ILE A O    1 
ATOM   690  C  CB   . ILE A 1 85  ? 5.631   3.482   -2.109  1.00 11.17 ? 85  ILE A CB   1 
ATOM   691  C  CG1  . ILE A 1 85  ? 4.917   4.718   -1.539  1.00 15.13 ? 85  ILE A CG1  1 
ATOM   692  C  CG2  . ILE A 1 85  ? 6.878   3.144   -1.282  1.00 14.33 ? 85  ILE A CG2  1 
ATOM   693  C  CD1  . ILE A 1 85  ? 4.307   4.505   -0.166  1.00 14.05 ? 85  ILE A CD1  1 
ATOM   694  N  N    . ARG A 1 86  ? 6.312   1.468   -4.425  1.00 10.34 ? 86  ARG A N    1 
ATOM   695  C  CA   . ARG A 1 86  ? 7.044   0.327   -4.982  1.00 8.47  ? 86  ARG A CA   1 
ATOM   696  C  C    . ARG A 1 86  ? 7.731   0.693   -6.297  1.00 11.13 ? 86  ARG A C    1 
ATOM   697  O  O    . ARG A 1 86  ? 8.847   0.250   -6.548  1.00 10.56 ? 86  ARG A O    1 
ATOM   698  C  CB   . ARG A 1 86  ? 6.109   -0.870  -5.212  1.00 12.84 ? 86  ARG A CB   1 
ATOM   699  C  CG   . ARG A 1 86  ? 5.681   -1.541  -3.930  1.00 15.91 ? 86  ARG A CG   1 
ATOM   700  C  CD   . ARG A 1 86  ? 5.242   -2.989  -4.100  1.00 12.85 ? 86  ARG A CD   1 
ATOM   701  N  NE   . ARG A 1 86  ? 4.736   -3.461  -2.823  1.00 23.07 ? 86  ARG A NE   1 
ATOM   702  C  CZ   . ARG A 1 86  ? 4.679   -4.732  -2.435  1.00 24.51 ? 86  ARG A CZ   1 
ATOM   703  N  NH1  . ARG A 1 86  ? 5.109   -5.705  -3.224  1.00 21.43 ? 86  ARG A NH1  1 
ATOM   704  N  NH2  . ARG A 1 86  ? 4.197   -5.022  -1.236  1.00 19.87 ? 86  ARG A NH2  1 
ATOM   705  N  N    . GLU A 1 87  ? 7.061   1.480   -7.141  1.00 10.05 ? 87  GLU A N    1 
ATOM   706  C  CA   . GLU A 1 87  ? 7.647   1.901   -8.411  1.00 14.72 ? 87  GLU A CA   1 
ATOM   707  C  C    . GLU A 1 87  ? 8.884   2.775   -8.172  1.00 15.20 ? 87  GLU A C    1 
ATOM   708  O  O    . GLU A 1 87  ? 9.920   2.557   -8.798  1.00 9.65  ? 87  GLU A O    1 
ATOM   709  C  CB   . GLU A 1 87  ? 6.633   2.610   -9.323  1.00 12.73 ? 87  GLU A CB   1 
ATOM   710  C  CG   . GLU A 1 87  ? 5.538   1.665   -9.838  1.00 24.79 ? 87  GLU A CG   1 
ATOM   711  C  CD   . GLU A 1 87  ? 4.558   2.313   -10.805 1.00 28.85 ? 87  GLU A CD   1 
ATOM   712  O  OE1  . GLU A 1 87  ? 4.779   3.474   -11.216 1.00 25.09 ? 87  GLU A OE1  1 
ATOM   713  O  OE2  . GLU A 1 87  ? 3.560   1.641   -11.157 1.00 28.14 ? 87  GLU A OE2  1 
ATOM   714  N  N    . ALA A 1 88  ? 8.769   3.740   -7.261  1.00 12.54 ? 88  ALA A N    1 
ATOM   715  C  CA   . ALA A 1 88  ? 9.906   4.585   -6.869  1.00 13.13 ? 88  ALA A CA   1 
ATOM   716  C  C    . ALA A 1 88  ? 11.068  3.747   -6.341  1.00 12.66 ? 88  ALA A C    1 
ATOM   717  O  O    . ALA A 1 88  ? 12.227  4.006   -6.669  1.00 9.86  ? 88  ALA A O    1 
ATOM   718  C  CB   . ALA A 1 88  ? 9.483   5.605   -5.818  1.00 9.70  ? 88  ALA A CB   1 
ATOM   719  N  N    . PHE A 1 89  ? 10.756  2.754   -5.512  1.00 13.06 ? 89  PHE A N    1 
ATOM   720  C  CA   . PHE A 1 89  ? 11.782  1.870   -4.970  1.00 11.97 ? 89  PHE A CA   1 
ATOM   721  C  C    . PHE A 1 89  ? 12.531  1.113   -6.067  1.00 13.39 ? 89  PHE A C    1 
ATOM   722  O  O    . PHE A 1 89  ? 13.761  1.048   -6.040  1.00 11.50 ? 89  PHE A O    1 
ATOM   723  C  CB   . PHE A 1 89  ? 11.223  0.889   -3.928  1.00 12.31 ? 89  PHE A CB   1 
ATOM   724  C  CG   . PHE A 1 89  ? 12.295  0.065   -3.246  1.00 14.88 ? 89  PHE A CG   1 
ATOM   725  C  CD1  . PHE A 1 89  ? 12.893  0.508   -2.073  1.00 12.63 ? 89  PHE A CD1  1 
ATOM   726  C  CD2  . PHE A 1 89  ? 12.740  -1.127  -3.809  1.00 15.48 ? 89  PHE A CD2  1 
ATOM   727  C  CE1  . PHE A 1 89  ? 13.892  -0.238  -1.452  1.00 11.03 ? 89  PHE A CE1  1 
ATOM   728  C  CE2  . PHE A 1 89  ? 13.735  -1.870  -3.204  1.00 15.26 ? 89  PHE A CE2  1 
ATOM   729  C  CZ   . PHE A 1 89  ? 14.312  -1.434  -2.026  1.00 12.63 ? 89  PHE A CZ   1 
ATOM   730  N  N    . ARG A 1 90  ? 11.802  0.547   -7.028  1.00 9.69  ? 90  ARG A N    1 
ATOM   731  C  CA   . ARG A 1 90  ? 12.439  -0.143  -8.155  1.00 18.71 ? 90  ARG A CA   1 
ATOM   732  C  C    . ARG A 1 90  ? 13.324  0.793   -8.968  1.00 13.67 ? 90  ARG A C    1 
ATOM   733  O  O    . ARG A 1 90  ? 14.369  0.390   -9.475  1.00 11.35 ? 90  ARG A O    1 
ATOM   734  C  CB   . ARG A 1 90  ? 11.397  -0.775  -9.084  1.00 13.23 ? 90  ARG A CB   1 
ATOM   735  C  CG   . ARG A 1 90  ? 10.755  -2.046  -8.525  1.00 16.73 ? 90  ARG A CG   1 
ATOM   736  C  CD   . ARG A 1 90  ? 9.977   -2.794  -9.611  1.00 16.99 ? 90  ARG A CD   1 
ATOM   737  N  NE   . ARG A 1 90  ? 8.811   -2.053  -10.082 1.00 16.61 ? 90  ARG A NE   1 
ATOM   738  C  CZ   . ARG A 1 90  ? 7.597   -2.129  -9.534  1.00 17.63 ? 90  ARG A CZ   1 
ATOM   739  N  NH1  . ARG A 1 90  ? 7.388   -2.905  -8.480  1.00 17.52 ? 90  ARG A NH1  1 
ATOM   740  N  NH2  . ARG A 1 90  ? 6.598   -1.418  -10.029 1.00 16.32 ? 90  ARG A NH2  1 
ATOM   741  N  N    . VAL A 1 91  ? 12.894  2.042   -9.118  1.00 11.54 ? 91  VAL A N    1 
ATOM   742  C  CA   . VAL A 1 91  ? 13.700  3.014   -9.849  1.00 14.59 ? 91  VAL A CA   1 
ATOM   743  C  C    . VAL A 1 91  ? 14.984  3.324   -9.078  1.00 14.94 ? 91  VAL A C    1 
ATOM   744  O  O    . VAL A 1 91  ? 16.086  3.318   -9.652  1.00 11.57 ? 91  VAL A O    1 
ATOM   745  C  CB   . VAL A 1 91  ? 12.903  4.297   -10.172 1.00 10.55 ? 91  VAL A CB   1 
ATOM   746  C  CG1  . VAL A 1 91  ? 13.841  5.442   -10.555 1.00 20.39 ? 91  VAL A CG1  1 
ATOM   747  C  CG2  . VAL A 1 91  ? 11.915  4.019   -11.296 1.00 13.98 ? 91  VAL A CG2  1 
ATOM   748  N  N    . PHE A 1 92  ? 14.856  3.548   -7.774  1.00 9.36  ? 92  PHE A N    1 
ATOM   749  C  CA   . PHE A 1 92  ? 16.030  3.847   -6.955  1.00 14.93 ? 92  PHE A CA   1 
ATOM   750  C  C    . PHE A 1 92  ? 16.990  2.659   -6.829  1.00 16.47 ? 92  PHE A C    1 
ATOM   751  O  O    . PHE A 1 92  ? 18.209  2.840   -6.772  1.00 11.83 ? 92  PHE A O    1 
ATOM   752  C  CB   . PHE A 1 92  ? 15.612  4.370   -5.570  1.00 10.48 ? 92  PHE A CB   1 
ATOM   753  C  CG   . PHE A 1 92  ? 14.793  5.637   -5.619  1.00 13.42 ? 92  PHE A CG   1 
ATOM   754  C  CD1  . PHE A 1 92  ? 14.799  6.447   -6.747  1.00 11.36 ? 92  PHE A CD1  1 
ATOM   755  C  CD2  . PHE A 1 92  ? 14.031  6.020   -4.533  1.00 14.59 ? 92  PHE A CD2  1 
ATOM   756  C  CE1  . PHE A 1 92  ? 14.044  7.606   -6.796  1.00 14.65 ? 92  PHE A CE1  1 
ATOM   757  C  CE2  . PHE A 1 92  ? 13.278  7.175   -4.561  1.00 12.15 ? 92  PHE A CE2  1 
ATOM   758  C  CZ   . PHE A 1 92  ? 13.279  7.978   -5.695  1.00 16.74 ? 92  PHE A CZ   1 
ATOM   759  N  N    . ASP A 1 93  ? 16.436  1.450   -6.791  1.00 11.01 ? 93  ASP A N    1 
ATOM   760  C  CA   . ASP A 1 93  ? 17.231  0.235   -6.632  1.00 14.13 ? 93  ASP A CA   1 
ATOM   761  C  C    . ASP A 1 93  ? 17.770  -0.197  -8.007  1.00 16.17 ? 93  ASP A C    1 
ATOM   762  O  O    . ASP A 1 93  ? 17.243  -1.106  -8.646  1.00 14.02 ? 93  ASP A O    1 
ATOM   763  C  CB   . ASP A 1 93  ? 16.387  -0.866  -5.985  1.00 13.88 ? 93  ASP A CB   1 
ATOM   764  C  CG   . ASP A 1 93  ? 17.098  -2.215  -5.952  1.00 19.46 ? 93  ASP A CG   1 
ATOM   765  O  OD1  . ASP A 1 93  ? 18.340  -2.245  -6.059  1.00 17.71 ? 93  ASP A OD1  1 
ATOM   766  O  OD2  . ASP A 1 93  ? 16.413  -3.249  -5.829  1.00 16.93 ? 93  ASP A OD2  1 
ATOM   767  N  N    . LYS A 1 94  ? 18.835  0.464   -8.449  1.00 15.87 ? 94  LYS A N    1 
ATOM   768  C  CA   . LYS A 1 94  ? 19.257  0.362   -9.848  1.00 18.37 ? 94  LYS A CA   1 
ATOM   769  C  C    . LYS A 1 94  ? 19.644  -1.054  -10.298 1.00 16.30 ? 94  LYS A C    1 
ATOM   770  O  O    . LYS A 1 94  ? 19.346  -1.456  -11.430 1.00 17.15 ? 94  LYS A O    1 
ATOM   771  C  CB   . LYS A 1 94  ? 20.356  1.387   -10.160 1.00 22.74 ? 94  LYS A CB   1 
ATOM   772  C  CG   . LYS A 1 94  ? 21.704  1.078   -9.561  1.00 41.10 ? 94  LYS A CG   1 
ATOM   773  C  CD   . LYS A 1 94  ? 22.726  2.162   -9.905  1.00 63.31 ? 94  LYS A CD   1 
ATOM   774  C  CE   . LYS A 1 94  ? 24.138  1.727   -9.523  1.00 46.24 ? 94  LYS A CE   1 
ATOM   775  N  NZ   . LYS A 1 94  ? 24.903  2.811   -8.853  1.00 37.79 ? 94  LYS A NZ   1 
ATOM   776  N  N    . ASP A 1 95  ? 20.290  -1.819  -9.421  1.00 18.97 ? 95  ASP A N    1 
ATOM   777  C  CA   . ASP A 1 95  ? 20.704  -3.175  -9.778  1.00 18.12 ? 95  ASP A CA   1 
ATOM   778  C  C    . ASP A 1 95  ? 19.619  -4.221  -9.483  1.00 25.11 ? 95  ASP A C    1 
ATOM   779  O  O    . ASP A 1 95  ? 19.811  -5.413  -9.722  1.00 22.75 ? 95  ASP A O    1 
ATOM   780  C  CB   . ASP A 1 95  ? 22.061  -3.548  -9.148  1.00 18.98 ? 95  ASP A CB   1 
ATOM   781  C  CG   . ASP A 1 95  ? 22.001  -3.695  -7.637  1.00 23.68 ? 95  ASP A CG   1 
ATOM   782  O  OD1  . ASP A 1 95  ? 20.889  -3.710  -7.056  1.00 16.39 ? 95  ASP A OD1  1 
ATOM   783  O  OD2  . ASP A 1 95  ? 23.088  -3.817  -7.030  1.00 21.18 ? 95  ASP A OD2  1 
ATOM   784  N  N    . GLY A 1 96  ? 18.473  -3.764  -8.980  1.00 19.74 ? 96  GLY A N    1 
ATOM   785  C  CA   . GLY A 1 96  ? 17.315  -4.630  -8.788  1.00 16.64 ? 96  GLY A CA   1 
ATOM   786  C  C    . GLY A 1 96  ? 17.437  -5.695  -7.709  1.00 23.74 ? 96  GLY A C    1 
ATOM   787  O  O    . GLY A 1 96  ? 16.638  -6.641  -7.658  1.00 21.85 ? 96  GLY A O    1 
ATOM   788  N  N    . ASN A 1 97  ? 18.419  -5.547  -6.830  1.00 19.54 ? 97  ASN A N    1 
ATOM   789  C  CA   . ASN A 1 97  ? 18.675  -6.582  -5.829  1.00 20.56 ? 97  ASN A CA   1 
ATOM   790  C  C    . ASN A 1 97  ? 17.850  -6.481  -4.536  1.00 20.38 ? 97  ASN A C    1 
ATOM   791  O  O    . ASN A 1 97  ? 18.004  -7.312  -3.635  1.00 19.25 ? 97  ASN A O    1 
ATOM   792  C  CB   . ASN A 1 97  ? 20.173  -6.694  -5.520  1.00 18.53 ? 97  ASN A CB   1 
ATOM   793  C  CG   . ASN A 1 97  ? 20.664  -5.611  -4.573  1.00 20.00 ? 97  ASN A CG   1 
ATOM   794  O  OD1  . ASN A 1 97  ? 20.072  -4.534  -4.467  1.00 18.46 ? 97  ASN A OD1  1 
ATOM   795  N  ND2  . ASN A 1 97  ? 21.759  -5.890  -3.891  1.00 20.26 ? 97  ASN A ND2  1 
ATOM   796  N  N    . GLY A 1 98  ? 16.982  -5.472  -4.446  1.00 16.08 ? 98  GLY A N    1 
ATOM   797  C  CA   . GLY A 1 98  ? 16.044  -5.377  -3.333  1.00 20.33 ? 98  GLY A CA   1 
ATOM   798  C  C    . GLY A 1 98  ? 16.499  -4.479  -2.197  1.00 16.68 ? 98  GLY A C    1 
ATOM   799  O  O    . GLY A 1 98  ? 15.790  -4.318  -1.202  1.00 14.01 ? 98  GLY A O    1 
ATOM   800  N  N    . TYR A 1 99  ? 17.684  -3.890  -2.354  1.00 13.40 ? 99  TYR A N    1 
ATOM   801  C  CA   . TYR A 1 99  ? 18.222  -2.949  -1.386  1.00 14.40 ? 99  TYR A CA   1 
ATOM   802  C  C    . TYR A 1 99  ? 18.705  -1.714  -2.118  1.00 17.18 ? 99  TYR A C    1 
ATOM   803  O  O    . TYR A 1 99  ? 19.259  -1.813  -3.205  1.00 15.81 ? 99  TYR A O    1 
ATOM   804  C  CB   . TYR A 1 99  ? 19.411  -3.558  -0.640  1.00 15.60 ? 99  TYR A CB   1 
ATOM   805  C  CG   . TYR A 1 99  ? 19.128  -4.883  0.027   1.00 19.05 ? 99  TYR A CG   1 
ATOM   806  C  CD1  . TYR A 1 99  ? 18.547  -4.940  1.290   1.00 14.60 ? 99  TYR A CD1  1 
ATOM   807  C  CD2  . TYR A 1 99  ? 19.458  -6.078  -0.599  1.00 22.68 ? 99  TYR A CD2  1 
ATOM   808  C  CE1  . TYR A 1 99  ? 18.306  -6.148  1.909   1.00 19.35 ? 99  TYR A CE1  1 
ATOM   809  C  CE2  . TYR A 1 99  ? 19.217  -7.287  0.003   1.00 20.71 ? 99  TYR A CE2  1 
ATOM   810  C  CZ   . TYR A 1 99  ? 18.635  -7.322  1.252   1.00 24.31 ? 99  TYR A CZ   1 
ATOM   811  O  OH   . TYR A 1 99  ? 18.398  -8.532  1.854   1.00 26.71 ? 99  TYR A OH   1 
ATOM   812  N  N    . ILE A 1 100 ? 18.504  -0.548  -1.514  1.00 11.62 ? 100 ILE A N    1 
ATOM   813  C  CA   . ILE A 1 100 ? 19.091  0.670   -2.039  1.00 11.72 ? 100 ILE A CA   1 
ATOM   814  C  C    . ILE A 1 100 ? 20.422  0.880   -1.345  1.00 14.95 ? 100 ILE A C    1 
ATOM   815  O  O    . ILE A 1 100 ? 20.473  1.007   -0.129  1.00 11.33 ? 100 ILE A O    1 
ATOM   816  C  CB   . ILE A 1 100 ? 18.164  1.882   -1.826  1.00 13.73 ? 100 ILE A CB   1 
ATOM   817  C  CG1  . ILE A 1 100 ? 16.881  1.704   -2.638  1.00 12.91 ? 100 ILE A CG1  1 
ATOM   818  C  CG2  . ILE A 1 100 ? 18.882  3.167   -2.226  1.00 12.96 ? 100 ILE A CG2  1 
ATOM   819  C  CD1  . ILE A 1 100 ? 15.791  2.757   -2.312  1.00 14.16 ? 100 ILE A CD1  1 
ATOM   820  N  N    . SER A 1 101 ? 21.507  0.890   -2.115  1.00 14.84 ? 101 SER A N    1 
ATOM   821  C  CA   . SER A 1 101 ? 22.825  1.119   -1.530  1.00 14.01 ? 101 SER A CA   1 
ATOM   822  C  C    . SER A 1 101 ? 23.157  2.606   -1.494  1.00 14.77 ? 101 SER A C    1 
ATOM   823  O  O    . SER A 1 101 ? 22.492  3.420   -2.145  1.00 10.92 ? 101 SER A O    1 
ATOM   824  C  CB   . SER A 1 101 ? 23.899  0.380   -2.321  1.00 13.41 ? 101 SER A CB   1 
ATOM   825  O  OG   . SER A 1 101 ? 24.063  0.988   -3.589  1.00 16.27 ? 101 SER A OG   1 
ATOM   826  N  N    . ALA A 1 102 ? 24.189  2.965   -0.734  1.00 15.21 ? 102 ALA A N    1 
ATOM   827  C  CA   . ALA A 1 102 ? 24.659  4.349   -0.698  1.00 19.27 ? 102 ALA A CA   1 
ATOM   828  C  C    . ALA A 1 102 ? 25.017  4.839   -2.102  1.00 15.68 ? 102 ALA A C    1 
ATOM   829  O  O    . ALA A 1 102 ? 24.698  5.965   -2.477  1.00 14.24 ? 102 ALA A O    1 
ATOM   830  C  CB   . ALA A 1 102 ? 25.872  4.482   0.226   1.00 19.10 ? 102 ALA A CB   1 
ATOM   831  N  N    . ALA A 1 103 ? 25.699  3.989   -2.859  1.00 15.17 ? 103 ALA A N    1 
ATOM   832  C  CA   . ALA A 1 103 ? 26.127  4.351   -4.206  1.00 22.49 ? 103 ALA A CA   1 
ATOM   833  C  C    . ALA A 1 103 ? 24.912  4.580   -5.108  1.00 14.72 ? 103 ALA A C    1 
ATOM   834  O  O    . ALA A 1 103 ? 24.852  5.555   -5.864  1.00 14.91 ? 103 ALA A O    1 
ATOM   835  C  CB   . ALA A 1 103 ? 27.025  3.270   -4.779  1.00 20.64 ? 103 ALA A CB   1 
ATOM   836  N  N    . GLU A 1 104 ? 23.940  3.680   -5.012  1.00 14.72 ? 104 GLU A N    1 
ATOM   837  C  CA   . GLU A 1 104 ? 22.706  3.828   -5.777  1.00 16.34 ? 104 GLU A CA   1 
ATOM   838  C  C    . GLU A 1 104 ? 21.988  5.118   -5.399  1.00 14.52 ? 104 GLU A C    1 
ATOM   839  O  O    . GLU A 1 104 ? 21.529  5.857   -6.269  1.00 13.44 ? 104 GLU A O    1 
ATOM   840  C  CB   . GLU A 1 104 ? 21.799  2.606   -5.602  1.00 13.64 ? 104 GLU A CB   1 
ATOM   841  C  CG   . GLU A 1 104 ? 22.282  1.380   -6.376  1.00 15.35 ? 104 GLU A CG   1 
ATOM   842  C  CD   . GLU A 1 104 ? 21.505  0.118   -6.056  1.00 13.46 ? 104 GLU A CD   1 
ATOM   843  O  OE1  . GLU A 1 104 ? 20.913  0.024   -4.961  1.00 14.50 ? 104 GLU A OE1  1 
ATOM   844  O  OE2  . GLU A 1 104 ? 21.487  -0.797  -6.901  1.00 16.57 ? 104 GLU A OE2  1 
ATOM   845  N  N    . LEU A 1 105 ? 21.900  5.393   -4.101  1.00 16.94 ? 105 LEU A N    1 
ATOM   846  C  CA   . LEU A 1 105 ? 21.264  6.614   -3.623  1.00 11.04 ? 105 LEU A CA   1 
ATOM   847  C  C    . LEU A 1 105 ? 22.021  7.848   -4.118  1.00 14.65 ? 105 LEU A C    1 
ATOM   848  O  O    . LEU A 1 105 ? 21.411  8.838   -4.520  1.00 12.58 ? 105 LEU A O    1 
ATOM   849  C  CB   . LEU A 1 105 ? 21.171  6.608   -2.092  1.00 14.14 ? 105 LEU A CB   1 
ATOM   850  C  CG   . LEU A 1 105 ? 20.720  7.894   -1.390  1.00 14.92 ? 105 LEU A CG   1 
ATOM   851  C  CD1  . LEU A 1 105 ? 19.331  8.300   -1.841  1.00 14.55 ? 105 LEU A CD1  1 
ATOM   852  C  CD2  . LEU A 1 105 ? 20.758  7.698   0.121   1.00 10.80 ? 105 LEU A CD2  1 
ATOM   853  N  N    . ARG A 1 106 ? 23.350  7.786   -4.107  1.00 15.18 ? 106 ARG A N    1 
ATOM   854  C  CA   . ARG A 1 106 ? 24.128  8.911   -4.613  1.00 16.84 ? 106 ARG A CA   1 
ATOM   855  C  C    . ARG A 1 106 ? 23.901  9.147   -6.116  1.00 15.33 ? 106 ARG A C    1 
ATOM   856  O  O    . ARG A 1 106 ? 23.821  10.285  -6.570  1.00 19.81 ? 106 ARG A O    1 
ATOM   857  C  CB   . ARG A 1 106 ? 25.621  8.766   -4.294  1.00 11.85 ? 106 ARG A CB   1 
ATOM   858  C  CG   . ARG A 1 106 ? 26.429  9.998   -4.696  1.00 20.01 ? 106 ARG A CG   1 
ATOM   859  C  CD   . ARG A 1 106 ? 27.811  10.017  -4.068  1.00 19.93 ? 106 ARG A CD   1 
ATOM   860  N  NE   . ARG A 1 106 ? 28.576  8.836   -4.436  1.00 18.24 ? 106 ARG A NE   1 
ATOM   861  C  CZ   . ARG A 1 106 ? 29.212  8.692   -5.590  1.00 23.48 ? 106 ARG A CZ   1 
ATOM   862  N  NH1  . ARG A 1 106 ? 29.171  9.660   -6.501  1.00 29.75 ? 106 ARG A NH1  1 
ATOM   863  N  NH2  . ARG A 1 106 ? 29.877  7.569   -5.838  1.00 31.10 ? 106 ARG A NH2  1 
ATOM   864  N  N    . HIS A 1 107 ? 23.791  8.075   -6.886  1.00 18.47 ? 107 HIS A N    1 
ATOM   865  C  CA   . HIS A 1 107 ? 23.544  8.220   -8.319  1.00 19.46 ? 107 HIS A CA   1 
ATOM   866  C  C    . HIS A 1 107 ? 22.144  8.791   -8.568  1.00 20.61 ? 107 HIS A C    1 
ATOM   867  O  O    . HIS A 1 107 ? 21.960  9.651   -9.435  1.00 20.07 ? 107 HIS A O    1 
ATOM   868  C  CB   . HIS A 1 107 ? 23.734  6.877   -9.033  1.00 21.47 ? 107 HIS A CB   1 
ATOM   869  C  CG   . HIS A 1 107 ? 23.670  6.969   -10.526 1.00 32.67 ? 107 HIS A CG   1 
ATOM   870  N  ND1  . HIS A 1 107 ? 22.770  6.244   -11.278 1.00 36.63 ? 107 HIS A ND1  1 
ATOM   871  C  CD2  . HIS A 1 107 ? 24.390  7.704   -11.408 1.00 31.72 ? 107 HIS A CD2  1 
ATOM   872  C  CE1  . HIS A 1 107 ? 22.939  6.526   -12.558 1.00 28.79 ? 107 HIS A CE1  1 
ATOM   873  N  NE2  . HIS A 1 107 ? 23.917  7.408   -12.664 1.00 39.16 ? 107 HIS A NE2  1 
ATOM   874  N  N    . VAL A 1 108 ? 21.169  8.312   -7.792  1.00 21.14 ? 108 VAL A N    1 
ATOM   875  C  CA   . VAL A 1 108 ? 19.799  8.821   -7.835  1.00 17.23 ? 108 VAL A CA   1 
ATOM   876  C  C    . VAL A 1 108 ? 19.770  10.332  -7.616  1.00 20.79 ? 108 VAL A C    1 
ATOM   877  O  O    . VAL A 1 108 ? 19.163  11.083  -8.384  1.00 17.74 ? 108 VAL A O    1 
ATOM   878  C  CB   . VAL A 1 108 ? 18.932  8.145   -6.760  1.00 21.41 ? 108 VAL A CB   1 
ATOM   879  C  CG1  . VAL A 1 108 ? 17.670  8.946   -6.506  1.00 25.24 ? 108 VAL A CG1  1 
ATOM   880  C  CG2  . VAL A 1 108 ? 18.606  6.714   -7.171  1.00 19.19 ? 108 VAL A CG2  1 
ATOM   881  N  N    . MET A 1 109 ? 20.438  10.775  -6.562  1.00 14.33 ? 109 MET A N    1 
ATOM   882  C  CA   . MET A 1 109 ? 20.533  12.193  -6.274  1.00 15.99 ? 109 MET A CA   1 
ATOM   883  C  C    . MET A 1 109 ? 21.153  12.957  -7.448  1.00 21.20 ? 109 MET A C    1 
ATOM   884  O  O    . MET A 1 109 ? 20.648  14.000  -7.854  1.00 21.62 ? 109 MET A O    1 
ATOM   885  C  CB   . MET A 1 109 ? 21.336  12.408  -4.982  1.00 19.76 ? 109 MET A CB   1 
ATOM   886  C  CG   . MET A 1 109 ? 20.558  12.055  -3.715  1.00 19.27 ? 109 MET A CG   1 
ATOM   887  S  SD   . MET A 1 109 ? 19.059  13.042  -3.577  1.00 25.72 ? 109 MET A SD   1 
ATOM   888  C  CE   . MET A 1 109 ? 18.344  12.414  -2.061  1.00 31.32 ? 109 MET A CE   1 
ATOM   889  N  N    . THR A 1 110 ? 22.245  12.434  -7.994  1.00 22.57 ? 110 THR A N    1 
ATOM   890  C  CA   . THR A 1 110 ? 22.882  13.058  -9.150  1.00 25.06 ? 110 THR A CA   1 
ATOM   891  C  C    . THR A 1 110 ? 21.899  13.263  -10.305 1.00 27.11 ? 110 THR A C    1 
ATOM   892  O  O    . THR A 1 110 ? 21.846  14.341  -10.902 1.00 27.57 ? 110 THR A O    1 
ATOM   893  C  CB   . THR A 1 110 ? 24.096  12.243  -9.638  1.00 23.58 ? 110 THR A CB   1 
ATOM   894  O  OG1  . THR A 1 110 ? 25.183  12.407  -8.714  1.00 23.67 ? 110 THR A OG1  1 
ATOM   895  C  CG2  . THR A 1 110 ? 24.533  12.721  -11.024 1.00 25.41 ? 110 THR A CG2  1 
ATOM   896  N  N    . ASN A 1 111 ? 21.117  12.233  -10.615 1.00 22.99 ? 111 ASN A N    1 
ATOM   897  C  CA   . ASN A 1 111 ? 20.143  12.321  -11.706 1.00 24.56 ? 111 ASN A CA   1 
ATOM   898  C  C    . ASN A 1 111 ? 19.021  13.322  -11.456 1.00 33.17 ? 111 ASN A C    1 
ATOM   899  O  O    . ASN A 1 111 ? 18.382  13.808  -12.397 1.00 33.68 ? 111 ASN A O    1 
ATOM   900  C  CB   . ASN A 1 111 ? 19.572  10.942  -12.030 1.00 26.59 ? 111 ASN A CB   1 
ATOM   901  C  CG   . ASN A 1 111 ? 20.593  10.039  -12.670 1.00 34.16 ? 111 ASN A CG   1 
ATOM   902  O  OD1  . ASN A 1 111 ? 21.641  10.498  -13.121 1.00 36.09 ? 111 ASN A OD1  1 
ATOM   903  N  ND2  . ASN A 1 111 ? 20.300  8.744   -12.717 1.00 40.14 ? 111 ASN A ND2  1 
ATOM   904  N  N    . LEU A 1 112 ? 18.789  13.630  -10.184 1.00 24.67 ? 112 LEU A N    1 
ATOM   905  C  CA   . LEU A 1 112 ? 17.779  14.610  -9.799  1.00 19.92 ? 112 LEU A CA   1 
ATOM   906  C  C    . LEU A 1 112 ? 18.402  15.991  -9.573  1.00 28.32 ? 112 LEU A C    1 
ATOM   907  O  O    . LEU A 1 112 ? 17.751  16.889  -9.036  1.00 36.67 ? 112 LEU A O    1 
ATOM   908  C  CB   . LEU A 1 112 ? 17.043  14.161  -8.535  1.00 27.34 ? 112 LEU A CB   1 
ATOM   909  C  CG   . LEU A 1 112 ? 16.132  12.939  -8.666  1.00 30.43 ? 112 LEU A CG   1 
ATOM   910  C  CD1  . LEU A 1 112 ? 15.750  12.392  -7.297  1.00 31.00 ? 112 LEU A CD1  1 
ATOM   911  C  CD2  . LEU A 1 112 ? 14.895  13.292  -9.483  1.00 29.39 ? 112 LEU A CD2  1 
ATOM   912  N  N    . GLY A 1 113 ? 19.668  16.143  -9.963  1.00 30.11 ? 113 GLY A N    1 
ATOM   913  C  CA   . GLY A 1 113 ? 20.333  17.442  -9.944  1.00 27.74 ? 113 GLY A CA   1 
ATOM   914  C  C    . GLY A 1 113 ? 21.046  17.797  -8.646  1.00 34.85 ? 113 GLY A C    1 
ATOM   915  O  O    . GLY A 1 113 ? 21.433  18.952  -8.432  1.00 34.77 ? 113 GLY A O    1 
ATOM   916  N  N    . GLU A 1 114 ? 21.239  16.808  -7.777  1.00 25.64 ? 114 GLU A N    1 
ATOM   917  C  CA   . GLU A 1 114 ? 21.852  17.065  -6.481  1.00 24.97 ? 114 GLU A CA   1 
ATOM   918  C  C    . GLU A 1 114 ? 23.156  16.286  -6.297  1.00 32.16 ? 114 GLU A C    1 
ATOM   919  O  O    . GLU A 1 114 ? 23.193  15.065  -6.448  1.00 26.70 ? 114 GLU A O    1 
ATOM   920  C  CB   . GLU A 1 114 ? 20.873  16.728  -5.357  1.00 33.18 ? 114 GLU A CB   1 
ATOM   921  C  CG   . GLU A 1 114 ? 20.991  17.630  -4.151  1.00 38.74 ? 114 GLU A CG   1 
ATOM   922  C  CD   . GLU A 1 114 ? 20.488  19.033  -4.426  1.00 45.32 ? 114 GLU A CD   1 
ATOM   923  O  OE1  . GLU A 1 114 ? 19.370  19.170  -4.970  1.00 48.22 ? 114 GLU A OE1  1 
ATOM   924  O  OE2  . GLU A 1 114 ? 21.211  19.997  -4.099  1.00 41.93 ? 114 GLU A OE2  1 
ATOM   925  N  N    . LYS A 1 115 ? 24.225  16.998  -5.964  1.00 17.20 ? 115 LYS A N    1 
ATOM   926  C  CA   . LYS A 1 115 ? 25.500  16.356  -5.754  1.00 20.91 ? 115 LYS A CA   1 
ATOM   927  C  C    . LYS A 1 115 ? 25.737  16.189  -4.249  1.00 22.51 ? 115 LYS A C    1 
ATOM   928  O  O    . LYS A 1 115 ? 25.910  17.172  -3.526  1.00 21.48 ? 115 LYS A O    1 
ATOM   929  C  CB   . LYS A 1 115 ? 26.611  17.172  -6.420  1.00 19.19 ? 115 LYS A CB   1 
ATOM   930  C  CG   . LYS A 1 115 ? 27.987  16.553  -6.321  1.00 45.31 ? 115 LYS A CG   1 
ATOM   931  C  CD   . LYS A 1 115 ? 28.330  15.758  -7.568  1.00 53.88 ? 115 LYS A CD   1 
ATOM   932  C  CE   . LYS A 1 115 ? 29.661  15.037  -7.415  1.00 30.16 ? 115 LYS A CE   1 
ATOM   933  N  NZ   . LYS A 1 115 ? 29.931  14.172  -8.594  1.00 47.13 ? 115 LYS A NZ   1 
ATOM   934  N  N    . LEU A 1 116 ? 25.711  14.940  -3.788  1.00 17.24 ? 116 LEU A N    1 
ATOM   935  C  CA   . LEU A 1 116 ? 26.023  14.599  -2.396  1.00 18.37 ? 116 LEU A CA   1 
ATOM   936  C  C    . LEU A 1 116 ? 27.373  13.901  -2.271  1.00 14.58 ? 116 LEU A C    1 
ATOM   937  O  O    . LEU A 1 116 ? 27.758  13.131  -3.139  1.00 14.67 ? 116 LEU A O    1 
ATOM   938  C  CB   . LEU A 1 116 ? 24.951  13.670  -1.813  1.00 12.05 ? 116 LEU A CB   1 
ATOM   939  C  CG   . LEU A 1 116 ? 23.664  14.327  -1.321  1.00 21.12 ? 116 LEU A CG   1 
ATOM   940  C  CD1  . LEU A 1 116 ? 22.908  14.938  -2.490  1.00 20.49 ? 116 LEU A CD1  1 
ATOM   941  C  CD2  . LEU A 1 116 ? 22.817  13.320  -0.584  1.00 15.75 ? 116 LEU A CD2  1 
ATOM   942  N  N    . THR A 1 117 ? 28.084  14.168  -1.182  1.00 15.34 ? 117 THR A N    1 
ATOM   943  C  CA   . THR A 1 117 ? 29.286  13.411  -0.863  1.00 15.95 ? 117 THR A CA   1 
ATOM   944  C  C    . THR A 1 117 ? 28.913  12.019  -0.311  1.00 12.62 ? 117 THR A C    1 
ATOM   945  O  O    . THR A 1 117 ? 27.765  11.771  0.046   1.00 14.27 ? 117 THR A O    1 
ATOM   946  C  CB   . THR A 1 117 ? 30.149  14.157  0.177   1.00 17.68 ? 117 THR A CB   1 
ATOM   947  O  OG1  . THR A 1 117 ? 29.431  14.247  1.416   1.00 16.66 ? 117 THR A OG1  1 
ATOM   948  C  CG2  . THR A 1 117 ? 30.511  15.576  -0.326  1.00 16.28 ? 117 THR A CG2  1 
ATOM   949  N  N    . ASP A 1 118 ? 29.881  11.114  -0.256  1.00 12.86 ? 118 ASP A N    1 
ATOM   950  C  CA   . ASP A 1 118 ? 29.676  9.803   0.383   1.00 12.68 ? 118 ASP A CA   1 
ATOM   951  C  C    . ASP A 1 118 ? 29.195  9.965   1.820   1.00 14.21 ? 118 ASP A C    1 
ATOM   952  O  O    . ASP A 1 118 ? 28.325  9.234   2.288   1.00 14.00 ? 118 ASP A O    1 
ATOM   953  C  CB   . ASP A 1 118 ? 30.963  8.986   0.364   1.00 13.43 ? 118 ASP A CB   1 
ATOM   954  C  CG   . ASP A 1 118 ? 31.236  8.364   -0.992  1.00 23.83 ? 118 ASP A CG   1 
ATOM   955  O  OD1  . ASP A 1 118 ? 30.287  8.231   -1.796  1.00 20.64 ? 118 ASP A OD1  1 
ATOM   956  O  OD2  . ASP A 1 118 ? 32.396  7.997   -1.247  1.00 19.36 ? 118 ASP A OD2  1 
ATOM   957  N  N    . GLU A 1 119 ? 29.777  10.935  2.513   1.00 15.13 ? 119 GLU A N    1 
ATOM   958  C  CA   A GLU A 1 119 ? 29.385  11.265  3.876   0.55 21.09 ? 119 GLU A CA   1 
ATOM   959  C  CA   B GLU A 1 119 ? 29.386  11.249  3.879   0.45 21.09 ? 119 GLU A CA   1 
ATOM   960  C  C    . GLU A 1 119 ? 27.892  11.559  3.983   1.00 19.43 ? 119 GLU A C    1 
ATOM   961  O  O    . GLU A 1 119 ? 27.206  11.050  4.868   1.00 16.43 ? 119 GLU A O    1 
ATOM   962  C  CB   A GLU A 1 119 ? 30.183  12.474  4.364   0.55 25.88 ? 119 GLU A CB   1 
ATOM   963  C  CB   B GLU A 1 119 ? 30.207  12.431  4.393   0.45 25.86 ? 119 GLU A CB   1 
ATOM   964  C  CG   A GLU A 1 119 ? 29.465  13.303  5.417   0.55 32.18 ? 119 GLU A CG   1 
ATOM   965  C  CG   B GLU A 1 119 ? 29.981  12.764  5.857   0.45 32.15 ? 119 GLU A CG   1 
ATOM   966  C  CD   A GLU A 1 119 ? 29.362  12.589  6.747   0.55 31.64 ? 119 GLU A CD   1 
ATOM   967  C  CD   B GLU A 1 119 ? 30.538  14.124  6.230   0.45 34.47 ? 119 GLU A CD   1 
ATOM   968  O  OE1  A GLU A 1 119 ? 30.352  11.946  7.152   0.55 29.52 ? 119 GLU A OE1  1 
ATOM   969  O  OE1  B GLU A 1 119 ? 30.219  15.113  5.533   0.45 37.28 ? 119 GLU A OE1  1 
ATOM   970  O  OE2  A GLU A 1 119 ? 28.291  12.671  7.387   0.55 37.49 ? 119 GLU A OE2  1 
ATOM   971  O  OE2  B GLU A 1 119 ? 31.297  14.205  7.218   0.45 36.91 ? 119 GLU A OE2  1 
ATOM   972  N  N    . GLU A 1 120 ? 27.389  12.391  3.077   1.00 18.39 ? 120 GLU A N    1 
ATOM   973  C  CA   . GLU A 1 120 ? 25.988  12.797  3.120   1.00 14.96 ? 120 GLU A CA   1 
ATOM   974  C  C    . GLU A 1 120 ? 25.048  11.637  2.795   1.00 13.15 ? 120 GLU A C    1 
ATOM   975  O  O    . GLU A 1 120 ? 24.033  11.462  3.462   1.00 16.91 ? 120 GLU A O    1 
ATOM   976  C  CB   . GLU A 1 120 ? 25.727  13.964  2.166   1.00 16.25 ? 120 GLU A CB   1 
ATOM   977  C  CG   . GLU A 1 120 ? 26.349  15.273  2.604   1.00 22.37 ? 120 GLU A CG   1 
ATOM   978  C  CD   . GLU A 1 120 ? 26.190  16.356  1.551   1.00 33.76 ? 120 GLU A CD   1 
ATOM   979  O  OE1  . GLU A 1 120 ? 26.782  16.212  0.459   1.00 20.93 ? 120 GLU A OE1  1 
ATOM   980  O  OE2  . GLU A 1 120 ? 25.456  17.332  1.805   1.00 32.70 ? 120 GLU A OE2  1 
ATOM   981  N  N    . VAL A 1 121 ? 25.372  10.850  1.772   1.00 10.56 ? 121 VAL A N    1 
ATOM   982  C  CA   A VAL A 1 121 ? 24.558  9.697   1.420   0.36 13.24 ? 121 VAL A CA   1 
ATOM   983  C  CA   B VAL A 1 121 ? 24.522  9.714   1.443   0.64 13.22 ? 121 VAL A CA   1 
ATOM   984  C  C    . VAL A 1 121 ? 24.593  8.634   2.518   1.00 17.86 ? 121 VAL A C    1 
ATOM   985  O  O    . VAL A 1 121 ? 23.597  7.984   2.784   1.00 12.59 ? 121 VAL A O    1 
ATOM   986  C  CB   A VAL A 1 121 ? 25.008  9.056   0.101   0.36 14.11 ? 121 VAL A CB   1 
ATOM   987  C  CB   B VAL A 1 121 ? 24.797  9.092   0.054   0.64 14.21 ? 121 VAL A CB   1 
ATOM   988  C  CG1  A VAL A 1 121 ? 24.128  7.865   -0.219  0.36 12.20 ? 121 VAL A CG1  1 
ATOM   989  C  CG1  B VAL A 1 121 ? 24.491  10.094  -1.056  0.64 20.09 ? 121 VAL A CG1  1 
ATOM   990  C  CG2  A VAL A 1 121 ? 24.961  10.074  -1.032  0.36 19.58 ? 121 VAL A CG2  1 
ATOM   991  C  CG2  B VAL A 1 121 ? 26.215  8.558   -0.041  0.64 12.29 ? 121 VAL A CG2  1 
ATOM   992  N  N    . ASP A 1 122 ? 25.763  8.454   3.138   1.00 11.01 ? 122 ASP A N    1 
ATOM   993  C  CA   . ASP A 1 122 ? 25.897  7.474   4.224   1.00 17.00 ? 122 ASP A CA   1 
ATOM   994  C  C    . ASP A 1 122 ? 24.974  7.825   5.398   1.00 14.69 ? 122 ASP A C    1 
ATOM   995  O  O    . ASP A 1 122 ? 24.323  6.958   5.985   1.00 10.66 ? 122 ASP A O    1 
ATOM   996  C  CB   . ASP A 1 122 ? 27.346  7.362   4.697   1.00 14.45 ? 122 ASP A CB   1 
ATOM   997  C  CG   . ASP A 1 122 ? 28.189  6.471   3.803   1.00 19.78 ? 122 ASP A CG   1 
ATOM   998  O  OD1  . ASP A 1 122 ? 27.649  5.877   2.841   1.00 20.65 ? 122 ASP A OD1  1 
ATOM   999  O  OD2  . ASP A 1 122 ? 29.405  6.359   4.070   1.00 25.19 ? 122 ASP A OD2  1 
ATOM   1000 N  N    . GLU A 1 123 ? 24.922  9.111   5.725   1.00 12.26 ? 123 GLU A N    1 
ATOM   1001 C  CA   . GLU A 1 123 ? 24.000  9.627   6.723   1.00 12.82 ? 123 GLU A CA   1 
ATOM   1002 C  C    . GLU A 1 123 ? 22.537  9.282   6.385   1.00 12.44 ? 123 GLU A C    1 
ATOM   1003 O  O    . GLU A 1 123 ? 21.796  8.806   7.240   1.00 13.31 ? 123 GLU A O    1 
ATOM   1004 C  CB   . GLU A 1 123 ? 24.196  11.143  6.838   1.00 14.94 ? 123 GLU A CB   1 
ATOM   1005 C  CG   . GLU A 1 123 ? 23.395  11.844  7.896   1.00 30.31 ? 123 GLU A CG   1 
ATOM   1006 C  CD   . GLU A 1 123 ? 24.023  13.185  8.276   1.00 53.58 ? 123 GLU A CD   1 
ATOM   1007 O  OE1  . GLU A 1 123 ? 25.176  13.447  7.857   1.00 45.13 ? 123 GLU A OE1  1 
ATOM   1008 O  OE2  . GLU A 1 123 ? 23.371  13.969  8.995   1.00 43.25 ? 123 GLU A OE2  1 
ATOM   1009 N  N    . MET A 1 124 ? 22.128  9.528   5.141   1.00 9.26  ? 124 MET A N    1 
ATOM   1010 C  CA   . MET A 1 124 ? 20.765  9.233   4.698   1.00 12.57 ? 124 MET A CA   1 
ATOM   1011 C  C    . MET A 1 124 ? 20.460  7.763   4.803   1.00 12.36 ? 124 MET A C    1 
ATOM   1012 O  O    . MET A 1 124 ? 19.352  7.385   5.171   1.00 14.39 ? 124 MET A O    1 
ATOM   1013 C  CB   . MET A 1 124 ? 20.534  9.673   3.246   1.00 16.32 ? 124 MET A CB   1 
ATOM   1014 C  CG   . MET A 1 124 ? 20.205  11.136  3.067   1.00 22.41 ? 124 MET A CG   1 
ATOM   1015 S  SD   . MET A 1 124 ? 19.637  11.444  1.371   1.00 21.85 ? 124 MET A SD   1 
ATOM   1016 C  CE   . MET A 1 124 ? 17.912  11.029  1.447   1.00 20.83 ? 124 MET A CE   1 
ATOM   1017 N  N    . ILE A 1 125 ? 21.440  6.929   4.470   1.00 11.62 ? 125 ILE A N    1 
ATOM   1018 C  CA   . ILE A 1 125 ? 21.247  5.487   4.567   1.00 11.31 ? 125 ILE A CA   1 
ATOM   1019 C  C    . ILE A 1 125 ? 21.068  5.083   6.030   1.00 11.10 ? 125 ILE A C    1 
ATOM   1020 O  O    . ILE A 1 125 ? 20.141  4.341   6.379   1.00 11.18 ? 125 ILE A O    1 
ATOM   1021 C  CB   . ILE A 1 125 ? 22.440  4.700   3.984   1.00 9.88  ? 125 ILE A CB   1 
ATOM   1022 C  CG1  . ILE A 1 125 ? 22.579  4.928   2.472   1.00 12.12 ? 125 ILE A CG1  1 
ATOM   1023 C  CG2  . ILE A 1 125 ? 22.280  3.212   4.323   1.00 11.75 ? 125 ILE A CG2  1 
ATOM   1024 C  CD1  . ILE A 1 125 ? 21.439  4.338   1.651   1.00 12.15 ? 125 ILE A CD1  1 
ATOM   1025 N  N    . ARG A 1 126 ? 21.963  5.559   6.894   1.00 11.90 ? 126 ARG A N    1 
ATOM   1026 C  CA   . ARG A 1 126 ? 21.854  5.231   8.322   1.00 12.98 ? 126 ARG A CA   1 
ATOM   1027 C  C    . ARG A 1 126 ? 20.513  5.674   8.904   1.00 9.70  ? 126 ARG A C    1 
ATOM   1028 O  O    . ARG A 1 126 ? 19.920  4.980   9.746   1.00 13.17 ? 126 ARG A O    1 
ATOM   1029 C  CB   . ARG A 1 126 ? 23.005  5.846   9.125   1.00 11.78 ? 126 ARG A CB   1 
ATOM   1030 C  CG   . ARG A 1 126 ? 24.358  5.216   8.843   1.00 10.83 ? 126 ARG A CG   1 
ATOM   1031 C  CD   . ARG A 1 126 ? 25.364  5.501   9.963   1.00 14.41 ? 126 ARG A CD   1 
ATOM   1032 N  NE   . ARG A 1 126 ? 25.505  6.929   10.229  1.00 15.42 ? 126 ARG A NE   1 
ATOM   1033 C  CZ   . ARG A 1 126 ? 26.227  7.776   9.499   1.00 18.19 ? 126 ARG A CZ   1 
ATOM   1034 N  NH1  . ARG A 1 126 ? 26.893  7.345   8.439   1.00 17.89 ? 126 ARG A NH1  1 
ATOM   1035 N  NH2  . ARG A 1 126 ? 26.277  9.066   9.829   1.00 13.11 ? 126 ARG A NH2  1 
ATOM   1036 N  N    . GLU A 1 127 ? 20.041  6.838   8.477   1.00 10.56 ? 127 GLU A N    1 
ATOM   1037 C  CA   . GLU A 1 127 ? 18.753  7.329   8.932   1.00 14.76 ? 127 GLU A CA   1 
ATOM   1038 C  C    . GLU A 1 127 ? 17.648  6.295   8.717   1.00 17.92 ? 127 GLU A C    1 
ATOM   1039 O  O    . GLU A 1 127 ? 16.809  6.085   9.604   1.00 12.79 ? 127 GLU A O    1 
ATOM   1040 C  CB   . GLU A 1 127 ? 18.389  8.627   8.222   1.00 20.96 ? 127 GLU A CB   1 
ATOM   1041 C  CG   . GLU A 1 127 ? 17.411  9.464   9.007   1.00 26.08 ? 127 GLU A CG   1 
ATOM   1042 C  CD   . GLU A 1 127 ? 16.964  10.692  8.251   1.00 47.99 ? 127 GLU A CD   1 
ATOM   1043 O  OE1  . GLU A 1 127 ? 17.315  10.811  7.055   1.00 41.40 ? 127 GLU A OE1  1 
ATOM   1044 O  OE2  . GLU A 1 127 ? 16.268  11.536  8.859   1.00 47.48 ? 127 GLU A OE2  1 
ATOM   1045 N  N    . ALA A 1 128 ? 17.670  5.639   7.553   1.00 10.12 ? 128 ALA A N    1 
ATOM   1046 C  CA   . ALA A 1 128 ? 16.621  4.691   7.164   1.00 11.97 ? 128 ALA A CA   1 
ATOM   1047 C  C    . ALA A 1 128 ? 16.936  3.222   7.484   1.00 19.45 ? 128 ALA A C    1 
ATOM   1048 O  O    . ALA A 1 128 ? 16.047  2.376   7.443   1.00 10.64 ? 128 ALA A O    1 
ATOM   1049 C  CB   . ALA A 1 128 ? 16.330  4.821   5.667   1.00 12.88 ? 128 ALA A CB   1 
ATOM   1050 N  N    . ASP A 1 129 ? 18.199  2.924   7.776   1.00 13.73 ? 129 ASP A N    1 
ATOM   1051 C  CA   . ASP A 1 129 ? 18.667  1.549   7.920   1.00 16.58 ? 129 ASP A CA   1 
ATOM   1052 C  C    . ASP A 1 129 ? 18.335  0.944   9.275   1.00 14.65 ? 129 ASP A C    1 
ATOM   1053 O  O    . ASP A 1 129 ? 19.214  0.732   10.114  1.00 11.91 ? 129 ASP A O    1 
ATOM   1054 C  CB   . ASP A 1 129 ? 20.173  1.479   7.656   1.00 10.54 ? 129 ASP A CB   1 
ATOM   1055 C  CG   . ASP A 1 129 ? 20.711  0.065   7.690   1.00 13.31 ? 129 ASP A CG   1 
ATOM   1056 O  OD1  . ASP A 1 129 ? 19.931  -0.897  7.495   1.00 17.13 ? 129 ASP A OD1  1 
ATOM   1057 O  OD2  . ASP A 1 129 ? 21.931  -0.077  7.905   1.00 17.50 ? 129 ASP A OD2  1 
ATOM   1058 N  N    . ILE A 1 130 ? 17.062  0.644   9.479   1.00 16.82 ? 130 ILE A N    1 
ATOM   1059 C  CA   . ILE A 1 130 ? 16.610  0.142   10.764  1.00 20.32 ? 130 ILE A CA   1 
ATOM   1060 C  C    . ILE A 1 130 ? 17.369  -1.122  11.194  1.00 22.70 ? 130 ILE A C    1 
ATOM   1061 O  O    . ILE A 1 130 ? 17.763  -1.242  12.354  1.00 22.63 ? 130 ILE A O    1 
ATOM   1062 C  CB   . ILE A 1 130 ? 15.084  -0.089  10.760  1.00 22.36 ? 130 ILE A CB   1 
ATOM   1063 C  CG1  . ILE A 1 130 ? 14.357  1.259   10.629  1.00 19.37 ? 130 ILE A CG1  1 
ATOM   1064 C  CG2  . ILE A 1 130 ? 14.652  -0.818  12.015  1.00 27.41 ? 130 ILE A CG2  1 
ATOM   1065 C  CD1  . ILE A 1 130 ? 12.876  1.139   10.409  1.00 27.77 ? 130 ILE A CD1  1 
ATOM   1066 N  N    . ASP A 1 131 ? 17.599  -2.041  10.255  1.00 23.51 ? 131 ASP A N    1 
ATOM   1067 C  CA   . ASP A 1 131 ? 18.185  -3.350  10.578  1.00 25.59 ? 131 ASP A CA   1 
ATOM   1068 C  C    . ASP A 1 131 ? 19.714  -3.405  10.508  1.00 23.82 ? 131 ASP A C    1 
ATOM   1069 O  O    . ASP A 1 131 ? 20.306  -4.458  10.707  1.00 23.87 ? 131 ASP A O    1 
ATOM   1070 C  CB   . ASP A 1 131 ? 17.542  -4.493  9.750   1.00 28.16 ? 131 ASP A CB   1 
ATOM   1071 C  CG   . ASP A 1 131 ? 17.890  -4.431  8.264   1.00 27.90 ? 131 ASP A CG   1 
ATOM   1072 O  OD1  . ASP A 1 131 ? 18.841  -3.723  7.902   1.00 18.75 ? 131 ASP A OD1  1 
ATOM   1073 O  OD2  . ASP A 1 131 ? 17.215  -5.104  7.453   1.00 33.74 ? 131 ASP A OD2  1 
ATOM   1074 N  N    . GLY A 1 132 ? 20.346  -2.266  10.233  1.00 21.44 ? 132 GLY A N    1 
ATOM   1075 C  CA   . GLY A 1 132 ? 21.789  -2.146  10.285  1.00 18.19 ? 132 GLY A CA   1 
ATOM   1076 C  C    . GLY A 1 132 ? 22.609  -2.923  9.265   1.00 24.71 ? 132 GLY A C    1 
ATOM   1077 O  O    . GLY A 1 132 ? 23.799  -3.148  9.482   1.00 19.10 ? 132 GLY A O    1 
ATOM   1078 N  N    . ASP A 1 133 ? 22.006  -3.328  8.151   1.00 19.85 ? 133 ASP A N    1 
ATOM   1079 C  CA   . ASP A 1 133 ? 22.755  -4.116  7.172   1.00 17.27 ? 133 ASP A CA   1 
ATOM   1080 C  C    . ASP A 1 133 ? 23.534  -3.223  6.199   1.00 18.09 ? 133 ASP A C    1 
ATOM   1081 O  O    . ASP A 1 133 ? 24.271  -3.715  5.350   1.00 20.91 ? 133 ASP A O    1 
ATOM   1082 C  CB   . ASP A 1 133 ? 21.861  -5.146  6.453   1.00 19.53 ? 133 ASP A CB   1 
ATOM   1083 C  CG   . ASP A 1 133 ? 20.904  -4.514  5.450   1.00 22.66 ? 133 ASP A CG   1 
ATOM   1084 O  OD1  . ASP A 1 133 ? 20.736  -3.275  5.457   1.00 23.97 ? 133 ASP A OD1  1 
ATOM   1085 O  OD2  . ASP A 1 133 ? 20.293  -5.267  4.663   1.00 22.72 ? 133 ASP A OD2  1 
ATOM   1086 N  N    . GLY A 1 134 ? 23.395  -1.908  6.354   1.00 18.25 ? 134 GLY A N    1 
ATOM   1087 C  CA   . GLY A 1 134 ? 24.146  -0.964  5.549   1.00 18.82 ? 134 GLY A CA   1 
ATOM   1088 C  C    . GLY A 1 134 ? 23.440  -0.526  4.275   1.00 13.32 ? 134 GLY A C    1 
ATOM   1089 O  O    . GLY A 1 134 ? 23.996  0.215   3.466   1.00 16.21 ? 134 GLY A O    1 
ATOM   1090 N  N    . GLN A 1 135 ? 22.211  -0.989  4.085   1.00 14.65 ? 135 GLN A N    1 
ATOM   1091 C  CA   . GLN A 1 135 ? 21.439  -0.545  2.936   1.00 15.78 ? 135 GLN A CA   1 
ATOM   1092 C  C    . GLN A 1 135 ? 19.960  -0.457  3.270   1.00 17.53 ? 135 GLN A C    1 
ATOM   1093 O  O    . GLN A 1 135 ? 19.538  -0.820  4.359   1.00 14.41 ? 135 GLN A O    1 
ATOM   1094 C  CB   . GLN A 1 135 ? 21.712  -1.409  1.699   1.00 17.75 ? 135 GLN A CB   1 
ATOM   1095 C  CG   . GLN A 1 135 ? 21.808  -2.881  1.943   1.00 28.14 ? 135 GLN A CG   1 
ATOM   1096 C  CD   . GLN A 1 135 ? 22.616  -3.558  0.861   1.00 28.35 ? 135 GLN A CD   1 
ATOM   1097 O  OE1  . GLN A 1 135 ? 23.272  -2.897  0.053   1.00 36.28 ? 135 GLN A OE1  1 
ATOM   1098 N  NE2  . GLN A 1 135 ? 22.578  -4.874  0.838   1.00 29.31 ? 135 GLN A NE2  1 
ATOM   1099 N  N    . VAL A 1 136 ? 19.175  0.072   2.352   1.00 11.70 ? 136 VAL A N    1 
ATOM   1100 C  CA   . VAL A 1 136 ? 17.773  0.322   2.650   1.00 7.59  ? 136 VAL A CA   1 
ATOM   1101 C  C    . VAL A 1 136 ? 16.877  -0.641  1.855   1.00 16.00 ? 136 VAL A C    1 
ATOM   1102 O  O    . VAL A 1 136 ? 16.826  -0.569  0.632   1.00 11.91 ? 136 VAL A O    1 
ATOM   1103 C  CB   . VAL A 1 136 ? 17.409  1.784   2.366   1.00 11.49 ? 136 VAL A CB   1 
ATOM   1104 C  CG1  . VAL A 1 136 ? 15.923  2.024   2.626   1.00 12.35 ? 136 VAL A CG1  1 
ATOM   1105 C  CG2  . VAL A 1 136 ? 18.267  2.725   3.241   1.00 11.42 ? 136 VAL A CG2  1 
ATOM   1106 N  N    . ASN A 1 137 ? 16.189  -1.550  2.545   1.00 14.89 ? 137 ASN A N    1 
ATOM   1107 C  CA   . ASN A 1 137 ? 15.267  -2.451  1.848   1.00 13.32 ? 137 ASN A CA   1 
ATOM   1108 C  C    . ASN A 1 137 ? 13.882  -1.818  1.706   1.00 16.09 ? 137 ASN A C    1 
ATOM   1109 O  O    . ASN A 1 137 ? 13.651  -0.710  2.181   1.00 11.76 ? 137 ASN A O    1 
ATOM   1110 C  CB   . ASN A 1 137 ? 15.209  -3.845  2.503   1.00 16.73 ? 137 ASN A CB   1 
ATOM   1111 C  CG   . ASN A 1 137 ? 14.353  -3.885  3.767   1.00 18.08 ? 137 ASN A CG   1 
ATOM   1112 O  OD1  . ASN A 1 137 ? 13.921  -2.854  4.292   1.00 12.02 ? 137 ASN A OD1  1 
ATOM   1113 N  ND2  . ASN A 1 137 ? 14.123  -5.093  4.270   1.00 21.10 ? 137 ASN A ND2  1 
ATOM   1114 N  N    . TYR A 1 138 ? 12.967  -2.497  1.026   1.00 10.50 ? 138 TYR A N    1 
ATOM   1115 C  CA   . TYR A 1 138 ? 11.648  -1.910  0.788   1.00 10.67 ? 138 TYR A CA   1 
ATOM   1116 C  C    . TYR A 1 138 ? 10.884  -1.525  2.061   1.00 11.66 ? 138 TYR A C    1 
ATOM   1117 O  O    . TYR A 1 138 ? 10.287  -0.441  2.137   1.00 14.27 ? 138 TYR A O    1 
ATOM   1118 C  CB   . TYR A 1 138 ? 10.781  -2.815  -0.087  1.00 11.92 ? 138 TYR A CB   1 
ATOM   1119 C  CG   . TYR A 1 138 ? 9.437   -2.203  -0.333  1.00 17.81 ? 138 TYR A CG   1 
ATOM   1120 C  CD1  . TYR A 1 138 ? 9.310   -1.077  -1.138  1.00 15.49 ? 138 TYR A CD1  1 
ATOM   1121 C  CD2  . TYR A 1 138 ? 8.294   -2.719  0.273   1.00 18.61 ? 138 TYR A CD2  1 
ATOM   1122 C  CE1  . TYR A 1 138 ? 8.083   -0.490  -1.352  1.00 15.55 ? 138 TYR A CE1  1 
ATOM   1123 C  CE2  . TYR A 1 138 ? 7.059   -2.141  0.061   1.00 20.45 ? 138 TYR A CE2  1 
ATOM   1124 C  CZ   . TYR A 1 138 ? 6.959   -1.029  -0.754  1.00 24.58 ? 138 TYR A CZ   1 
ATOM   1125 O  OH   . TYR A 1 138 ? 5.735   -0.448  -0.966  1.00 23.46 ? 138 TYR A OH   1 
ATOM   1126 N  N    . GLU A 1 139 ? 10.874  -2.416  3.047   1.00 10.51 ? 139 GLU A N    1 
ATOM   1127 C  CA   . GLU A 1 139 ? 10.200  -2.137  4.303   1.00 14.38 ? 139 GLU A CA   1 
ATOM   1128 C  C    . GLU A 1 139 ? 10.740  -0.852  4.945   1.00 14.29 ? 139 GLU A C    1 
ATOM   1129 O  O    . GLU A 1 139 ? 9.979   -0.007  5.417   1.00 13.23 ? 139 GLU A O    1 
ATOM   1130 C  CB   . GLU A 1 139 ? 10.358  -3.318  5.263   1.00 11.06 ? 139 GLU A CB   1 
ATOM   1131 C  CG   . GLU A 1 139 ? 9.363   -4.461  5.037   1.00 21.32 ? 139 GLU A CG   1 
ATOM   1132 C  CD   . GLU A 1 139 ? 9.782   -5.441  3.940   1.00 20.15 ? 139 GLU A CD   1 
ATOM   1133 O  OE1  . GLU A 1 139 ? 10.749  -5.162  3.190   1.00 20.62 ? 139 GLU A OE1  1 
ATOM   1134 O  OE2  . GLU A 1 139 ? 9.133   -6.501  3.832   1.00 21.05 ? 139 GLU A OE2  1 
ATOM   1135 N  N    . GLU A 1 140 ? 12.059  -0.710  4.955   1.00 14.87 ? 140 GLU A N    1 
ATOM   1136 C  CA   . GLU A 1 140 ? 12.693  0.483   5.517   1.00 10.67 ? 140 GLU A CA   1 
ATOM   1137 C  C    . GLU A 1 140 ? 12.320  1.751   4.733   1.00 12.14 ? 140 GLU A C    1 
ATOM   1138 O  O    . GLU A 1 140 ? 12.050  2.813   5.322   1.00 14.36 ? 140 GLU A O    1 
ATOM   1139 C  CB   . GLU A 1 140 ? 14.212  0.281   5.592   1.00 13.95 ? 140 GLU A CB   1 
ATOM   1140 C  CG   . GLU A 1 140 ? 14.649  -0.691  6.700   1.00 15.33 ? 140 GLU A CG   1 
ATOM   1141 C  CD   . GLU A 1 140 ? 16.088  -1.187  6.539   1.00 16.77 ? 140 GLU A CD   1 
ATOM   1142 O  OE1  . GLU A 1 140 ? 16.693  -0.961  5.476   1.00 16.85 ? 140 GLU A OE1  1 
ATOM   1143 O  OE2  . GLU A 1 140 ? 16.621  -1.812  7.479   1.00 15.56 ? 140 GLU A OE2  1 
ATOM   1144 N  N    . PHE A 1 141 ? 12.290  1.627   3.407   1.00 10.91 ? 141 PHE A N    1 
ATOM   1145 C  CA   . PHE A 1 141 ? 11.887  2.713   2.509   1.00 14.35 ? 141 PHE A CA   1 
ATOM   1146 C  C    . PHE A 1 141 ? 10.458  3.160   2.825   1.00 12.40 ? 141 PHE A C    1 
ATOM   1147 O  O    . PHE A 1 141 ? 10.184  4.351   3.007   1.00 13.26 ? 141 PHE A O    1 
ATOM   1148 C  CB   . PHE A 1 141 ? 11.983  2.235   1.057   1.00 12.12 ? 141 PHE A CB   1 
ATOM   1149 C  CG   . PHE A 1 141 ? 11.773  3.312   0.032   1.00 11.79 ? 141 PHE A CG   1 
ATOM   1150 C  CD1  . PHE A 1 141 ? 12.747  4.282   -0.195  1.00 13.15 ? 141 PHE A CD1  1 
ATOM   1151 C  CD2  . PHE A 1 141 ? 10.627  3.327   -0.751  1.00 10.71 ? 141 PHE A CD2  1 
ATOM   1152 C  CE1  . PHE A 1 141 ? 12.560  5.267   -1.164  1.00 13.75 ? 141 PHE A CE1  1 
ATOM   1153 C  CE2  . PHE A 1 141 ? 10.437  4.295   -1.718  1.00 13.84 ? 141 PHE A CE2  1 
ATOM   1154 C  CZ   . PHE A 1 141 ? 11.411  5.270   -1.936  1.00 11.72 ? 141 PHE A CZ   1 
ATOM   1155 N  N    . VAL A 1 142 ? 9.549   2.196   2.888   1.00 16.80 ? 142 VAL A N    1 
ATOM   1156 C  CA   . VAL A 1 142 ? 8.140   2.489   3.124   1.00 18.35 ? 142 VAL A CA   1 
ATOM   1157 C  C    . VAL A 1 142 ? 7.914   3.161   4.469   1.00 18.28 ? 142 VAL A C    1 
ATOM   1158 O  O    . VAL A 1 142 ? 7.087   4.060   4.587   1.00 20.98 ? 142 VAL A O    1 
ATOM   1159 C  CB   . VAL A 1 142 ? 7.292   1.215   3.048   1.00 20.89 ? 142 VAL A CB   1 
ATOM   1160 C  CG1  . VAL A 1 142 ? 5.957   1.431   3.738   1.00 27.58 ? 142 VAL A CG1  1 
ATOM   1161 C  CG2  . VAL A 1 142 ? 7.109   0.816   1.596   1.00 18.83 ? 142 VAL A CG2  1 
ATOM   1162 N  N    . GLN A 1 143 ? 8.648   2.706   5.477   1.00 15.69 ? 143 GLN A N    1 
ATOM   1163 C  CA   . GLN A 1 143 ? 8.630   3.327   6.795   1.00 20.99 ? 143 GLN A CA   1 
ATOM   1164 C  C    . GLN A 1 143 ? 8.964   4.833   6.746   1.00 25.47 ? 143 GLN A C    1 
ATOM   1165 O  O    . GLN A 1 143 ? 8.437   5.619   7.533   1.00 18.35 ? 143 GLN A O    1 
ATOM   1166 C  CB   . GLN A 1 143 ? 9.614   2.600   7.716   1.00 21.16 ? 143 GLN A CB   1 
ATOM   1167 C  CG   . GLN A 1 143 ? 9.437   2.909   9.192   1.00 38.53 ? 143 GLN A CG   1 
ATOM   1168 C  CD   . GLN A 1 143 ? 8.534   1.910   9.886   1.00 58.56 ? 143 GLN A CD   1 
ATOM   1169 O  OE1  . GLN A 1 143 ? 7.474   2.266   10.404  1.00 55.44 ? 143 GLN A OE1  1 
ATOM   1170 N  NE2  . GLN A 1 143 ? 8.952   0.648   9.903   1.00 57.98 ? 143 GLN A NE2  1 
ATOM   1171 N  N    . MET A 1 144 ? 9.844   5.226   5.829   1.00 17.73 ? 144 MET A N    1 
ATOM   1172 C  CA   A MET A 1 144 ? 10.225  6.631   5.668   0.47 20.55 ? 144 MET A CA   1 
ATOM   1173 C  CA   B MET A 1 144 ? 10.220  6.632   5.660   0.53 20.55 ? 144 MET A CA   1 
ATOM   1174 C  C    . MET A 1 144 ? 9.183   7.443   4.893   1.00 21.16 ? 144 MET A C    1 
ATOM   1175 O  O    . MET A 1 144 ? 9.235   8.675   4.876   1.00 24.96 ? 144 MET A O    1 
ATOM   1176 C  CB   A MET A 1 144 ? 11.585  6.743   4.969   0.47 15.88 ? 144 MET A CB   1 
ATOM   1177 C  CB   B MET A 1 144 ? 11.566  6.746   4.944   0.53 15.86 ? 144 MET A CB   1 
ATOM   1178 C  CG   A MET A 1 144 ? 12.752  6.198   5.773   0.47 17.04 ? 144 MET A CG   1 
ATOM   1179 C  CG   B MET A 1 144 ? 12.746  6.711   5.873   0.53 20.61 ? 144 MET A CG   1 
ATOM   1180 S  SD   A MET A 1 144 ? 13.037  7.150   7.283   0.47 27.20 ? 144 MET A SD   1 
ATOM   1181 S  SD   B MET A 1 144 ? 12.647  8.030   7.103   0.53 20.27 ? 144 MET A SD   1 
ATOM   1182 C  CE   A MET A 1 144 ? 12.920  8.821   6.643   0.47 15.64 ? 144 MET A CE   1 
ATOM   1183 C  CE   B MET A 1 144 ? 14.261  7.836   7.863   0.53 16.68 ? 144 MET A CE   1 
ATOM   1184 N  N    . MET A 1 145 ? 8.255   6.746   4.243   1.00 23.70 ? 145 MET A N    1 
ATOM   1185 C  CA   . MET A 1 145 ? 7.196   7.373   3.459   1.00 23.09 ? 145 MET A CA   1 
ATOM   1186 C  C    . MET A 1 145 ? 5.922   7.455   4.279   1.00 35.48 ? 145 MET A C    1 
ATOM   1187 O  O    . MET A 1 145 ? 5.003   8.193   3.939   1.00 36.47 ? 145 MET A O    1 
ATOM   1188 C  CB   . MET A 1 145 ? 6.892   6.548   2.201   1.00 24.85 ? 145 MET A CB   1 
ATOM   1189 C  CG   . MET A 1 145 ? 8.090   6.297   1.316   1.00 26.52 ? 145 MET A CG   1 
ATOM   1190 S  SD   . MET A 1 145 ? 8.856   7.847   0.819   1.00 30.85 ? 145 MET A SD   1 
ATOM   1191 C  CE   . MET A 1 145 ? 10.543  7.328   0.548   1.00 22.54 ? 145 MET A CE   1 
ATOM   1192 N  N    . THR A 1 146 ? 5.872   6.671   5.351   1.00 38.37 ? 146 THR A N    1 
ATOM   1193 C  CA   . THR A 1 146 ? 4.661   6.521   6.147   1.00 48.79 ? 146 THR A CA   1 
ATOM   1194 C  C    . THR A 1 146 ? 4.979   6.565   7.640   1.00 52.39 ? 146 THR A C    1 
ATOM   1195 O  O    . THR A 1 146 ? 5.720   7.436   8.104   1.00 59.90 ? 146 THR A O    1 
ATOM   1196 C  CB   . THR A 1 146 ? 3.942   5.192   5.819   1.00 47.65 ? 146 THR A CB   1 
ATOM   1197 O  OG1  . THR A 1 146 ? 4.808   4.089   6.123   1.00 43.32 ? 146 THR A OG1  1 
ATOM   1198 C  CG2  . THR A 1 146 ? 3.559   5.134   4.344   1.00 40.92 ? 146 THR A CG2  1 
ATOM   1199 N  N    . HIS B 2 1   ? 28.694  27.065  10.430  1.00 27.40 ? 69  HIS G N    1 
ATOM   1200 C  CA   . HIS B 2 1   ? 27.891  26.775  9.247   1.00 34.33 ? 69  HIS G CA   1 
ATOM   1201 C  C    . HIS B 2 1   ? 27.748  25.272  9.065   1.00 30.27 ? 69  HIS G C    1 
ATOM   1202 O  O    . HIS B 2 1   ? 28.618  24.502  9.473   1.00 36.60 ? 69  HIS G O    1 
ATOM   1203 C  CB   . HIS B 2 1   ? 28.536  27.377  7.999   1.00 35.67 ? 69  HIS G CB   1 
ATOM   1204 C  CG   . HIS B 2 1   ? 29.895  26.824  7.699   1.00 37.65 ? 69  HIS G CG   1 
ATOM   1205 N  ND1  . HIS B 2 1   ? 31.059  27.441  8.108   1.00 49.73 ? 69  HIS G ND1  1 
ATOM   1206 C  CD2  . HIS B 2 1   ? 30.276  25.704  7.040   1.00 48.62 ? 69  HIS G CD2  1 
ATOM   1207 C  CE1  . HIS B 2 1   ? 32.097  26.727  7.709   1.00 53.66 ? 69  HIS G CE1  1 
ATOM   1208 N  NE2  . HIS B 2 1   ? 31.650  25.668  7.059   1.00 57.45 ? 69  HIS G NE2  1 
ATOM   1209 N  N    . SER B 2 2   ? 26.656  24.851  8.439   1.00 26.99 ? 70  SER G N    1 
ATOM   1210 C  CA   . SER B 2 2   ? 26.444  23.427  8.198   1.00 37.89 ? 70  SER G CA   1 
ATOM   1211 C  C    . SER B 2 2   ? 25.660  23.162  6.915   1.00 30.84 ? 70  SER G C    1 
ATOM   1212 O  O    . SER B 2 2   ? 24.978  24.046  6.390   1.00 29.97 ? 70  SER G O    1 
ATOM   1213 C  CB   . SER B 2 2   ? 25.731  22.788  9.389   1.00 33.77 ? 70  SER G CB   1 
ATOM   1214 O  OG   . SER B 2 2   ? 24.523  23.467  9.685   1.00 39.19 ? 70  SER G OG   1 
ATOM   1215 N  N    . MET B 2 3   ? 25.775  21.937  6.415   1.00 41.83 ? 71  MET G N    1 
ATOM   1216 C  CA   . MET B 2 3   ? 24.989  21.497  5.270   1.00 40.21 ? 71  MET G CA   1 
ATOM   1217 C  C    . MET B 2 3   ? 23.621  21.032  5.745   1.00 40.55 ? 71  MET G C    1 
ATOM   1218 O  O    . MET B 2 3   ? 23.501  20.422  6.810   1.00 35.43 ? 71  MET G O    1 
ATOM   1219 C  CB   . MET B 2 3   ? 25.696  20.347  4.546   1.00 35.00 ? 71  MET G CB   1 
ATOM   1220 C  CG   . MET B 2 3   ? 27.110  20.668  4.086   1.00 42.90 ? 71  MET G CG   1 
ATOM   1221 S  SD   . MET B 2 3   ? 27.932  19.261  3.309   1.00 73.44 ? 71  MET G SD   1 
ATOM   1222 C  CE   . MET B 2 3   ? 27.892  18.057  4.638   1.00 39.32 ? 71  MET G CE   1 
ATOM   1223 N  N    . GLN B 2 4   ? 22.591  21.333  4.963   1.00 40.99 ? 72  GLN G N    1 
ATOM   1224 C  CA   . GLN B 2 4   ? 21.258  20.819  5.241   1.00 42.23 ? 72  GLN G CA   1 
ATOM   1225 C  C    . GLN B 2 4   ? 21.142  19.422  4.649   1.00 37.89 ? 72  GLN G C    1 
ATOM   1226 O  O    . GLN B 2 4   ? 21.717  19.136  3.601   1.00 35.26 ? 72  GLN G O    1 
ATOM   1227 C  CB   . GLN B 2 4   ? 20.180  21.723  4.639   1.00 37.82 ? 72  GLN G CB   1 
ATOM   1228 C  CG   . GLN B 2 4   ? 20.096  23.106  5.252   1.00 52.81 ? 72  GLN G CG   1 
ATOM   1229 C  CD   . GLN B 2 4   ? 18.705  23.699  5.132   1.00 55.27 ? 72  GLN G CD   1 
ATOM   1230 O  OE1  . GLN B 2 4   ? 17.706  23.005  5.329   1.00 60.32 ? 72  GLN G OE1  1 
ATOM   1231 N  NE2  . GLN B 2 4   ? 18.633  24.984  4.802   1.00 55.33 ? 72  GLN G NE2  1 
ATOM   1232 N  N    . ALA B 2 5   ? 20.404  18.554  5.325   1.00 37.16 ? 73  ALA G N    1 
ATOM   1233 C  CA   . ALA B 2 5   ? 20.250  17.187  4.859   1.00 43.17 ? 73  ALA G CA   1 
ATOM   1234 C  C    . ALA B 2 5   ? 18.926  17.054  4.123   1.00 34.38 ? 73  ALA G C    1 
ATOM   1235 O  O    . ALA B 2 5   ? 17.994  17.821  4.373   1.00 32.15 ? 73  ALA G O    1 
ATOM   1236 C  CB   . ALA B 2 5   ? 20.321  16.218  6.026   1.00 45.77 ? 73  ALA G CB   1 
ATOM   1237 N  N    . LEU B 2 6   ? 18.862  16.098  3.199   1.00 32.51 ? 74  LEU G N    1 
ATOM   1238 C  CA   . LEU B 2 6   ? 17.643  15.837  2.445   1.00 38.95 ? 74  LEU G CA   1 
ATOM   1239 C  C    . LEU B 2 6   ? 16.872  14.725  3.147   1.00 28.53 ? 74  LEU G C    1 
ATOM   1240 O  O    . LEU B 2 6   ? 17.441  13.968  3.932   1.00 31.42 ? 74  LEU G O    1 
ATOM   1241 C  CB   . LEU B 2 6   ? 17.972  15.420  1.005   1.00 31.08 ? 74  LEU G CB   1 
ATOM   1242 C  CG   . LEU B 2 6   ? 18.675  16.420  0.081   1.00 43.24 ? 74  LEU G CG   1 
ATOM   1243 C  CD1  . LEU B 2 6   ? 19.222  15.714  -1.155  1.00 38.24 ? 74  LEU G CD1  1 
ATOM   1244 C  CD2  . LEU B 2 6   ? 17.746  17.564  -0.315  1.00 45.71 ? 74  LEU G CD2  1 
ATOM   1245 N  N    . SER B 2 7   ? 15.578  14.628  2.874   1.00 24.19 ? 75  SER G N    1 
ATOM   1246 C  CA   . SER B 2 7   ? 14.784  13.557  3.461   1.00 28.15 ? 75  SER G CA   1 
ATOM   1247 C  C    . SER B 2 7   ? 14.416  12.523  2.406   1.00 20.04 ? 75  SER G C    1 
ATOM   1248 O  O    . SER B 2 7   ? 14.444  12.793  1.198   1.00 19.05 ? 75  SER G O    1 
ATOM   1249 C  CB   . SER B 2 7   ? 13.521  14.099  4.136   1.00 28.22 ? 75  SER G CB   1 
ATOM   1250 O  OG   . SER B 2 7   ? 12.619  14.624  3.183   1.00 23.57 ? 75  SER G OG   1 
ATOM   1251 N  N    . TRP B 2 8   ? 14.077  11.333  2.875   1.00 17.24 ? 76  TRP G N    1 
ATOM   1252 C  CA   . TRP B 2 8   ? 13.648  10.271  1.991   1.00 20.50 ? 76  TRP G CA   1 
ATOM   1253 C  C    . TRP B 2 8   ? 12.329  10.656  1.323   1.00 18.37 ? 76  TRP G C    1 
ATOM   1254 O  O    . TRP B 2 8   ? 12.130  10.425  0.124   1.00 18.93 ? 76  TRP G O    1 
ATOM   1255 C  CB   . TRP B 2 8   ? 13.536  8.967   2.780   1.00 14.72 ? 76  TRP G CB   1 
ATOM   1256 C  CG   . TRP B 2 8   ? 14.886  8.340   3.003   1.00 15.01 ? 76  TRP G CG   1 
ATOM   1257 C  CD1  . TRP B 2 8   ? 15.714  8.527   4.074   1.00 17.30 ? 76  TRP G CD1  1 
ATOM   1258 C  CD2  . TRP B 2 8   ? 15.574  7.443   2.115   1.00 16.76 ? 76  TRP G CD2  1 
ATOM   1259 N  NE1  . TRP B 2 8   ? 16.866  7.787   3.915   1.00 16.68 ? 76  TRP G NE1  1 
ATOM   1260 C  CE2  . TRP B 2 8   ? 16.805  7.112   2.725   1.00 12.62 ? 76  TRP G CE2  1 
ATOM   1261 C  CE3  . TRP B 2 8   ? 15.263  6.881   0.874   1.00 14.86 ? 76  TRP G CE3  1 
ATOM   1262 C  CZ2  . TRP B 2 8   ? 17.732  6.235   2.127   1.00 10.12 ? 76  TRP G CZ2  1 
ATOM   1263 C  CZ3  . TRP B 2 8   ? 16.179  6.011   0.284   1.00 20.07 ? 76  TRP G CZ3  1 
ATOM   1264 C  CH2  . TRP B 2 8   ? 17.396  5.693   0.915   1.00 12.05 ? 76  TRP G CH2  1 
ATOM   1265 N  N    . ARG B 2 9   ? 11.434  11.266  2.090   1.00 21.09 ? 77  ARG G N    1 
ATOM   1266 C  CA   . ARG B 2 9   ? 10.161  11.716  1.534   1.00 16.73 ? 77  ARG G CA   1 
ATOM   1267 C  C    . ARG B 2 9   ? 10.344  12.785  0.450   1.00 11.91 ? 77  ARG G C    1 
ATOM   1268 O  O    . ARG B 2 9   ? 9.666   12.757  -0.578  1.00 18.62 ? 77  ARG G O    1 
ATOM   1269 C  CB   . ARG B 2 9   ? 9.224   12.205  2.653   1.00 22.51 ? 77  ARG G CB   1 
ATOM   1270 C  CG   . ARG B 2 9   ? 7.800   12.508  2.192   1.00 22.33 ? 77  ARG G CG   1 
ATOM   1271 C  CD   . ARG B 2 9   ? 7.075   11.267  1.656   1.00 41.26 ? 77  ARG G CD   1 
ATOM   1272 N  NE   . ARG B 2 9   ? 5.658   11.543  1.395   1.00 39.59 ? 77  ARG G NE   1 
ATOM   1273 C  CZ   . ARG B 2 9   ? 4.787   10.654  0.919   1.00 32.41 ? 77  ARG G CZ   1 
ATOM   1274 N  NH1  . ARG B 2 9   ? 5.175   9.420   0.638   1.00 30.44 ? 77  ARG G NH1  1 
ATOM   1275 N  NH2  . ARG B 2 9   ? 3.524   11.004  0.722   1.00 39.04 ? 77  ARG G NH2  1 
ATOM   1276 N  N    . LYS B 2 10  ? 11.260  13.725  0.658   1.00 14.76 ? 78  LYS G N    1 
ATOM   1277 C  CA   . LYS B 2 10  ? 11.498  14.744  -0.358  1.00 17.10 ? 78  LYS G CA   1 
ATOM   1278 C  C    . LYS B 2 10  ? 12.021  14.133  -1.656  1.00 19.15 ? 78  LYS G C    1 
ATOM   1279 O  O    . LYS B 2 10  ? 11.667  14.579  -2.744  1.00 16.98 ? 78  LYS G O    1 
ATOM   1280 C  CB   . LYS B 2 10  ? 12.453  15.840  0.143   1.00 19.71 ? 78  LYS G CB   1 
ATOM   1281 C  CG   . LYS B 2 10  ? 12.761  16.921  -0.901  1.00 26.64 ? 78  LYS G CG   1 
ATOM   1282 C  CD   . LYS B 2 10  ? 13.845  17.876  -0.399  1.00 33.42 ? 78  LYS G CD   1 
ATOM   1283 C  CE   . LYS B 2 10  ? 14.194  18.937  -1.431  1.00 45.56 ? 78  LYS G CE   1 
ATOM   1284 N  NZ   . LYS B 2 10  ? 13.176  20.017  -1.506  1.00 31.00 ? 78  LYS G NZ   1 
ATOM   1285 N  N    . LEU B 2 11  ? 12.881  13.125  -1.530  1.00 17.27 ? 79  LEU G N    1 
ATOM   1286 C  CA   . LEU B 2 11  ? 13.407  12.394  -2.677  1.00 16.56 ? 79  LEU G CA   1 
ATOM   1287 C  C    . LEU B 2 11  ? 12.273  11.725  -3.447  1.00 15.72 ? 79  LEU G C    1 
ATOM   1288 O  O    . LEU B 2 11  ? 12.180  11.811  -4.673  1.00 14.36 ? 79  LEU G O    1 
ATOM   1289 C  CB   . LEU B 2 11  ? 14.367  11.309  -2.196  1.00 16.28 ? 79  LEU G CB   1 
ATOM   1290 C  CG   . LEU B 2 11  ? 14.761  10.270  -3.251  1.00 18.89 ? 79  LEU G CG   1 
ATOM   1291 C  CD1  . LEU B 2 11  ? 15.449  10.936  -4.432  1.00 21.33 ? 79  LEU G CD1  1 
ATOM   1292 C  CD2  . LEU B 2 11  ? 15.654  9.197   -2.628  1.00 17.25 ? 79  LEU G CD2  1 
ATOM   1293 N  N    . TYR B 2 12  ? 11.428  11.025  -2.704  1.00 18.09 ? 80  TYR G N    1 
ATOM   1294 C  CA   . TYR B 2 12  ? 10.260  10.388  -3.288  1.00 17.58 ? 80  TYR G CA   1 
ATOM   1295 C  C    . TYR B 2 12  ? 9.405   11.412  -4.045  1.00 15.29 ? 80  TYR G C    1 
ATOM   1296 O  O    . TYR B 2 12  ? 9.010   11.186  -5.195  1.00 16.59 ? 80  TYR G O    1 
ATOM   1297 C  CB   . TYR B 2 12  ? 9.448   9.680   -2.204  1.00 15.86 ? 80  TYR G CB   1 
ATOM   1298 C  CG   . TYR B 2 12  ? 8.170   9.100   -2.737  1.00 20.23 ? 80  TYR G CG   1 
ATOM   1299 C  CD1  . TYR B 2 12  ? 8.193   8.051   -3.654  1.00 15.82 ? 80  TYR G CD1  1 
ATOM   1300 C  CD2  . TYR B 2 12  ? 6.941   9.609   -2.344  1.00 13.14 ? 80  TYR G CD2  1 
ATOM   1301 C  CE1  . TYR B 2 12  ? 7.024   7.522   -4.161  1.00 16.79 ? 80  TYR G CE1  1 
ATOM   1302 C  CE2  . TYR B 2 12  ? 5.758   9.082   -2.844  1.00 19.79 ? 80  TYR G CE2  1 
ATOM   1303 C  CZ   . TYR B 2 12  ? 5.810   8.040   -3.751  1.00 20.72 ? 80  TYR G CZ   1 
ATOM   1304 O  OH   . TYR B 2 12  ? 4.650   7.512   -4.257  1.00 26.45 ? 80  TYR G OH   1 
ATOM   1305 N  N    . LEU B 2 13  ? 9.129   12.543  -3.409  1.00 13.20 ? 81  LEU G N    1 
ATOM   1306 C  CA   . LEU B 2 13  ? 8.280   13.565  -4.026  1.00 18.33 ? 81  LEU G CA   1 
ATOM   1307 C  C    . LEU B 2 13  ? 8.936   14.280  -5.219  1.00 20.01 ? 81  LEU G C    1 
ATOM   1308 O  O    . LEU B 2 13  ? 8.247   14.701  -6.151  1.00 16.43 ? 81  LEU G O    1 
ATOM   1309 C  CB   . LEU B 2 13  ? 7.799   14.569  -2.976  1.00 14.94 ? 81  LEU G CB   1 
ATOM   1310 C  CG   . LEU B 2 13  ? 6.908   13.933  -1.911  1.00 16.61 ? 81  LEU G CG   1 
ATOM   1311 C  CD1  . LEU B 2 13  ? 6.543   14.958  -0.858  1.00 23.10 ? 81  LEU G CD1  1 
ATOM   1312 C  CD2  . LEU B 2 13  ? 5.653   13.300  -2.542  1.00 17.61 ? 81  LEU G CD2  1 
ATOM   1313 N  N    . SER B 2 14  ? 10.263  14.394  -5.197  1.00 18.84 ? 82  SER G N    1 
ATOM   1314 C  CA   . SER B 2 14  ? 11.005  15.005  -6.304  1.00 16.06 ? 82  SER G CA   1 
ATOM   1315 C  C    . SER B 2 14  ? 10.892  14.143  -7.572  1.00 20.97 ? 82  SER G C    1 
ATOM   1316 O  O    . SER B 2 14  ? 10.733  14.652  -8.678  1.00 22.39 ? 82  SER G O    1 
ATOM   1317 C  CB   . SER B 2 14  ? 12.479  15.196  -5.915  1.00 16.99 ? 82  SER G CB   1 
ATOM   1318 O  OG   . SER B 2 14  ? 12.610  15.994  -4.744  1.00 21.08 ? 82  SER G OG   1 
ATOM   1319 N  N    . ARG B 2 15  ? 10.964  12.829  -7.408  1.00 15.15 ? 83  ARG G N    1 
ATOM   1320 C  CA   . ARG B 2 15  ? 10.683  11.929  -8.522  1.00 13.77 ? 83  ARG G CA   1 
ATOM   1321 C  C    . ARG B 2 15  ? 9.241   12.070  -9.015  1.00 22.73 ? 83  ARG G C    1 
ATOM   1322 O  O    . ARG B 2 15  ? 8.987   12.099  -10.221 1.00 22.82 ? 83  ARG G O    1 
ATOM   1323 C  CB   . ARG B 2 15  ? 10.934  10.472  -8.144  1.00 14.34 ? 83  ARG G CB   1 
ATOM   1324 C  CG   . ARG B 2 15  ? 10.263  9.523   -9.134  1.00 30.27 ? 83  ARG G CG   1 
ATOM   1325 C  CD   . ARG B 2 15  ? 11.011  8.216   -9.310  1.00 31.45 ? 83  ARG G CD   1 
ATOM   1326 N  NE   . ARG B 2 15  ? 10.497  7.475   -10.461 1.00 30.66 ? 83  ARG G NE   1 
ATOM   1327 C  CZ   . ARG B 2 15  ? 9.341   6.820   -10.463 1.00 40.53 ? 83  ARG G CZ   1 
ATOM   1328 N  NH1  . ARG B 2 15  ? 8.573   6.822   -9.381  1.00 30.96 ? 83  ARG G NH1  1 
ATOM   1329 N  NH2  . ARG B 2 15  ? 8.946   6.170   -11.549 1.00 51.30 ? 83  ARG G NH2  1 
ATOM   1330 N  N    . ALA B 2 16  ? 8.299   12.125  -8.078  1.00 20.60 ? 84  ALA G N    1 
ATOM   1331 C  CA   . ALA B 2 16  ? 6.894   12.300  -8.427  1.00 26.91 ? 84  ALA G CA   1 
ATOM   1332 C  C    . ALA B 2 16  ? 6.691   13.532  -9.315  1.00 21.89 ? 84  ALA G C    1 
ATOM   1333 O  O    . ALA B 2 16  ? 5.916   13.492  -10.274 1.00 31.11 ? 84  ALA G O    1 
ATOM   1334 C  CB   . ALA B 2 16  ? 6.037   12.387  -7.177  1.00 27.44 ? 84  ALA G CB   1 
ATOM   1335 N  N    . LYS B 2 17  ? 7.392   14.618  -9.003  1.00 22.30 ? 85  LYS G N    1 
ATOM   1336 C  CA   . LYS B 2 17  ? 7.290   15.855  -9.781  1.00 26.34 ? 85  LYS G CA   1 
ATOM   1337 C  C    . LYS B 2 17  ? 7.801   15.695  -11.214 1.00 35.92 ? 85  LYS G C    1 
ATOM   1338 O  O    . LYS B 2 17  ? 7.218   16.254  -12.142 1.00 29.71 ? 85  LYS G O    1 
ATOM   1339 C  CB   . LYS B 2 17  ? 8.051   17.002  -9.093  1.00 19.56 ? 85  LYS G CB   1 
ATOM   1340 C  CG   . LYS B 2 17  ? 7.964   18.368  -9.819  1.00 22.41 ? 85  LYS G CG   1 
ATOM   1341 C  CD   . LYS B 2 17  ? 6.503   18.777  -10.066 1.00 22.20 ? 85  LYS G CD   1 
ATOM   1342 C  CE   . LYS B 2 17  ? 6.335   20.274  -10.369 1.00 30.92 ? 85  LYS G CE   1 
ATOM   1343 N  NZ   . LYS B 2 17  ? 6.995   20.700  -11.638 1.00 35.74 ? 85  LYS G NZ   1 
ATOM   1344 N  N    . LEU B 2 18  ? 8.888   14.941  -11.390 1.00 23.24 ? 86  LEU G N    1 
ATOM   1345 C  CA   . LEU B 2 18  ? 9.561   14.867  -12.695 1.00 28.85 ? 86  LEU G CA   1 
ATOM   1346 C  C    . LEU B 2 18  ? 8.920   13.912  -13.711 1.00 33.90 ? 86  LEU G C    1 
ATOM   1347 O  O    . LEU B 2 18  ? 9.232   13.964  -14.904 1.00 43.36 ? 86  LEU G O    1 
ATOM   1348 C  CB   . LEU B 2 18  ? 11.049  14.530  -12.512 1.00 23.78 ? 86  LEU G CB   1 
ATOM   1349 C  CG   . LEU B 2 18  ? 11.902  15.651  -11.911 1.00 39.84 ? 86  LEU G CG   1 
ATOM   1350 C  CD1  . LEU B 2 18  ? 13.323  15.170  -11.622 1.00 36.07 ? 86  LEU G CD1  1 
ATOM   1351 C  CD2  . LEU B 2 18  ? 11.913  16.877  -12.820 1.00 38.36 ? 86  LEU G CD2  1 
ATOM   1352 N  N    . LYS B 2 19  ? 8.028   13.046  -13.248 1.00 34.95 ? 87  LYS G N    1 
ATOM   1353 C  CA   . LYS B 2 19  ? 7.422   12.044  -14.127 1.00 43.58 ? 87  LYS G CA   1 
ATOM   1354 C  C    . LYS B 2 19  ? 6.186   12.568  -14.864 1.00 44.48 ? 87  LYS G C    1 
ATOM   1355 O  O    . LYS B 2 19  ? 5.448   13.400  -14.337 1.00 42.08 ? 87  LYS G O    1 
ATOM   1356 C  CB   . LYS B 2 19  ? 7.066   10.791  -13.332 1.00 35.07 ? 87  LYS G CB   1 
ATOM   1357 C  CG   . LYS B 2 19  ? 6.452   9.677   -14.163 1.00 47.02 ? 87  LYS G CG   1 
ATOM   1358 C  CD   . LYS B 2 19  ? 6.161   8.464   -13.289 1.00 60.94 ? 87  LYS G CD   1 
ATOM   1359 C  CE   . LYS B 2 19  ? 5.138   7.541   -13.934 1.00 58.65 ? 87  LYS G CE   1 
ATOM   1360 N  NZ   . LYS B 2 19  ? 5.575   7.108   -15.287 1.00 52.19 ? 87  LYS G NZ   1 
ATOM   1361 N  N    . ALA B 2 20  ? 5.967   12.067  -16.080 1.00 46.16 ? 88  ALA G N    1 
ATOM   1362 C  CA   . ALA B 2 20  ? 4.845   12.495  -16.922 1.00 37.67 ? 88  ALA G CA   1 
ATOM   1363 C  C    . ALA B 2 20  ? 3.506   12.428  -16.191 1.00 49.76 ? 88  ALA G C    1 
ATOM   1364 O  O    . ALA B 2 20  ? 3.316   11.610  -15.289 1.00 53.00 ? 88  ALA G O    1 
ATOM   1365 C  CB   . ALA B 2 20  ? 4.793   11.660  -18.206 1.00 41.30 ? 88  ALA G CB   1 
HETATM 1366 CA CA   . CA  C 3 .   ? -26.048 -12.488 1.043   1.00 13.89 ? 201 CA  A CA   1 
HETATM 1367 CA CA   . CA  D 3 .   ? 18.669  -2.192  6.066   1.00 15.55 ? 202 CA  A CA   1 
HETATM 1368 CA CA   . CA  E 3 .   ? 20.447  -2.300  -5.144  1.00 18.64 ? 203 CA  A CA   1 
HETATM 1369 CA CA   . CA  F 3 .   ? -23.627 -3.691  8.498   1.00 18.37 ? 204 CA  A CA   1 
HETATM 1370 C  CA   . GBL G 4 .   ? 15.438  -9.628  1.375   1.00 19.21 ? 205 GBL A CA   1 
HETATM 1371 C  C    . GBL G 4 .   ? 15.295  -8.172  1.552   1.00 28.12 ? 205 GBL A C    1 
HETATM 1372 O  O    . GBL G 4 .   ? 15.247  -7.574  2.621   1.00 28.75 ? 205 GBL A O    1 
HETATM 1373 C  CB   . GBL G 4 .   ? 15.546  -9.880  -0.077  1.00 26.41 ? 205 GBL A CB   1 
HETATM 1374 C  CG   . GBL G 4 .   ? 15.876  -8.524  -0.631  1.00 32.24 ? 205 GBL A CG   1 
HETATM 1375 O  OD   . GBL G 4 .   ? 15.423  -7.585  0.309   1.00 35.89 ? 205 GBL A OD   1 
HETATM 1376 H  HAC1 . GBL G 4 .   ? 16.312  -9.998  1.892   1.00 23.00 ? 205 GBL A HAC1 1 
HETATM 1377 H  HAC2 . GBL G 4 .   ? 14.580  -10.145 1.781   1.00 23.00 ? 205 GBL A HAC2 1 
HETATM 1378 H  HBC1 . GBL G 4 .   ? 14.608  -10.237 -0.473  1.00 31.64 ? 205 GBL A HBC1 1 
HETATM 1379 H  HBC2 . GBL G 4 .   ? 16.343  -10.580 -0.285  1.00 31.64 ? 205 GBL A HBC2 1 
HETATM 1380 H  HGC1 . GBL G 4 .   ? 15.380  -8.383  -1.580  1.00 38.64 ? 205 GBL A HGC1 1 
HETATM 1381 H  HGC2 . GBL G 4 .   ? 16.940  -8.433  -0.792  1.00 38.64 ? 205 GBL A HGC2 1 
HETATM 1382 C  CA   . GBL H 4 .   ? 10.344  -3.837  -3.908  1.00 31.99 ? 206 GBL A CA   1 
HETATM 1383 C  C    . GBL H 4 .   ? 11.062  -4.823  -3.079  1.00 33.24 ? 206 GBL A C    1 
HETATM 1384 O  O    . GBL H 4 .   ? 12.268  -5.025  -3.078  1.00 34.55 ? 206 GBL A O    1 
HETATM 1385 C  CB   . GBL H 4 .   ? 8.911   -4.128  -3.689  1.00 34.25 ? 206 GBL A CB   1 
HETATM 1386 C  CG   . GBL H 4 .   ? 8.898   -4.816  -2.357  1.00 31.10 ? 206 GBL A CG   1 
HETATM 1387 O  OD   . GBL H 4 .   ? 10.164  -5.388  -2.201  1.00 28.24 ? 206 GBL A OD   1 
HETATM 1388 H  HAC1 . GBL H 4 .   ? 10.596  -3.969  -4.951  1.00 38.34 ? 206 GBL A HAC1 1 
HETATM 1389 H  HAC2 . GBL H 4 .   ? 10.581  -2.833  -3.588  1.00 38.34 ? 206 GBL A HAC2 1 
HETATM 1390 H  HBC1 . GBL H 4 .   ? 8.540   -4.788  -4.459  1.00 41.04 ? 206 GBL A HBC1 1 
HETATM 1391 H  HBC2 . GBL H 4 .   ? 8.333   -3.216  -3.656  1.00 41.04 ? 206 GBL A HBC2 1 
HETATM 1392 H  HGC1 . GBL H 4 .   ? 8.725   -4.094  -1.573  1.00 37.27 ? 206 GBL A HGC1 1 
HETATM 1393 H  HGC2 . GBL H 4 .   ? 8.133   -5.579  -2.335  1.00 37.27 ? 206 GBL A HGC2 1 
HETATM 1394 C  CA   . GBL I 4 .   ? -20.184 3.950   5.819   1.00 48.86 ? 207 GBL A CA   1 
HETATM 1395 C  C    . GBL I 4 .   ? -20.896 4.264   4.565   1.00 41.48 ? 207 GBL A C    1 
HETATM 1396 O  O    . GBL I 4 .   ? -20.817 5.303   3.923   1.00 39.73 ? 207 GBL A O    1 
HETATM 1397 C  CB   . GBL I 4 .   ? -21.030 2.967   6.523   1.00 41.74 ? 207 GBL A CB   1 
HETATM 1398 C  CG   . GBL I 4 .   ? -21.746 2.318   5.376   1.00 29.53 ? 207 GBL A CG   1 
HETATM 1399 O  OD   . GBL I 4 .   ? -21.909 3.342   4.438   1.00 37.14 ? 207 GBL A OD   1 
HETATM 1400 H  HAC1 . GBL I 4 .   ? -19.210 3.529   5.615   1.00 58.58 ? 207 GBL A HAC1 1 
HETATM 1401 H  HAC2 . GBL I 4 .   ? -20.039 4.836   6.421   1.00 58.58 ? 207 GBL A HAC2 1 
HETATM 1402 H  HBC1 . GBL I 4 .   ? -21.727 3.458   7.186   1.00 50.04 ? 207 GBL A HBC1 1 
HETATM 1403 H  HBC2 . GBL I 4 .   ? -20.425 2.249   7.057   1.00 50.04 ? 207 GBL A HBC2 1 
HETATM 1404 H  HGC1 . GBL I 4 .   ? -21.150 1.517   4.962   1.00 35.38 ? 207 GBL A HGC1 1 
HETATM 1405 H  HGC2 . GBL I 4 .   ? -22.709 1.946   5.695   1.00 35.38 ? 207 GBL A HGC2 1 
HETATM 1406 C  CA   . GBL J 4 .   ? 16.087  14.848  -4.392  1.00 35.64 ? 101 GBL G CA   1 
HETATM 1407 C  C    . GBL J 4 .   ? 15.759  15.681  -3.220  1.00 39.82 ? 101 GBL G C    1 
HETATM 1408 O  O    . GBL J 4 .   ? 15.676  15.278  -2.068  1.00 47.73 ? 101 GBL G O    1 
HETATM 1409 C  CB   . GBL J 4 .   ? 16.230  15.796  -5.514  1.00 43.17 ? 101 GBL G CB   1 
HETATM 1410 C  CG   . GBL J 4 .   ? 16.559  17.085  -4.815  1.00 41.07 ? 101 GBL G CG   1 
HETATM 1411 O  OD   . GBL J 4 .   ? 15.879  17.005  -3.594  1.00 48.32 ? 101 GBL G OD   1 
HETATM 1412 H  HAC1 . GBL J 4 .   ? 15.290  14.146  -4.589  1.00 42.72 ? 101 GBL G HAC1 1 
HETATM 1413 H  HAC2 . GBL J 4 .   ? 17.017  14.323  -4.226  1.00 42.72 ? 101 GBL G HAC2 1 
HETATM 1414 H  HBC1 . GBL J 4 .   ? 15.303  15.884  -6.062  1.00 51.75 ? 101 GBL G HBC1 1 
HETATM 1415 H  HBC2 . GBL J 4 .   ? 17.038  15.497  -6.167  1.00 51.75 ? 101 GBL G HBC2 1 
HETATM 1416 H  HGC1 . GBL J 4 .   ? 17.623  17.164  -4.650  1.00 49.24 ? 101 GBL G HGC1 1 
HETATM 1417 H  HGC2 . GBL J 4 .   ? 16.203  17.927  -5.391  1.00 49.24 ? 101 GBL G HGC2 1 
HETATM 1418 O  O    . HOH K 5 .   ? -17.276 -0.126  5.700   1.00 17.40 ? 301 HOH A O    1 
HETATM 1419 O  O    . HOH K 5 .   ? -26.618 -3.666  0.173   1.00 18.22 ? 302 HOH A O    1 
HETATM 1420 O  O    . HOH K 5 .   ? 11.592  -6.390  0.888   1.00 19.09 ? 303 HOH A O    1 
HETATM 1421 O  O    . HOH K 5 .   ? 17.786  -4.015  4.704   1.00 17.79 ? 304 HOH A O    1 
HETATM 1422 O  O    . HOH K 5 .   ? -13.546 -8.321  15.775  1.00 19.19 ? 305 HOH A O    1 
HETATM 1423 O  O    . HOH K 5 .   ? 34.858  8.856   -1.134  1.00 16.72 ? 306 HOH A O    1 
HETATM 1424 O  O    . HOH K 5 .   ? 13.313  3.312   7.741   1.00 17.16 ? 307 HOH A O    1 
HETATM 1425 O  O    . HOH K 5 .   ? -25.544 -11.084 -5.883  1.00 21.62 ? 308 HOH A O    1 
HETATM 1426 O  O    . HOH K 5 .   ? -18.505 -20.272 4.978   1.00 20.71 ? 309 HOH A O    1 
HETATM 1427 O  O    . HOH K 5 .   ? -22.707 -12.474 9.239   1.00 21.60 ? 310 HOH A O    1 
HETATM 1428 O  O    . HOH K 5 .   ? 2.232   -2.662  -5.438  1.00 30.79 ? 311 HOH A O    1 
HETATM 1429 O  O    . HOH K 5 .   ? -28.878 -10.555 6.349   1.00 19.56 ? 312 HOH A O    1 
HETATM 1430 O  O    . HOH K 5 .   ? 8.732   -4.860  -7.265  1.00 30.66 ? 313 HOH A O    1 
HETATM 1431 O  O    . HOH K 5 .   ? -18.878 5.933   -16.239 1.00 28.29 ? 314 HOH A O    1 
HETATM 1432 O  O    . HOH K 5 .   ? 25.259  0.710   1.043   1.00 24.83 ? 315 HOH A O    1 
HETATM 1433 O  O    . HOH K 5 .   ? 22.533  -2.526  -4.034  1.00 20.11 ? 316 HOH A O    1 
HETATM 1434 O  O    . HOH K 5 .   ? 24.764  12.901  -5.627  1.00 18.60 ? 317 HOH A O    1 
HETATM 1435 O  O    . HOH K 5 .   ? 13.828  -3.446  -6.764  1.00 25.78 ? 318 HOH A O    1 
HETATM 1436 O  O    . HOH K 5 .   ? 18.827  13.685  -15.020 1.00 41.68 ? 319 HOH A O    1 
HETATM 1437 O  O    . HOH K 5 .   ? 14.562  -2.507  -9.419  1.00 20.91 ? 320 HOH A O    1 
HETATM 1438 O  O    . HOH K 5 .   ? -28.360 -8.412  7.854   1.00 22.45 ? 321 HOH A O    1 
HETATM 1439 O  O    . HOH K 5 .   ? -28.527 -12.818 7.686   1.00 26.43 ? 322 HOH A O    1 
HETATM 1440 O  O    . HOH K 5 .   ? -21.636 -11.239 12.135  1.00 28.54 ? 323 HOH A O    1 
HETATM 1441 O  O    . HOH K 5 .   ? 27.441  1.485   -1.790  1.00 30.15 ? 324 HOH A O    1 
HETATM 1442 O  O    . HOH K 5 .   ? -24.499 -6.169  -6.355  1.00 27.44 ? 325 HOH A O    1 
HETATM 1443 O  O    . HOH K 5 .   ? 23.858  -0.684  -8.512  1.00 25.65 ? 326 HOH A O    1 
HETATM 1444 O  O    . HOH K 5 .   ? 13.351  -4.970  -0.512  1.00 18.47 ? 327 HOH A O    1 
HETATM 1445 O  O    . HOH K 5 .   ? 6.721   -6.130  -6.087  1.00 35.55 ? 328 HOH A O    1 
HETATM 1446 O  O    . HOH K 5 .   ? -17.877 -2.851  13.634  1.00 31.42 ? 329 HOH A O    1 
HETATM 1447 O  O    . HOH K 5 .   ? -25.514 -17.355 0.848   1.00 28.90 ? 330 HOH A O    1 
HETATM 1448 O  O    . HOH K 5 .   ? -13.083 2.815   -8.218  1.00 37.67 ? 331 HOH A O    1 
HETATM 1449 O  O    . HOH K 5 .   ? 24.277  7.711   -16.018 1.00 29.16 ? 332 HOH A O    1 
HETATM 1450 O  O    . HOH K 5 .   ? 12.777  -3.602  -11.403 1.00 27.94 ? 333 HOH A O    1 
HETATM 1451 O  O    . HOH K 5 .   ? 0.937   4.457   1.013   1.00 27.36 ? 334 HOH A O    1 
HETATM 1452 O  O    . HOH K 5 .   ? 19.730  -9.470  -3.147  1.00 31.77 ? 335 HOH A O    1 
HETATM 1453 O  O    . HOH K 5 .   ? -20.014 -6.389  13.885  1.00 24.26 ? 336 HOH A O    1 
HETATM 1454 O  O    . HOH K 5 .   ? -15.354 -21.809 -1.942  1.00 30.68 ? 337 HOH A O    1 
HETATM 1455 O  O    . HOH K 5 .   ? -7.036  -20.226 9.308   1.00 31.16 ? 338 HOH A O    1 
HETATM 1456 O  O    . HOH K 5 .   ? -11.702 -6.697  13.119  1.00 27.21 ? 339 HOH A O    1 
HETATM 1457 O  O    . HOH K 5 .   ? 14.492  -4.426  -13.786 1.00 28.35 ? 340 HOH A O    1 
HETATM 1458 O  O    . HOH K 5 .   ? 17.689  -8.540  9.539   1.00 33.92 ? 341 HOH A O    1 
HETATM 1459 O  O    . HOH K 5 .   ? 12.093  -5.607  -9.934  1.00 27.25 ? 342 HOH A O    1 
HETATM 1460 O  O    . HOH K 5 .   ? -25.737 -16.076 4.251   1.00 26.66 ? 343 HOH A O    1 
HETATM 1461 O  O    . HOH K 5 .   ? -2.218  4.581   2.258   1.00 42.09 ? 344 HOH A O    1 
HETATM 1462 O  O    . HOH K 5 .   ? -15.232 5.620   -14.472 1.00 26.13 ? 345 HOH A O    1 
HETATM 1463 O  O    . HOH K 5 .   ? -12.693 -21.497 5.845   1.00 22.69 ? 346 HOH A O    1 
HETATM 1464 O  O    . HOH K 5 .   ? -25.848 -18.937 -4.866  1.00 39.78 ? 347 HOH A O    1 
HETATM 1465 O  O    . HOH K 5 .   ? -14.701 -21.445 8.598   1.00 27.10 ? 348 HOH A O    1 
HETATM 1466 O  O    . HOH K 5 .   ? 25.008  -1.527  -5.174  1.00 30.68 ? 349 HOH A O    1 
HETATM 1467 O  O    . HOH K 5 .   ? 14.447  17.487  -8.448  1.00 40.42 ? 350 HOH A O    1 
HETATM 1468 O  O    . HOH K 5 .   ? -14.158 5.353   1.028   1.00 35.87 ? 351 HOH A O    1 
HETATM 1469 O  O    . HOH K 5 .   ? -9.157  -12.110 10.419  1.00 31.03 ? 352 HOH A O    1 
HETATM 1470 O  O    . HOH K 5 .   ? -28.136 -0.955  4.925   1.00 34.55 ? 353 HOH A O    1 
HETATM 1471 O  O    . HOH K 5 .   ? 22.284  13.524  4.538   1.00 24.16 ? 354 HOH A O    1 
HETATM 1472 O  O    . HOH K 5 .   ? -13.177 -25.274 5.937   1.00 32.84 ? 355 HOH A O    1 
HETATM 1473 O  O    . HOH K 5 .   ? -25.517 -2.757  7.331   1.00 19.48 ? 356 HOH A O    1 
HETATM 1474 O  O    . HOH K 5 .   ? -27.149 -7.696  -3.963  1.00 30.20 ? 357 HOH A O    1 
HETATM 1475 O  O    . HOH K 5 .   ? -13.732 -12.809 15.900  1.00 27.95 ? 358 HOH A O    1 
HETATM 1476 O  O    . HOH K 5 .   ? 28.531  18.293  -3.229  1.00 33.82 ? 359 HOH A O    1 
HETATM 1477 O  O    . HOH K 5 .   ? -10.766 4.457   -4.488  1.00 32.18 ? 360 HOH A O    1 
HETATM 1478 O  O    . HOH K 5 .   ? 28.187  9.620   7.119   1.00 22.91 ? 361 HOH A O    1 
HETATM 1479 O  O    . HOH K 5 .   ? 7.533   -1.151  6.373   1.00 28.40 ? 362 HOH A O    1 
HETATM 1480 O  O    . HOH K 5 .   ? -19.307 10.424  -5.195  1.00 36.61 ? 363 HOH A O    1 
HETATM 1481 O  O    . HOH K 5 .   ? -13.598 -1.820  -8.635  1.00 46.42 ? 364 HOH A O    1 
HETATM 1482 O  O    . HOH K 5 .   ? -18.634 -4.691  15.235  1.00 33.97 ? 365 HOH A O    1 
HETATM 1483 O  O    . HOH K 5 .   ? -6.212  -19.463 6.005   1.00 35.09 ? 366 HOH A O    1 
HETATM 1484 O  O    . HOH K 5 .   ? 27.917  6.295   -2.235  1.00 27.99 ? 367 HOH A O    1 
HETATM 1485 O  O    . HOH K 5 .   ? -31.054 -5.648  0.478   1.00 29.46 ? 368 HOH A O    1 
HETATM 1486 O  O    . HOH K 5 .   ? -19.441 -15.684 13.705  1.00 33.56 ? 369 HOH A O    1 
HETATM 1487 O  O    . HOH K 5 .   ? 11.732  4.898   9.521   1.00 32.58 ? 370 HOH A O    1 
HETATM 1488 O  O    . HOH K 5 .   ? -5.983  0.213   -6.807  1.00 35.76 ? 371 HOH A O    1 
HETATM 1489 O  O    . HOH K 5 .   ? -17.820 -0.085  -19.990 1.00 49.24 ? 372 HOH A O    1 
HETATM 1490 O  O    . HOH K 5 .   ? 28.170  12.592  -5.995  1.00 30.20 ? 373 HOH A O    1 
HETATM 1491 O  O    . HOH K 5 .   ? -20.293 -2.520  16.422  1.00 37.79 ? 374 HOH A O    1 
HETATM 1492 O  O    . HOH K 5 .   ? 26.801  8.194   -8.715  1.00 35.21 ? 375 HOH A O    1 
HETATM 1493 O  O    . HOH K 5 .   ? 27.390  4.494   7.136   1.00 24.85 ? 376 HOH A O    1 
HETATM 1494 O  O    . HOH K 5 .   ? 12.665  -6.201  6.459   1.00 33.01 ? 377 HOH A O    1 
HETATM 1495 O  O    . HOH K 5 .   ? -14.422 0.651   -9.060  1.00 36.73 ? 378 HOH A O    1 
HETATM 1496 O  O    . HOH L 5 .   ? 6.189   6.266   -8.314  1.00 26.21 ? 201 HOH G O    1 
HETATM 1497 O  O    . HOH L 5 .   ? 11.391  11.213  5.092   1.00 26.19 ? 202 HOH G O    1 
HETATM 1498 O  O    . HOH L 5 .   ? 2.519   7.189   -2.749  1.00 17.83 ? 203 HOH G O    1 
HETATM 1499 O  O    . HOH L 5 .   ? 11.681  8.173   -12.693 1.00 32.30 ? 204 HOH G O    1 
HETATM 1500 O  O    . HOH L 5 .   ? 14.492  11.041  5.882   1.00 32.71 ? 205 HOH G O    1 
HETATM 1501 O  O    . HOH L 5 .   ? 12.708  21.248  0.936   1.00 23.73 ? 206 HOH G O    1 
HETATM 1502 O  O    . HOH L 5 .   ? 12.468  18.804  -5.547  1.00 26.50 ? 207 HOH G O    1 
HETATM 1503 O  O    . HOH L 5 .   ? 11.857  17.342  -9.083  1.00 28.70 ? 208 HOH G O    1 
HETATM 1504 O  O    . HOH L 5 .   ? 21.054  14.639  2.708   1.00 34.81 ? 209 HOH G O    1 
HETATM 1505 O  O    . HOH L 5 .   ? 7.924   9.064   -7.152  1.00 28.41 ? 210 HOH G O    1 
# 
loop_
_pdbx_poly_seq_scheme.asym_id 
_pdbx_poly_seq_scheme.entity_id 
_pdbx_poly_seq_scheme.seq_id 
_pdbx_poly_seq_scheme.mon_id 
_pdbx_poly_seq_scheme.ndb_seq_num 
_pdbx_poly_seq_scheme.pdb_seq_num 
_pdbx_poly_seq_scheme.auth_seq_num 
_pdbx_poly_seq_scheme.pdb_mon_id 
_pdbx_poly_seq_scheme.auth_mon_id 
_pdbx_poly_seq_scheme.pdb_strand_id 
_pdbx_poly_seq_scheme.pdb_ins_code 
_pdbx_poly_seq_scheme.hetero 
A 1 1   ALA 1   1   ?   ?   ?   A . n 
A 1 2   ASP 2   2   2   ASP ALA A . n 
A 1 3   GLN 3   3   3   GLN GLN A . n 
A 1 4   LEU 4   4   4   LEU LEU A . n 
A 1 5   THR 5   5   5   THR THR A . n 
A 1 6   GLU 6   6   6   GLU GLU A . n 
A 1 7   GLU 7   7   7   GLU GLU A . n 
A 1 8   GLN 8   8   8   GLN GLN A . n 
A 1 9   ILE 9   9   9   ILE ILE A . n 
A 1 10  ALA 10  10  10  ALA ALA A . n 
A 1 11  GLU 11  11  11  GLU GLU A . n 
A 1 12  PHE 12  12  12  PHE PHE A . n 
A 1 13  LYS 13  13  13  LYS LYS A . n 
A 1 14  GLU 14  14  14  GLU GLU A . n 
A 1 15  ALA 15  15  15  ALA ALA A . n 
A 1 16  PHE 16  16  16  PHE PHE A . n 
A 1 17  SER 17  17  17  SER SER A . n 
A 1 18  LEU 18  18  18  LEU LEU A . n 
A 1 19  PHE 19  19  19  PHE PHE A . n 
A 1 20  ASP 20  20  20  ASP ASP A . n 
A 1 21  LYS 21  21  21  LYS LYS A . n 
A 1 22  ASP 22  22  22  ASP ASP A . n 
A 1 23  GLY 23  23  23  GLY GLY A . n 
A 1 24  ASP 24  24  24  ASP ASP A . n 
A 1 25  GLY 25  25  25  GLY GLY A . n 
A 1 26  THR 26  26  26  THR THR A . n 
A 1 27  ILE 27  27  27  ILE ILE A . n 
A 1 28  THR 28  28  28  THR THR A . n 
A 1 29  THR 29  29  29  THR THR A . n 
A 1 30  LYS 30  30  30  LYS LYS A . n 
A 1 31  GLU 31  31  31  GLU GLU A . n 
A 1 32  LEU 32  32  32  LEU LEU A . n 
A 1 33  GLY 33  33  33  GLY GLY A . n 
A 1 34  THR 34  34  34  THR THR A . n 
A 1 35  VAL 35  35  35  VAL VAL A . n 
A 1 36  MET 36  36  36  MET MET A . n 
A 1 37  ARG 37  37  37  ARG ARG A . n 
A 1 38  SER 38  38  38  SER SER A . n 
A 1 39  LEU 39  39  39  LEU LEU A . n 
A 1 40  GLY 40  40  40  GLY GLY A . n 
A 1 41  GLN 41  41  41  GLN GLN A . n 
A 1 42  ASN 42  42  42  ASN ASN A . n 
A 1 43  PRO 43  43  43  PRO PRO A . n 
A 1 44  THR 44  44  44  THR THR A . n 
A 1 45  GLU 45  45  45  GLU GLU A . n 
A 1 46  ALA 46  46  46  ALA ALA A . n 
A 1 47  GLU 47  47  47  GLU GLU A . n 
A 1 48  LEU 48  48  48  LEU LEU A . n 
A 1 49  GLN 49  49  49  GLN GLN A . n 
A 1 50  ASP 50  50  50  ASP ASP A . n 
A 1 51  MET 51  51  51  MET MET A . n 
A 1 52  ILE 52  52  52  ILE ILE A . n 
A 1 53  ASN 53  53  53  ASN ASN A . n 
A 1 54  GLU 54  54  54  GLU GLU A . n 
A 1 55  VAL 55  55  55  VAL VAL A . n 
A 1 56  ASP 56  56  56  ASP ASP A . n 
A 1 57  ALA 57  57  57  ALA ALA A . n 
A 1 58  ASP 58  58  58  ASP ASP A . n 
A 1 59  GLY 59  59  59  GLY GLY A . n 
A 1 60  ASN 60  60  60  ASN ASN A . n 
A 1 61  GLY 61  61  61  GLY GLY A . n 
A 1 62  THR 62  62  62  THR THR A . n 
A 1 63  ILE 63  63  63  ILE ILE A . n 
A 1 64  ASP 64  64  64  ASP ASP A . n 
A 1 65  PHE 65  65  65  PHE PHE A . n 
A 1 66  PRO 66  66  66  PRO PRO A . n 
A 1 67  GLU 67  67  67  GLU GLU A . n 
A 1 68  PHE 68  68  68  PHE PHE A . n 
A 1 69  LEU 69  69  69  LEU LEU A . n 
A 1 70  THR 70  70  70  THR THR A . n 
A 1 71  MET 71  71  71  MET MET A . n 
A 1 72  MET 72  72  72  MET MET A . n 
A 1 73  ALA 73  73  73  ALA ALA A . n 
A 1 74  ARG 74  74  74  ARG ARG A . n 
A 1 75  LYS 75  75  75  LYS LYS A . n 
A 1 76  MET 76  76  76  MET MET A . n 
A 1 77  LYS 77  77  77  LYS LYS A . n 
A 1 78  ASP 78  78  78  ASP ASP A . n 
A 1 79  THR 79  79  79  THR THR A . n 
A 1 80  ASP 80  80  80  ASP ASP A . n 
A 1 81  SER 81  81  81  SER SER A . n 
A 1 82  GLU 82  82  82  GLU GLU A . n 
A 1 83  GLU 83  83  83  GLU GLU A . n 
A 1 84  GLU 84  84  84  GLU GLU A . n 
A 1 85  ILE 85  85  85  ILE ILE A . n 
A 1 86  ARG 86  86  86  ARG ARG A . n 
A 1 87  GLU 87  87  87  GLU GLU A . n 
A 1 88  ALA 88  88  88  ALA ALA A . n 
A 1 89  PHE 89  89  89  PHE PHE A . n 
A 1 90  ARG 90  90  90  ARG ARG A . n 
A 1 91  VAL 91  91  91  VAL VAL A . n 
A 1 92  PHE 92  92  92  PHE PHE A . n 
A 1 93  ASP 93  93  93  ASP ASP A . n 
A 1 94  LYS 94  94  94  LYS LYS A . n 
A 1 95  ASP 95  95  95  ASP ASP A . n 
A 1 96  GLY 96  96  96  GLY GLY A . n 
A 1 97  ASN 97  97  97  ASN ASN A . n 
A 1 98  GLY 98  98  98  GLY GLY A . n 
A 1 99  TYR 99  99  99  TYR TYR A . n 
A 1 100 ILE 100 100 100 ILE ILE A . n 
A 1 101 SER 101 101 101 SER SER A . n 
A 1 102 ALA 102 102 102 ALA ALA A . n 
A 1 103 ALA 103 103 103 ALA ALA A . n 
A 1 104 GLU 104 104 104 GLU GLU A . n 
A 1 105 LEU 105 105 105 LEU LEU A . n 
A 1 106 ARG 106 106 106 ARG ARG A . n 
A 1 107 HIS 107 107 107 HIS HIS A . n 
A 1 108 VAL 108 108 108 VAL VAL A . n 
A 1 109 MET 109 109 109 MET MET A . n 
A 1 110 THR 110 110 110 THR THR A . n 
A 1 111 ASN 111 111 111 ASN ASN A . n 
A 1 112 LEU 112 112 112 LEU LEU A . n 
A 1 113 GLY 113 113 113 GLY GLY A . n 
A 1 114 GLU 114 114 114 GLU GLU A . n 
A 1 115 LYS 115 115 115 LYS LYS A . n 
A 1 116 LEU 116 116 116 LEU LEU A . n 
A 1 117 THR 117 117 117 THR THR A . n 
A 1 118 ASP 118 118 118 ASP ASP A . n 
A 1 119 GLU 119 119 119 GLU GLU A . n 
A 1 120 GLU 120 120 120 GLU GLU A . n 
A 1 121 VAL 121 121 121 VAL VAL A . n 
A 1 122 ASP 122 122 122 ASP ASP A . n 
A 1 123 GLU 123 123 123 GLU GLU A . n 
A 1 124 MET 124 124 124 MET MET A . n 
A 1 125 ILE 125 125 125 ILE ILE A . n 
A 1 126 ARG 126 126 126 ARG ARG A . n 
A 1 127 GLU 127 127 127 GLU GLU A . n 
A 1 128 ALA 128 128 128 ALA ALA A . n 
A 1 129 ASP 129 129 129 ASP ASP A . n 
A 1 130 ILE 130 130 130 ILE ILE A . n 
A 1 131 ASP 131 131 131 ASP ASP A . n 
A 1 132 GLY 132 132 132 GLY GLY A . n 
A 1 133 ASP 133 133 133 ASP ASP A . n 
A 1 134 GLY 134 134 134 GLY GLY A . n 
A 1 135 GLN 135 135 135 GLN GLN A . n 
A 1 136 VAL 136 136 136 VAL VAL A . n 
A 1 137 ASN 137 137 137 ASN ASN A . n 
A 1 138 TYR 138 138 138 TYR TYR A . n 
A 1 139 GLU 139 139 139 GLU GLU A . n 
A 1 140 GLU 140 140 140 GLU GLU A . n 
A 1 141 PHE 141 141 141 PHE PHE A . n 
A 1 142 VAL 142 142 142 VAL VAL A . n 
A 1 143 GLN 143 143 143 GLN GLN A . n 
A 1 144 MET 144 144 144 MET MET A . n 
A 1 145 MET 145 145 145 MET MET A . n 
A 1 146 THR 146 146 146 THR THR A . n 
A 1 147 ALA 147 147 ?   ?   ?   A . n 
A 1 148 LYS 148 148 ?   ?   ?   A . n 
B 2 1   HIS 1   69  69  HIS HIS G . n 
B 2 2   SER 2   70  70  SER SER G . n 
B 2 3   MET 3   71  71  MET MET G . n 
B 2 4   GLN 4   72  72  GLN GLN G . n 
B 2 5   ALA 5   73  73  ALA ALA G . n 
B 2 6   LEU 6   74  74  LEU LEU G . n 
B 2 7   SER 7   75  75  SER SER G . n 
B 2 8   TRP 8   76  76  TRP TRP G . n 
B 2 9   ARG 9   77  77  ARG ARG G . n 
B 2 10  LYS 10  78  78  LYS LYS G . n 
B 2 11  LEU 11  79  79  LEU LEU G . n 
B 2 12  TYR 12  80  80  TYR TYR G . n 
B 2 13  LEU 13  81  81  LEU LEU G . n 
B 2 14  SER 14  82  82  SER SER G . n 
B 2 15  ARG 15  83  83  ARG ARG G . n 
B 2 16  ALA 16  84  84  ALA ALA G . n 
B 2 17  LYS 17  85  85  LYS LYS G . n 
B 2 18  LEU 18  86  86  LEU LEU G . n 
B 2 19  LYS 19  87  87  LYS LYS G . n 
B 2 20  ALA 20  88  88  ALA ALA G . n 
# 
loop_
_pdbx_nonpoly_scheme.asym_id 
_pdbx_nonpoly_scheme.entity_id 
_pdbx_nonpoly_scheme.mon_id 
_pdbx_nonpoly_scheme.ndb_seq_num 
_pdbx_nonpoly_scheme.pdb_seq_num 
_pdbx_nonpoly_scheme.auth_seq_num 
_pdbx_nonpoly_scheme.pdb_mon_id 
_pdbx_nonpoly_scheme.auth_mon_id 
_pdbx_nonpoly_scheme.pdb_strand_id 
_pdbx_nonpoly_scheme.pdb_ins_code 
C 3 CA  1  201 201 CA  CA  A . 
D 3 CA  1  202 202 CA  CA  A . 
E 3 CA  1  203 203 CA  CA  A . 
F 3 CA  1  204 204 CA  CA  A . 
G 4 GBL 1  205 1   GBL GBL A . 
H 4 GBL 1  206 3   GBL GBL A . 
I 4 GBL 1  207 4   GBL GBL A . 
J 4 GBL 1  101 2   GBL GBL G . 
K 5 HOH 1  301 1   HOH HOH A . 
K 5 HOH 2  302 2   HOH HOH A . 
K 5 HOH 3  303 3   HOH HOH A . 
K 5 HOH 4  304 4   HOH HOH A . 
K 5 HOH 5  305 5   HOH HOH A . 
K 5 HOH 6  306 6   HOH HOH A . 
K 5 HOH 7  307 7   HOH HOH A . 
K 5 HOH 8  308 8   HOH HOH A . 
K 5 HOH 9  309 10  HOH HOH A . 
K 5 HOH 10 310 11  HOH HOH A . 
K 5 HOH 11 311 12  HOH HOH A . 
K 5 HOH 12 312 14  HOH HOH A . 
K 5 HOH 13 313 15  HOH HOH A . 
K 5 HOH 14 314 16  HOH HOH A . 
K 5 HOH 15 315 17  HOH HOH A . 
K 5 HOH 16 316 18  HOH HOH A . 
K 5 HOH 17 317 19  HOH HOH A . 
K 5 HOH 18 318 20  HOH HOH A . 
K 5 HOH 19 319 21  HOH HOH A . 
K 5 HOH 20 320 22  HOH HOH A . 
K 5 HOH 21 321 23  HOH HOH A . 
K 5 HOH 22 322 24  HOH HOH A . 
K 5 HOH 23 323 26  HOH HOH A . 
K 5 HOH 24 324 27  HOH HOH A . 
K 5 HOH 25 325 28  HOH HOH A . 
K 5 HOH 26 326 29  HOH HOH A . 
K 5 HOH 27 327 31  HOH HOH A . 
K 5 HOH 28 328 32  HOH HOH A . 
K 5 HOH 29 329 33  HOH HOH A . 
K 5 HOH 30 330 35  HOH HOH A . 
K 5 HOH 31 331 38  HOH HOH A . 
K 5 HOH 32 332 39  HOH HOH A . 
K 5 HOH 33 333 40  HOH HOH A . 
K 5 HOH 34 334 41  HOH HOH A . 
K 5 HOH 35 335 42  HOH HOH A . 
K 5 HOH 36 336 44  HOH HOH A . 
K 5 HOH 37 337 45  HOH HOH A . 
K 5 HOH 38 338 46  HOH HOH A . 
K 5 HOH 39 339 47  HOH HOH A . 
K 5 HOH 40 340 48  HOH HOH A . 
K 5 HOH 41 341 49  HOH HOH A . 
K 5 HOH 42 342 50  HOH HOH A . 
K 5 HOH 43 343 51  HOH HOH A . 
K 5 HOH 44 344 52  HOH HOH A . 
K 5 HOH 45 345 53  HOH HOH A . 
K 5 HOH 46 346 54  HOH HOH A . 
K 5 HOH 47 347 55  HOH HOH A . 
K 5 HOH 48 348 57  HOH HOH A . 
K 5 HOH 49 349 58  HOH HOH A . 
K 5 HOH 50 350 59  HOH HOH A . 
K 5 HOH 51 351 60  HOH HOH A . 
K 5 HOH 52 352 61  HOH HOH A . 
K 5 HOH 53 353 62  HOH HOH A . 
K 5 HOH 54 354 63  HOH HOH A . 
K 5 HOH 55 355 64  HOH HOH A . 
K 5 HOH 56 356 65  HOH HOH A . 
K 5 HOH 57 357 66  HOH HOH A . 
K 5 HOH 58 358 67  HOH HOH A . 
K 5 HOH 59 359 68  HOH HOH A . 
K 5 HOH 60 360 69  HOH HOH A . 
K 5 HOH 61 361 70  HOH HOH A . 
K 5 HOH 62 362 71  HOH HOH A . 
K 5 HOH 63 363 72  HOH HOH A . 
K 5 HOH 64 364 73  HOH HOH A . 
K 5 HOH 65 365 74  HOH HOH A . 
K 5 HOH 66 366 75  HOH HOH A . 
K 5 HOH 67 367 76  HOH HOH A . 
K 5 HOH 68 368 77  HOH HOH A . 
K 5 HOH 69 369 78  HOH HOH A . 
K 5 HOH 70 370 79  HOH HOH A . 
K 5 HOH 71 371 80  HOH HOH A . 
K 5 HOH 72 372 82  HOH HOH A . 
K 5 HOH 73 373 83  HOH HOH A . 
K 5 HOH 74 374 84  HOH HOH A . 
K 5 HOH 75 375 85  HOH HOH A . 
K 5 HOH 76 376 86  HOH HOH A . 
K 5 HOH 77 377 87  HOH HOH A . 
K 5 HOH 78 378 88  HOH HOH A . 
L 5 HOH 1  201 9   HOH HOH G . 
L 5 HOH 2  202 13  HOH HOH G . 
L 5 HOH 3  203 25  HOH HOH G . 
L 5 HOH 4  204 30  HOH HOH G . 
L 5 HOH 5  205 34  HOH HOH G . 
L 5 HOH 6  206 36  HOH HOH G . 
L 5 HOH 7  207 37  HOH HOH G . 
L 5 HOH 8  208 43  HOH HOH G . 
L 5 HOH 9  209 56  HOH HOH G . 
L 5 HOH 10 210 81  HOH HOH G . 
# 
_pdbx_struct_assembly.id                   1 
_pdbx_struct_assembly.details              author_and_software_defined_assembly 
_pdbx_struct_assembly.method_details       PISA 
_pdbx_struct_assembly.oligomeric_details   dimeric 
_pdbx_struct_assembly.oligomeric_count     2 
# 
_pdbx_struct_assembly_gen.assembly_id       1 
_pdbx_struct_assembly_gen.oper_expression   1 
_pdbx_struct_assembly_gen.asym_id_list      A,B,C,D,E,F,G,H,I,J,K,L 
# 
loop_
_pdbx_struct_assembly_prop.biol_id 
_pdbx_struct_assembly_prop.type 
_pdbx_struct_assembly_prop.value 
_pdbx_struct_assembly_prop.details 
1 'ABSA (A^2)' 2730  ? 
1 MORE         -75   ? 
1 'SSA (A^2)'  10970 ? 
# 
_pdbx_struct_oper_list.id                   1 
_pdbx_struct_oper_list.type                 'identity operation' 
_pdbx_struct_oper_list.name                 1_555 
_pdbx_struct_oper_list.symmetry_operation   x,y,z 
_pdbx_struct_oper_list.matrix[1][1]         1.0000000000 
_pdbx_struct_oper_list.matrix[1][2]         0.0000000000 
_pdbx_struct_oper_list.matrix[1][3]         0.0000000000 
_pdbx_struct_oper_list.vector[1]            0.0000000000 
_pdbx_struct_oper_list.matrix[2][1]         0.0000000000 
_pdbx_struct_oper_list.matrix[2][2]         1.0000000000 
_pdbx_struct_oper_list.matrix[2][3]         0.0000000000 
_pdbx_struct_oper_list.vector[2]            0.0000000000 
_pdbx_struct_oper_list.matrix[3][1]         0.0000000000 
_pdbx_struct_oper_list.matrix[3][2]         0.0000000000 
_pdbx_struct_oper_list.matrix[3][3]         1.0000000000 
_pdbx_struct_oper_list.vector[3]            0.0000000000 
# 
loop_
_pdbx_struct_conn_angle.id 
_pdbx_struct_conn_angle.ptnr1_label_atom_id 
_pdbx_struct_conn_angle.ptnr1_label_alt_id 
_pdbx_struct_conn_angle.ptnr1_label_asym_id 
_pdbx_struct_conn_angle.ptnr1_label_comp_id 
_pdbx_struct_conn_angle.ptnr1_label_seq_id 
_pdbx_struct_conn_angle.ptnr1_auth_atom_id 
_pdbx_struct_conn_angle.ptnr1_auth_asym_id 
_pdbx_struct_conn_angle.ptnr1_auth_comp_id 
_pdbx_struct_conn_angle.ptnr1_auth_seq_id 
_pdbx_struct_conn_angle.ptnr1_PDB_ins_code 
_pdbx_struct_conn_angle.ptnr1_symmetry 
_pdbx_struct_conn_angle.ptnr2_label_atom_id 
_pdbx_struct_conn_angle.ptnr2_label_alt_id 
_pdbx_struct_conn_angle.ptnr2_label_asym_id 
_pdbx_struct_conn_angle.ptnr2_label_comp_id 
_pdbx_struct_conn_angle.ptnr2_label_seq_id 
_pdbx_struct_conn_angle.ptnr2_auth_atom_id 
_pdbx_struct_conn_angle.ptnr2_auth_asym_id 
_pdbx_struct_conn_angle.ptnr2_auth_comp_id 
_pdbx_struct_conn_angle.ptnr2_auth_seq_id 
_pdbx_struct_conn_angle.ptnr2_PDB_ins_code 
_pdbx_struct_conn_angle.ptnr2_symmetry 
_pdbx_struct_conn_angle.ptnr3_label_atom_id 
_pdbx_struct_conn_angle.ptnr3_label_alt_id 
_pdbx_struct_conn_angle.ptnr3_label_asym_id 
_pdbx_struct_conn_angle.ptnr3_label_comp_id 
_pdbx_struct_conn_angle.ptnr3_label_seq_id 
_pdbx_struct_conn_angle.ptnr3_auth_atom_id 
_pdbx_struct_conn_angle.ptnr3_auth_asym_id 
_pdbx_struct_conn_angle.ptnr3_auth_comp_id 
_pdbx_struct_conn_angle.ptnr3_auth_seq_id 
_pdbx_struct_conn_angle.ptnr3_PDB_ins_code 
_pdbx_struct_conn_angle.ptnr3_symmetry 
_pdbx_struct_conn_angle.value 
_pdbx_struct_conn_angle.value_esd 
1  OD1 ? A ASP 20  ? A ASP 20  ? 1_555 CA ? C CA . ? A CA 201 ? 1_555 OD1 ? A ASP 22  ? A ASP 22  ? 1_555 85.0  ? 
2  OD1 ? A ASP 20  ? A ASP 20  ? 1_555 CA ? C CA . ? A CA 201 ? 1_555 OD1 ? A ASP 24  ? A ASP 24  ? 1_555 81.2  ? 
3  OD1 ? A ASP 22  ? A ASP 22  ? 1_555 CA ? C CA . ? A CA 201 ? 1_555 OD1 ? A ASP 24  ? A ASP 24  ? 1_555 81.6  ? 
4  OD1 ? A ASP 20  ? A ASP 20  ? 1_555 CA ? C CA . ? A CA 201 ? 1_555 O   ? A THR 26  ? A THR 26  ? 1_555 80.0  ? 
5  OD1 ? A ASP 22  ? A ASP 22  ? 1_555 CA ? C CA . ? A CA 201 ? 1_555 O   ? A THR 26  ? A THR 26  ? 1_555 156.1 ? 
6  OD1 ? A ASP 24  ? A ASP 24  ? 1_555 CA ? C CA . ? A CA 201 ? 1_555 O   ? A THR 26  ? A THR 26  ? 1_555 77.8  ? 
7  OD1 ? A ASP 20  ? A ASP 20  ? 1_555 CA ? C CA . ? A CA 201 ? 1_555 OE2 ? A GLU 31  ? A GLU 31  ? 1_555 99.4  ? 
8  OD1 ? A ASP 22  ? A ASP 22  ? 1_555 CA ? C CA . ? A CA 201 ? 1_555 OE2 ? A GLU 31  ? A GLU 31  ? 1_555 75.6  ? 
9  OD1 ? A ASP 24  ? A ASP 24  ? 1_555 CA ? C CA . ? A CA 201 ? 1_555 OE2 ? A GLU 31  ? A GLU 31  ? 1_555 157.0 ? 
10 O   ? A THR 26  ? A THR 26  ? 1_555 CA ? C CA . ? A CA 201 ? 1_555 OE2 ? A GLU 31  ? A GLU 31  ? 1_555 125.1 ? 
11 OD1 ? A ASP 20  ? A ASP 20  ? 1_555 CA ? C CA . ? A CA 201 ? 1_555 OE1 ? A GLU 31  ? A GLU 31  ? 1_555 110.7 ? 
12 OD1 ? A ASP 22  ? A ASP 22  ? 1_555 CA ? C CA . ? A CA 201 ? 1_555 OE1 ? A GLU 31  ? A GLU 31  ? 1_555 126.9 ? 
13 OD1 ? A ASP 24  ? A ASP 24  ? 1_555 CA ? C CA . ? A CA 201 ? 1_555 OE1 ? A GLU 31  ? A GLU 31  ? 1_555 148.8 ? 
14 O   ? A THR 26  ? A THR 26  ? 1_555 CA ? C CA . ? A CA 201 ? 1_555 OE1 ? A GLU 31  ? A GLU 31  ? 1_555 76.2  ? 
15 OE2 ? A GLU 31  ? A GLU 31  ? 1_555 CA ? C CA . ? A CA 201 ? 1_555 OE1 ? A GLU 31  ? A GLU 31  ? 1_555 52.4  ? 
16 OD1 ? A ASP 56  ? A ASP 56  ? 1_555 CA ? F CA . ? A CA 204 ? 1_555 OD1 ? A ASP 58  ? A ASP 58  ? 1_555 76.6  ? 
17 OD1 ? A ASP 56  ? A ASP 56  ? 1_555 CA ? F CA . ? A CA 204 ? 1_555 OD1 ? A ASN 60  ? A ASN 60  ? 1_555 91.5  ? 
18 OD1 ? A ASP 58  ? A ASP 58  ? 1_555 CA ? F CA . ? A CA 204 ? 1_555 OD1 ? A ASN 60  ? A ASN 60  ? 1_555 74.1  ? 
19 OD1 ? A ASP 56  ? A ASP 56  ? 1_555 CA ? F CA . ? A CA 204 ? 1_555 O   ? A THR 62  ? A THR 62  ? 1_555 88.1  ? 
20 OD1 ? A ASP 58  ? A ASP 58  ? 1_555 CA ? F CA . ? A CA 204 ? 1_555 O   ? A THR 62  ? A THR 62  ? 1_555 149.2 ? 
21 OD1 ? A ASN 60  ? A ASN 60  ? 1_555 CA ? F CA . ? A CA 204 ? 1_555 O   ? A THR 62  ? A THR 62  ? 1_555 79.8  ? 
22 OD1 ? A ASP 56  ? A ASP 56  ? 1_555 CA ? F CA . ? A CA 204 ? 1_555 OE1 ? A GLU 67  ? A GLU 67  ? 1_555 101.0 ? 
23 OD1 ? A ASP 58  ? A ASP 58  ? 1_555 CA ? F CA . ? A CA 204 ? 1_555 OE1 ? A GLU 67  ? A GLU 67  ? 1_555 125.5 ? 
24 OD1 ? A ASN 60  ? A ASN 60  ? 1_555 CA ? F CA . ? A CA 204 ? 1_555 OE1 ? A GLU 67  ? A GLU 67  ? 1_555 158.7 ? 
25 O   ? A THR 62  ? A THR 62  ? 1_555 CA ? F CA . ? A CA 204 ? 1_555 OE1 ? A GLU 67  ? A GLU 67  ? 1_555 83.3  ? 
26 OD1 ? A ASP 56  ? A ASP 56  ? 1_555 CA ? F CA . ? A CA 204 ? 1_555 OE2 ? A GLU 67  ? A GLU 67  ? 1_555 85.8  ? 
27 OD1 ? A ASP 58  ? A ASP 58  ? 1_555 CA ? F CA . ? A CA 204 ? 1_555 OE2 ? A GLU 67  ? A GLU 67  ? 1_555 74.2  ? 
28 OD1 ? A ASN 60  ? A ASN 60  ? 1_555 CA ? F CA . ? A CA 204 ? 1_555 OE2 ? A GLU 67  ? A GLU 67  ? 1_555 148.0 ? 
29 O   ? A THR 62  ? A THR 62  ? 1_555 CA ? F CA . ? A CA 204 ? 1_555 OE2 ? A GLU 67  ? A GLU 67  ? 1_555 131.9 ? 
30 OE1 ? A GLU 67  ? A GLU 67  ? 1_555 CA ? F CA . ? A CA 204 ? 1_555 OE2 ? A GLU 67  ? A GLU 67  ? 1_555 51.5  ? 
31 OD1 ? A ASP 56  ? A ASP 56  ? 1_555 CA ? F CA . ? A CA 204 ? 1_555 O   ? K HOH .   ? A HOH 356 ? 1_555 159.8 ? 
32 OD1 ? A ASP 58  ? A ASP 58  ? 1_555 CA ? F CA . ? A CA 204 ? 1_555 O   ? K HOH .   ? A HOH 356 ? 1_555 83.6  ? 
33 OD1 ? A ASN 60  ? A ASN 60  ? 1_555 CA ? F CA . ? A CA 204 ? 1_555 O   ? K HOH .   ? A HOH 356 ? 1_555 86.7  ? 
34 O   ? A THR 62  ? A THR 62  ? 1_555 CA ? F CA . ? A CA 204 ? 1_555 O   ? K HOH .   ? A HOH 356 ? 1_555 111.3 ? 
35 OE1 ? A GLU 67  ? A GLU 67  ? 1_555 CA ? F CA . ? A CA 204 ? 1_555 O   ? K HOH .   ? A HOH 356 ? 1_555 87.4  ? 
36 OE2 ? A GLU 67  ? A GLU 67  ? 1_555 CA ? F CA . ? A CA 204 ? 1_555 O   ? K HOH .   ? A HOH 356 ? 1_555 85.1  ? 
37 OD1 ? A ASP 93  ? A ASP 93  ? 1_555 CA ? E CA . ? A CA 203 ? 1_555 OD1 ? A ASP 95  ? A ASP 95  ? 1_555 82.4  ? 
38 OD1 ? A ASP 93  ? A ASP 93  ? 1_555 CA ? E CA . ? A CA 203 ? 1_555 OD1 ? A ASN 97  ? A ASN 97  ? 1_555 89.5  ? 
39 OD1 ? A ASP 95  ? A ASP 95  ? 1_555 CA ? E CA . ? A CA 203 ? 1_555 OD1 ? A ASN 97  ? A ASN 97  ? 1_555 72.8  ? 
40 OD1 ? A ASP 93  ? A ASP 93  ? 1_555 CA ? E CA . ? A CA 203 ? 1_555 O   ? A TYR 99  ? A TYR 99  ? 1_555 81.9  ? 
41 OD1 ? A ASP 95  ? A ASP 95  ? 1_555 CA ? E CA . ? A CA 203 ? 1_555 O   ? A TYR 99  ? A TYR 99  ? 1_555 151.1 ? 
42 OD1 ? A ASN 97  ? A ASN 97  ? 1_555 CA ? E CA . ? A CA 203 ? 1_555 O   ? A TYR 99  ? A TYR 99  ? 1_555 83.0  ? 
43 OD1 ? A ASP 93  ? A ASP 93  ? 1_555 CA ? E CA . ? A CA 203 ? 1_555 OE1 ? A GLU 104 ? A GLU 104 ? 1_555 100.8 ? 
44 OD1 ? A ASP 95  ? A ASP 95  ? 1_555 CA ? E CA . ? A CA 203 ? 1_555 OE1 ? A GLU 104 ? A GLU 104 ? 1_555 126.5 ? 
45 OD1 ? A ASN 97  ? A ASN 97  ? 1_555 CA ? E CA . ? A CA 203 ? 1_555 OE1 ? A GLU 104 ? A GLU 104 ? 1_555 158.9 ? 
46 O   ? A TYR 99  ? A TYR 99  ? 1_555 CA ? E CA . ? A CA 203 ? 1_555 OE1 ? A GLU 104 ? A GLU 104 ? 1_555 80.3  ? 
47 OD1 ? A ASP 93  ? A ASP 93  ? 1_555 CA ? E CA . ? A CA 203 ? 1_555 OE2 ? A GLU 104 ? A GLU 104 ? 1_555 94.9  ? 
48 OD1 ? A ASP 95  ? A ASP 95  ? 1_555 CA ? E CA . ? A CA 203 ? 1_555 OE2 ? A GLU 104 ? A GLU 104 ? 1_555 73.9  ? 
49 OD1 ? A ASN 97  ? A ASN 97  ? 1_555 CA ? E CA . ? A CA 203 ? 1_555 OE2 ? A GLU 104 ? A GLU 104 ? 1_555 145.5 ? 
50 O   ? A TYR 99  ? A TYR 99  ? 1_555 CA ? E CA . ? A CA 203 ? 1_555 OE2 ? A GLU 104 ? A GLU 104 ? 1_555 131.6 ? 
51 OE1 ? A GLU 104 ? A GLU 104 ? 1_555 CA ? E CA . ? A CA 203 ? 1_555 OE2 ? A GLU 104 ? A GLU 104 ? 1_555 52.7  ? 
52 OD1 ? A ASP 93  ? A ASP 93  ? 1_555 CA ? E CA . ? A CA 203 ? 1_555 O   ? K HOH .   ? A HOH 316 ? 1_555 173.9 ? 
53 OD1 ? A ASP 95  ? A ASP 95  ? 1_555 CA ? E CA . ? A CA 203 ? 1_555 O   ? K HOH .   ? A HOH 316 ? 1_555 98.8  ? 
54 OD1 ? A ASN 97  ? A ASN 97  ? 1_555 CA ? E CA . ? A CA 203 ? 1_555 O   ? K HOH .   ? A HOH 316 ? 1_555 85.2  ? 
55 O   ? A TYR 99  ? A TYR 99  ? 1_555 CA ? E CA . ? A CA 203 ? 1_555 O   ? K HOH .   ? A HOH 316 ? 1_555 94.5  ? 
56 OE1 ? A GLU 104 ? A GLU 104 ? 1_555 CA ? E CA . ? A CA 203 ? 1_555 O   ? K HOH .   ? A HOH 316 ? 1_555 83.4  ? 
57 OE2 ? A GLU 104 ? A GLU 104 ? 1_555 CA ? E CA . ? A CA 203 ? 1_555 O   ? K HOH .   ? A HOH 316 ? 1_555 91.2  ? 
58 OD1 ? A ASP 129 ? A ASP 129 ? 1_555 CA ? D CA . ? A CA 202 ? 1_555 OD1 ? A ASP 131 ? A ASP 131 ? 1_555 81.1  ? 
59 OD1 ? A ASP 129 ? A ASP 129 ? 1_555 CA ? D CA . ? A CA 202 ? 1_555 OD1 ? A ASP 133 ? A ASP 133 ? 1_555 86.5  ? 
60 OD1 ? A ASP 131 ? A ASP 131 ? 1_555 CA ? D CA . ? A CA 202 ? 1_555 OD1 ? A ASP 133 ? A ASP 133 ? 1_555 81.1  ? 
61 OD1 ? A ASP 129 ? A ASP 129 ? 1_555 CA ? D CA . ? A CA 202 ? 1_555 O   ? A GLN 135 ? A GLN 135 ? 1_555 85.4  ? 
62 OD1 ? A ASP 131 ? A ASP 131 ? 1_555 CA ? D CA . ? A CA 202 ? 1_555 O   ? A GLN 135 ? A GLN 135 ? 1_555 154.3 ? 
63 OD1 ? A ASP 133 ? A ASP 133 ? 1_555 CA ? D CA . ? A CA 202 ? 1_555 O   ? A GLN 135 ? A GLN 135 ? 1_555 76.3  ? 
64 OD1 ? A ASP 129 ? A ASP 129 ? 1_555 CA ? D CA . ? A CA 202 ? 1_555 OE1 ? A GLU 140 ? A GLU 140 ? 1_555 108.3 ? 
65 OD1 ? A ASP 131 ? A ASP 131 ? 1_555 CA ? D CA . ? A CA 202 ? 1_555 OE1 ? A GLU 140 ? A GLU 140 ? 1_555 125.1 ? 
66 OD1 ? A ASP 133 ? A ASP 133 ? 1_555 CA ? D CA . ? A CA 202 ? 1_555 OE1 ? A GLU 140 ? A GLU 140 ? 1_555 150.8 ? 
67 O   ? A GLN 135 ? A GLN 135 ? 1_555 CA ? D CA . ? A CA 202 ? 1_555 OE1 ? A GLU 140 ? A GLU 140 ? 1_555 80.0  ? 
68 OD1 ? A ASP 129 ? A ASP 129 ? 1_555 CA ? D CA . ? A CA 202 ? 1_555 OE2 ? A GLU 140 ? A GLU 140 ? 1_555 90.7  ? 
69 OD1 ? A ASP 131 ? A ASP 131 ? 1_555 CA ? D CA . ? A CA 202 ? 1_555 OE2 ? A GLU 140 ? A GLU 140 ? 1_555 74.0  ? 
70 OD1 ? A ASP 133 ? A ASP 133 ? 1_555 CA ? D CA . ? A CA 202 ? 1_555 OE2 ? A GLU 140 ? A GLU 140 ? 1_555 155.1 ? 
71 O   ? A GLN 135 ? A GLN 135 ? 1_555 CA ? D CA . ? A CA 202 ? 1_555 OE2 ? A GLU 140 ? A GLU 140 ? 1_555 128.2 ? 
72 OE1 ? A GLU 140 ? A GLU 140 ? 1_555 CA ? D CA . ? A CA 202 ? 1_555 OE2 ? A GLU 140 ? A GLU 140 ? 1_555 52.5  ? 
73 OD1 ? A ASP 129 ? A ASP 129 ? 1_555 CA ? D CA . ? A CA 202 ? 1_555 O   ? K HOH .   ? A HOH 304 ? 1_555 164.5 ? 
74 OD1 ? A ASP 131 ? A ASP 131 ? 1_555 CA ? D CA . ? A CA 202 ? 1_555 O   ? K HOH .   ? A HOH 304 ? 1_555 88.7  ? 
75 OD1 ? A ASP 133 ? A ASP 133 ? 1_555 CA ? D CA . ? A CA 202 ? 1_555 O   ? K HOH .   ? A HOH 304 ? 1_555 80.4  ? 
76 O   ? A GLN 135 ? A GLN 135 ? 1_555 CA ? D CA . ? A CA 202 ? 1_555 O   ? K HOH .   ? A HOH 304 ? 1_555 99.4  ? 
77 OE1 ? A GLU 140 ? A GLU 140 ? 1_555 CA ? D CA . ? A CA 202 ? 1_555 O   ? K HOH .   ? A HOH 304 ? 1_555 87.0  ? 
78 OE2 ? A GLU 140 ? A GLU 140 ? 1_555 CA ? D CA . ? A CA 202 ? 1_555 O   ? K HOH .   ? A HOH 304 ? 1_555 97.6  ? 
# 
loop_
_pdbx_audit_revision_history.ordinal 
_pdbx_audit_revision_history.data_content_type 
_pdbx_audit_revision_history.major_revision 
_pdbx_audit_revision_history.minor_revision 
_pdbx_audit_revision_history.revision_date 
1 'Structure model' 1 0 2012-11-07 
2 'Structure model' 1 1 2012-11-14 
3 'Structure model' 1 2 2013-01-02 
4 'Structure model' 1 3 2023-09-13 
# 
_pdbx_audit_revision_details.ordinal             1 
_pdbx_audit_revision_details.revision_ordinal    1 
_pdbx_audit_revision_details.data_content_type   'Structure model' 
_pdbx_audit_revision_details.provider            repository 
_pdbx_audit_revision_details.type                'Initial release' 
_pdbx_audit_revision_details.description         ? 
_pdbx_audit_revision_details.details             ? 
# 
loop_
_pdbx_audit_revision_group.ordinal 
_pdbx_audit_revision_group.revision_ordinal 
_pdbx_audit_revision_group.data_content_type 
_pdbx_audit_revision_group.group 
1 2 'Structure model' 'Database references'    
2 3 'Structure model' 'Database references'    
3 4 'Structure model' 'Data collection'        
4 4 'Structure model' 'Database references'    
5 4 'Structure model' 'Derived calculations'   
6 4 'Structure model' 'Refinement description' 
# 
loop_
_pdbx_audit_revision_category.ordinal 
_pdbx_audit_revision_category.revision_ordinal 
_pdbx_audit_revision_category.data_content_type 
_pdbx_audit_revision_category.category 
1 4 'Structure model' chem_comp_atom                
2 4 'Structure model' chem_comp_bond                
3 4 'Structure model' database_2                    
4 4 'Structure model' pdbx_initial_refinement_model 
5 4 'Structure model' pdbx_struct_conn_angle        
6 4 'Structure model' struct_conn                   
7 4 'Structure model' struct_site                   
# 
loop_
_pdbx_audit_revision_item.ordinal 
_pdbx_audit_revision_item.revision_ordinal 
_pdbx_audit_revision_item.data_content_type 
_pdbx_audit_revision_item.item 
1  4 'Structure model' '_database_2.pdbx_DOI'                        
2  4 'Structure model' '_database_2.pdbx_database_accession'         
3  4 'Structure model' '_pdbx_struct_conn_angle.ptnr1_auth_comp_id'  
4  4 'Structure model' '_pdbx_struct_conn_angle.ptnr1_auth_seq_id'   
5  4 'Structure model' '_pdbx_struct_conn_angle.ptnr1_label_atom_id' 
6  4 'Structure model' '_pdbx_struct_conn_angle.ptnr1_label_comp_id' 
7  4 'Structure model' '_pdbx_struct_conn_angle.ptnr1_label_seq_id'  
8  4 'Structure model' '_pdbx_struct_conn_angle.ptnr2_auth_seq_id'   
9  4 'Structure model' '_pdbx_struct_conn_angle.ptnr2_label_asym_id' 
10 4 'Structure model' '_pdbx_struct_conn_angle.ptnr3_auth_comp_id'  
11 4 'Structure model' '_pdbx_struct_conn_angle.ptnr3_auth_seq_id'   
12 4 'Structure model' '_pdbx_struct_conn_angle.ptnr3_label_asym_id' 
13 4 'Structure model' '_pdbx_struct_conn_angle.ptnr3_label_atom_id' 
14 4 'Structure model' '_pdbx_struct_conn_angle.ptnr3_label_comp_id' 
15 4 'Structure model' '_pdbx_struct_conn_angle.ptnr3_label_seq_id'  
16 4 'Structure model' '_pdbx_struct_conn_angle.value'               
17 4 'Structure model' '_struct_conn.pdbx_dist_value'                
18 4 'Structure model' '_struct_conn.ptnr1_auth_comp_id'             
19 4 'Structure model' '_struct_conn.ptnr1_auth_seq_id'              
20 4 'Structure model' '_struct_conn.ptnr1_label_asym_id'            
21 4 'Structure model' '_struct_conn.ptnr1_label_atom_id'            
22 4 'Structure model' '_struct_conn.ptnr1_label_comp_id'            
23 4 'Structure model' '_struct_conn.ptnr1_label_seq_id'             
24 4 'Structure model' '_struct_conn.ptnr2_auth_seq_id'              
25 4 'Structure model' '_struct_conn.ptnr2_label_asym_id'            
26 4 'Structure model' '_struct_site.pdbx_auth_asym_id'              
27 4 'Structure model' '_struct_site.pdbx_auth_comp_id'              
28 4 'Structure model' '_struct_site.pdbx_auth_seq_id'               
# 
loop_
_software.name 
_software.classification 
_software.version 
_software.citation_id 
_software.pdbx_ordinal 
HKL-2000  'data collection' .                            ? 1 
PHENIX    'model building'  .                            ? 2 
PHENIX    refinement        '(phenix.refine: 1.6.4_486)' ? 3 
DENZO     'data reduction'  .                            ? 4 
SCALEPACK 'data scaling'    .                            ? 5 
PHENIX    phasing           .                            ? 6 
# 
loop_
_pdbx_unobs_or_zero_occ_atoms.id 
_pdbx_unobs_or_zero_occ_atoms.PDB_model_num 
_pdbx_unobs_or_zero_occ_atoms.polymer_flag 
_pdbx_unobs_or_zero_occ_atoms.occupancy_flag 
_pdbx_unobs_or_zero_occ_atoms.auth_asym_id 
_pdbx_unobs_or_zero_occ_atoms.auth_comp_id 
_pdbx_unobs_or_zero_occ_atoms.auth_seq_id 
_pdbx_unobs_or_zero_occ_atoms.PDB_ins_code 
_pdbx_unobs_or_zero_occ_atoms.auth_atom_id 
_pdbx_unobs_or_zero_occ_atoms.label_alt_id 
_pdbx_unobs_or_zero_occ_atoms.label_asym_id 
_pdbx_unobs_or_zero_occ_atoms.label_comp_id 
_pdbx_unobs_or_zero_occ_atoms.label_seq_id 
_pdbx_unobs_or_zero_occ_atoms.label_atom_id 
1 1 Y 1 A ASP 2  ? CG  ? A ASP 2  CG  
2 1 Y 1 A ASP 2  ? OD1 ? A ASP 2  OD1 
3 1 Y 1 A ASP 2  ? OD2 ? A ASP 2  OD2 
4 1 Y 0 A GLN 41 ? OE1 ? A GLN 41 OE1 
# 
loop_
_pdbx_unobs_or_zero_occ_residues.id 
_pdbx_unobs_or_zero_occ_residues.PDB_model_num 
_pdbx_unobs_or_zero_occ_residues.polymer_flag 
_pdbx_unobs_or_zero_occ_residues.occupancy_flag 
_pdbx_unobs_or_zero_occ_residues.auth_asym_id 
_pdbx_unobs_or_zero_occ_residues.auth_comp_id 
_pdbx_unobs_or_zero_occ_residues.auth_seq_id 
_pdbx_unobs_or_zero_occ_residues.PDB_ins_code 
_pdbx_unobs_or_zero_occ_residues.label_asym_id 
_pdbx_unobs_or_zero_occ_residues.label_comp_id 
_pdbx_unobs_or_zero_occ_residues.label_seq_id 
1 1 Y 1 A ALA 1   ? A ALA 1   
2 1 Y 1 A ALA 147 ? A ALA 147 
3 1 Y 1 A LYS 148 ? A LYS 148 
# 
loop_
_chem_comp_atom.comp_id 
_chem_comp_atom.atom_id 
_chem_comp_atom.type_symbol 
_chem_comp_atom.pdbx_aromatic_flag 
_chem_comp_atom.pdbx_stereo_config 
_chem_comp_atom.pdbx_ordinal 
ALA N    N  N N 1   
ALA CA   C  N S 2   
ALA C    C  N N 3   
ALA O    O  N N 4   
ALA CB   C  N N 5   
ALA OXT  O  N N 6   
ALA H    H  N N 7   
ALA H2   H  N N 8   
ALA HA   H  N N 9   
ALA HB1  H  N N 10  
ALA HB2  H  N N 11  
ALA HB3  H  N N 12  
ALA HXT  H  N N 13  
ARG N    N  N N 14  
ARG CA   C  N S 15  
ARG C    C  N N 16  
ARG O    O  N N 17  
ARG CB   C  N N 18  
ARG CG   C  N N 19  
ARG CD   C  N N 20  
ARG NE   N  N N 21  
ARG CZ   C  N N 22  
ARG NH1  N  N N 23  
ARG NH2  N  N N 24  
ARG OXT  O  N N 25  
ARG H    H  N N 26  
ARG H2   H  N N 27  
ARG HA   H  N N 28  
ARG HB2  H  N N 29  
ARG HB3  H  N N 30  
ARG HG2  H  N N 31  
ARG HG3  H  N N 32  
ARG HD2  H  N N 33  
ARG HD3  H  N N 34  
ARG HE   H  N N 35  
ARG HH11 H  N N 36  
ARG HH12 H  N N 37  
ARG HH21 H  N N 38  
ARG HH22 H  N N 39  
ARG HXT  H  N N 40  
ASN N    N  N N 41  
ASN CA   C  N S 42  
ASN C    C  N N 43  
ASN O    O  N N 44  
ASN CB   C  N N 45  
ASN CG   C  N N 46  
ASN OD1  O  N N 47  
ASN ND2  N  N N 48  
ASN OXT  O  N N 49  
ASN H    H  N N 50  
ASN H2   H  N N 51  
ASN HA   H  N N 52  
ASN HB2  H  N N 53  
ASN HB3  H  N N 54  
ASN HD21 H  N N 55  
ASN HD22 H  N N 56  
ASN HXT  H  N N 57  
ASP N    N  N N 58  
ASP CA   C  N S 59  
ASP C    C  N N 60  
ASP O    O  N N 61  
ASP CB   C  N N 62  
ASP CG   C  N N 63  
ASP OD1  O  N N 64  
ASP OD2  O  N N 65  
ASP OXT  O  N N 66  
ASP H    H  N N 67  
ASP H2   H  N N 68  
ASP HA   H  N N 69  
ASP HB2  H  N N 70  
ASP HB3  H  N N 71  
ASP HD2  H  N N 72  
ASP HXT  H  N N 73  
CA  CA   CA N N 74  
GBL CA   C  N N 75  
GBL C    C  N N 76  
GBL O    O  N N 77  
GBL CB   C  N N 78  
GBL CG   C  N N 79  
GBL OD   O  N N 80  
GBL HAC1 H  N N 81  
GBL HAC2 H  N N 82  
GBL HBC1 H  N N 83  
GBL HBC2 H  N N 84  
GBL HGC1 H  N N 85  
GBL HGC2 H  N N 86  
GLN N    N  N N 87  
GLN CA   C  N S 88  
GLN C    C  N N 89  
GLN O    O  N N 90  
GLN CB   C  N N 91  
GLN CG   C  N N 92  
GLN CD   C  N N 93  
GLN OE1  O  N N 94  
GLN NE2  N  N N 95  
GLN OXT  O  N N 96  
GLN H    H  N N 97  
GLN H2   H  N N 98  
GLN HA   H  N N 99  
GLN HB2  H  N N 100 
GLN HB3  H  N N 101 
GLN HG2  H  N N 102 
GLN HG3  H  N N 103 
GLN HE21 H  N N 104 
GLN HE22 H  N N 105 
GLN HXT  H  N N 106 
GLU N    N  N N 107 
GLU CA   C  N S 108 
GLU C    C  N N 109 
GLU O    O  N N 110 
GLU CB   C  N N 111 
GLU CG   C  N N 112 
GLU CD   C  N N 113 
GLU OE1  O  N N 114 
GLU OE2  O  N N 115 
GLU OXT  O  N N 116 
GLU H    H  N N 117 
GLU H2   H  N N 118 
GLU HA   H  N N 119 
GLU HB2  H  N N 120 
GLU HB3  H  N N 121 
GLU HG2  H  N N 122 
GLU HG3  H  N N 123 
GLU HE2  H  N N 124 
GLU HXT  H  N N 125 
GLY N    N  N N 126 
GLY CA   C  N N 127 
GLY C    C  N N 128 
GLY O    O  N N 129 
GLY OXT  O  N N 130 
GLY H    H  N N 131 
GLY H2   H  N N 132 
GLY HA2  H  N N 133 
GLY HA3  H  N N 134 
GLY HXT  H  N N 135 
HIS N    N  N N 136 
HIS CA   C  N S 137 
HIS C    C  N N 138 
HIS O    O  N N 139 
HIS CB   C  N N 140 
HIS CG   C  Y N 141 
HIS ND1  N  Y N 142 
HIS CD2  C  Y N 143 
HIS CE1  C  Y N 144 
HIS NE2  N  Y N 145 
HIS OXT  O  N N 146 
HIS H    H  N N 147 
HIS H2   H  N N 148 
HIS HA   H  N N 149 
HIS HB2  H  N N 150 
HIS HB3  H  N N 151 
HIS HD1  H  N N 152 
HIS HD2  H  N N 153 
HIS HE1  H  N N 154 
HIS HE2  H  N N 155 
HIS HXT  H  N N 156 
HOH O    O  N N 157 
HOH H1   H  N N 158 
HOH H2   H  N N 159 
ILE N    N  N N 160 
ILE CA   C  N S 161 
ILE C    C  N N 162 
ILE O    O  N N 163 
ILE CB   C  N S 164 
ILE CG1  C  N N 165 
ILE CG2  C  N N 166 
ILE CD1  C  N N 167 
ILE OXT  O  N N 168 
ILE H    H  N N 169 
ILE H2   H  N N 170 
ILE HA   H  N N 171 
ILE HB   H  N N 172 
ILE HG12 H  N N 173 
ILE HG13 H  N N 174 
ILE HG21 H  N N 175 
ILE HG22 H  N N 176 
ILE HG23 H  N N 177 
ILE HD11 H  N N 178 
ILE HD12 H  N N 179 
ILE HD13 H  N N 180 
ILE HXT  H  N N 181 
LEU N    N  N N 182 
LEU CA   C  N S 183 
LEU C    C  N N 184 
LEU O    O  N N 185 
LEU CB   C  N N 186 
LEU CG   C  N N 187 
LEU CD1  C  N N 188 
LEU CD2  C  N N 189 
LEU OXT  O  N N 190 
LEU H    H  N N 191 
LEU H2   H  N N 192 
LEU HA   H  N N 193 
LEU HB2  H  N N 194 
LEU HB3  H  N N 195 
LEU HG   H  N N 196 
LEU HD11 H  N N 197 
LEU HD12 H  N N 198 
LEU HD13 H  N N 199 
LEU HD21 H  N N 200 
LEU HD22 H  N N 201 
LEU HD23 H  N N 202 
LEU HXT  H  N N 203 
LYS N    N  N N 204 
LYS CA   C  N S 205 
LYS C    C  N N 206 
LYS O    O  N N 207 
LYS CB   C  N N 208 
LYS CG   C  N N 209 
LYS CD   C  N N 210 
LYS CE   C  N N 211 
LYS NZ   N  N N 212 
LYS OXT  O  N N 213 
LYS H    H  N N 214 
LYS H2   H  N N 215 
LYS HA   H  N N 216 
LYS HB2  H  N N 217 
LYS HB3  H  N N 218 
LYS HG2  H  N N 219 
LYS HG3  H  N N 220 
LYS HD2  H  N N 221 
LYS HD3  H  N N 222 
LYS HE2  H  N N 223 
LYS HE3  H  N N 224 
LYS HZ1  H  N N 225 
LYS HZ2  H  N N 226 
LYS HZ3  H  N N 227 
LYS HXT  H  N N 228 
MET N    N  N N 229 
MET CA   C  N S 230 
MET C    C  N N 231 
MET O    O  N N 232 
MET CB   C  N N 233 
MET CG   C  N N 234 
MET SD   S  N N 235 
MET CE   C  N N 236 
MET OXT  O  N N 237 
MET H    H  N N 238 
MET H2   H  N N 239 
MET HA   H  N N 240 
MET HB2  H  N N 241 
MET HB3  H  N N 242 
MET HG2  H  N N 243 
MET HG3  H  N N 244 
MET HE1  H  N N 245 
MET HE2  H  N N 246 
MET HE3  H  N N 247 
MET HXT  H  N N 248 
PHE N    N  N N 249 
PHE CA   C  N S 250 
PHE C    C  N N 251 
PHE O    O  N N 252 
PHE CB   C  N N 253 
PHE CG   C  Y N 254 
PHE CD1  C  Y N 255 
PHE CD2  C  Y N 256 
PHE CE1  C  Y N 257 
PHE CE2  C  Y N 258 
PHE CZ   C  Y N 259 
PHE OXT  O  N N 260 
PHE H    H  N N 261 
PHE H2   H  N N 262 
PHE HA   H  N N 263 
PHE HB2  H  N N 264 
PHE HB3  H  N N 265 
PHE HD1  H  N N 266 
PHE HD2  H  N N 267 
PHE HE1  H  N N 268 
PHE HE2  H  N N 269 
PHE HZ   H  N N 270 
PHE HXT  H  N N 271 
PRO N    N  N N 272 
PRO CA   C  N S 273 
PRO C    C  N N 274 
PRO O    O  N N 275 
PRO CB   C  N N 276 
PRO CG   C  N N 277 
PRO CD   C  N N 278 
PRO OXT  O  N N 279 
PRO H    H  N N 280 
PRO HA   H  N N 281 
PRO HB2  H  N N 282 
PRO HB3  H  N N 283 
PRO HG2  H  N N 284 
PRO HG3  H  N N 285 
PRO HD2  H  N N 286 
PRO HD3  H  N N 287 
PRO HXT  H  N N 288 
SER N    N  N N 289 
SER CA   C  N S 290 
SER C    C  N N 291 
SER O    O  N N 292 
SER CB   C  N N 293 
SER OG   O  N N 294 
SER OXT  O  N N 295 
SER H    H  N N 296 
SER H2   H  N N 297 
SER HA   H  N N 298 
SER HB2  H  N N 299 
SER HB3  H  N N 300 
SER HG   H  N N 301 
SER HXT  H  N N 302 
THR N    N  N N 303 
THR CA   C  N S 304 
THR C    C  N N 305 
THR O    O  N N 306 
THR CB   C  N R 307 
THR OG1  O  N N 308 
THR CG2  C  N N 309 
THR OXT  O  N N 310 
THR H    H  N N 311 
THR H2   H  N N 312 
THR HA   H  N N 313 
THR HB   H  N N 314 
THR HG1  H  N N 315 
THR HG21 H  N N 316 
THR HG22 H  N N 317 
THR HG23 H  N N 318 
THR HXT  H  N N 319 
TRP N    N  N N 320 
TRP CA   C  N S 321 
TRP C    C  N N 322 
TRP O    O  N N 323 
TRP CB   C  N N 324 
TRP CG   C  Y N 325 
TRP CD1  C  Y N 326 
TRP CD2  C  Y N 327 
TRP NE1  N  Y N 328 
TRP CE2  C  Y N 329 
TRP CE3  C  Y N 330 
TRP CZ2  C  Y N 331 
TRP CZ3  C  Y N 332 
TRP CH2  C  Y N 333 
TRP OXT  O  N N 334 
TRP H    H  N N 335 
TRP H2   H  N N 336 
TRP HA   H  N N 337 
TRP HB2  H  N N 338 
TRP HB3  H  N N 339 
TRP HD1  H  N N 340 
TRP HE1  H  N N 341 
TRP HE3  H  N N 342 
TRP HZ2  H  N N 343 
TRP HZ3  H  N N 344 
TRP HH2  H  N N 345 
TRP HXT  H  N N 346 
TYR N    N  N N 347 
TYR CA   C  N S 348 
TYR C    C  N N 349 
TYR O    O  N N 350 
TYR CB   C  N N 351 
TYR CG   C  Y N 352 
TYR CD1  C  Y N 353 
TYR CD2  C  Y N 354 
TYR CE1  C  Y N 355 
TYR CE2  C  Y N 356 
TYR CZ   C  Y N 357 
TYR OH   O  N N 358 
TYR OXT  O  N N 359 
TYR H    H  N N 360 
TYR H2   H  N N 361 
TYR HA   H  N N 362 
TYR HB2  H  N N 363 
TYR HB3  H  N N 364 
TYR HD1  H  N N 365 
TYR HD2  H  N N 366 
TYR HE1  H  N N 367 
TYR HE2  H  N N 368 
TYR HH   H  N N 369 
TYR HXT  H  N N 370 
VAL N    N  N N 371 
VAL CA   C  N S 372 
VAL C    C  N N 373 
VAL O    O  N N 374 
VAL CB   C  N N 375 
VAL CG1  C  N N 376 
VAL CG2  C  N N 377 
VAL OXT  O  N N 378 
VAL H    H  N N 379 
VAL H2   H  N N 380 
VAL HA   H  N N 381 
VAL HB   H  N N 382 
VAL HG11 H  N N 383 
VAL HG12 H  N N 384 
VAL HG13 H  N N 385 
VAL HG21 H  N N 386 
VAL HG22 H  N N 387 
VAL HG23 H  N N 388 
VAL HXT  H  N N 389 
# 
loop_
_chem_comp_bond.comp_id 
_chem_comp_bond.atom_id_1 
_chem_comp_bond.atom_id_2 
_chem_comp_bond.value_order 
_chem_comp_bond.pdbx_aromatic_flag 
_chem_comp_bond.pdbx_stereo_config 
_chem_comp_bond.pdbx_ordinal 
ALA N   CA   sing N N 1   
ALA N   H    sing N N 2   
ALA N   H2   sing N N 3   
ALA CA  C    sing N N 4   
ALA CA  CB   sing N N 5   
ALA CA  HA   sing N N 6   
ALA C   O    doub N N 7   
ALA C   OXT  sing N N 8   
ALA CB  HB1  sing N N 9   
ALA CB  HB2  sing N N 10  
ALA CB  HB3  sing N N 11  
ALA OXT HXT  sing N N 12  
ARG N   CA   sing N N 13  
ARG N   H    sing N N 14  
ARG N   H2   sing N N 15  
ARG CA  C    sing N N 16  
ARG CA  CB   sing N N 17  
ARG CA  HA   sing N N 18  
ARG C   O    doub N N 19  
ARG C   OXT  sing N N 20  
ARG CB  CG   sing N N 21  
ARG CB  HB2  sing N N 22  
ARG CB  HB3  sing N N 23  
ARG CG  CD   sing N N 24  
ARG CG  HG2  sing N N 25  
ARG CG  HG3  sing N N 26  
ARG CD  NE   sing N N 27  
ARG CD  HD2  sing N N 28  
ARG CD  HD3  sing N N 29  
ARG NE  CZ   sing N N 30  
ARG NE  HE   sing N N 31  
ARG CZ  NH1  sing N N 32  
ARG CZ  NH2  doub N N 33  
ARG NH1 HH11 sing N N 34  
ARG NH1 HH12 sing N N 35  
ARG NH2 HH21 sing N N 36  
ARG NH2 HH22 sing N N 37  
ARG OXT HXT  sing N N 38  
ASN N   CA   sing N N 39  
ASN N   H    sing N N 40  
ASN N   H2   sing N N 41  
ASN CA  C    sing N N 42  
ASN CA  CB   sing N N 43  
ASN CA  HA   sing N N 44  
ASN C   O    doub N N 45  
ASN C   OXT  sing N N 46  
ASN CB  CG   sing N N 47  
ASN CB  HB2  sing N N 48  
ASN CB  HB3  sing N N 49  
ASN CG  OD1  doub N N 50  
ASN CG  ND2  sing N N 51  
ASN ND2 HD21 sing N N 52  
ASN ND2 HD22 sing N N 53  
ASN OXT HXT  sing N N 54  
ASP N   CA   sing N N 55  
ASP N   H    sing N N 56  
ASP N   H2   sing N N 57  
ASP CA  C    sing N N 58  
ASP CA  CB   sing N N 59  
ASP CA  HA   sing N N 60  
ASP C   O    doub N N 61  
ASP C   OXT  sing N N 62  
ASP CB  CG   sing N N 63  
ASP CB  HB2  sing N N 64  
ASP CB  HB3  sing N N 65  
ASP CG  OD1  doub N N 66  
ASP CG  OD2  sing N N 67  
ASP OD2 HD2  sing N N 68  
ASP OXT HXT  sing N N 69  
GBL CA  C    sing N N 70  
GBL CA  CB   sing N N 71  
GBL CA  HAC1 sing N N 72  
GBL CA  HAC2 sing N N 73  
GBL C   O    doub N N 74  
GBL C   OD   sing N N 75  
GBL CB  CG   sing N N 76  
GBL CB  HBC1 sing N N 77  
GBL CB  HBC2 sing N N 78  
GBL CG  OD   sing N N 79  
GBL CG  HGC1 sing N N 80  
GBL CG  HGC2 sing N N 81  
GLN N   CA   sing N N 82  
GLN N   H    sing N N 83  
GLN N   H2   sing N N 84  
GLN CA  C    sing N N 85  
GLN CA  CB   sing N N 86  
GLN CA  HA   sing N N 87  
GLN C   O    doub N N 88  
GLN C   OXT  sing N N 89  
GLN CB  CG   sing N N 90  
GLN CB  HB2  sing N N 91  
GLN CB  HB3  sing N N 92  
GLN CG  CD   sing N N 93  
GLN CG  HG2  sing N N 94  
GLN CG  HG3  sing N N 95  
GLN CD  OE1  doub N N 96  
GLN CD  NE2  sing N N 97  
GLN NE2 HE21 sing N N 98  
GLN NE2 HE22 sing N N 99  
GLN OXT HXT  sing N N 100 
GLU N   CA   sing N N 101 
GLU N   H    sing N N 102 
GLU N   H2   sing N N 103 
GLU CA  C    sing N N 104 
GLU CA  CB   sing N N 105 
GLU CA  HA   sing N N 106 
GLU C   O    doub N N 107 
GLU C   OXT  sing N N 108 
GLU CB  CG   sing N N 109 
GLU CB  HB2  sing N N 110 
GLU CB  HB3  sing N N 111 
GLU CG  CD   sing N N 112 
GLU CG  HG2  sing N N 113 
GLU CG  HG3  sing N N 114 
GLU CD  OE1  doub N N 115 
GLU CD  OE2  sing N N 116 
GLU OE2 HE2  sing N N 117 
GLU OXT HXT  sing N N 118 
GLY N   CA   sing N N 119 
GLY N   H    sing N N 120 
GLY N   H2   sing N N 121 
GLY CA  C    sing N N 122 
GLY CA  HA2  sing N N 123 
GLY CA  HA3  sing N N 124 
GLY C   O    doub N N 125 
GLY C   OXT  sing N N 126 
GLY OXT HXT  sing N N 127 
HIS N   CA   sing N N 128 
HIS N   H    sing N N 129 
HIS N   H2   sing N N 130 
HIS CA  C    sing N N 131 
HIS CA  CB   sing N N 132 
HIS CA  HA   sing N N 133 
HIS C   O    doub N N 134 
HIS C   OXT  sing N N 135 
HIS CB  CG   sing N N 136 
HIS CB  HB2  sing N N 137 
HIS CB  HB3  sing N N 138 
HIS CG  ND1  sing Y N 139 
HIS CG  CD2  doub Y N 140 
HIS ND1 CE1  doub Y N 141 
HIS ND1 HD1  sing N N 142 
HIS CD2 NE2  sing Y N 143 
HIS CD2 HD2  sing N N 144 
HIS CE1 NE2  sing Y N 145 
HIS CE1 HE1  sing N N 146 
HIS NE2 HE2  sing N N 147 
HIS OXT HXT  sing N N 148 
HOH O   H1   sing N N 149 
HOH O   H2   sing N N 150 
ILE N   CA   sing N N 151 
ILE N   H    sing N N 152 
ILE N   H2   sing N N 153 
ILE CA  C    sing N N 154 
ILE CA  CB   sing N N 155 
ILE CA  HA   sing N N 156 
ILE C   O    doub N N 157 
ILE C   OXT  sing N N 158 
ILE CB  CG1  sing N N 159 
ILE CB  CG2  sing N N 160 
ILE CB  HB   sing N N 161 
ILE CG1 CD1  sing N N 162 
ILE CG1 HG12 sing N N 163 
ILE CG1 HG13 sing N N 164 
ILE CG2 HG21 sing N N 165 
ILE CG2 HG22 sing N N 166 
ILE CG2 HG23 sing N N 167 
ILE CD1 HD11 sing N N 168 
ILE CD1 HD12 sing N N 169 
ILE CD1 HD13 sing N N 170 
ILE OXT HXT  sing N N 171 
LEU N   CA   sing N N 172 
LEU N   H    sing N N 173 
LEU N   H2   sing N N 174 
LEU CA  C    sing N N 175 
LEU CA  CB   sing N N 176 
LEU CA  HA   sing N N 177 
LEU C   O    doub N N 178 
LEU C   OXT  sing N N 179 
LEU CB  CG   sing N N 180 
LEU CB  HB2  sing N N 181 
LEU CB  HB3  sing N N 182 
LEU CG  CD1  sing N N 183 
LEU CG  CD2  sing N N 184 
LEU CG  HG   sing N N 185 
LEU CD1 HD11 sing N N 186 
LEU CD1 HD12 sing N N 187 
LEU CD1 HD13 sing N N 188 
LEU CD2 HD21 sing N N 189 
LEU CD2 HD22 sing N N 190 
LEU CD2 HD23 sing N N 191 
LEU OXT HXT  sing N N 192 
LYS N   CA   sing N N 193 
LYS N   H    sing N N 194 
LYS N   H2   sing N N 195 
LYS CA  C    sing N N 196 
LYS CA  CB   sing N N 197 
LYS CA  HA   sing N N 198 
LYS C   O    doub N N 199 
LYS C   OXT  sing N N 200 
LYS CB  CG   sing N N 201 
LYS CB  HB2  sing N N 202 
LYS CB  HB3  sing N N 203 
LYS CG  CD   sing N N 204 
LYS CG  HG2  sing N N 205 
LYS CG  HG3  sing N N 206 
LYS CD  CE   sing N N 207 
LYS CD  HD2  sing N N 208 
LYS CD  HD3  sing N N 209 
LYS CE  NZ   sing N N 210 
LYS CE  HE2  sing N N 211 
LYS CE  HE3  sing N N 212 
LYS NZ  HZ1  sing N N 213 
LYS NZ  HZ2  sing N N 214 
LYS NZ  HZ3  sing N N 215 
LYS OXT HXT  sing N N 216 
MET N   CA   sing N N 217 
MET N   H    sing N N 218 
MET N   H2   sing N N 219 
MET CA  C    sing N N 220 
MET CA  CB   sing N N 221 
MET CA  HA   sing N N 222 
MET C   O    doub N N 223 
MET C   OXT  sing N N 224 
MET CB  CG   sing N N 225 
MET CB  HB2  sing N N 226 
MET CB  HB3  sing N N 227 
MET CG  SD   sing N N 228 
MET CG  HG2  sing N N 229 
MET CG  HG3  sing N N 230 
MET SD  CE   sing N N 231 
MET CE  HE1  sing N N 232 
MET CE  HE2  sing N N 233 
MET CE  HE3  sing N N 234 
MET OXT HXT  sing N N 235 
PHE N   CA   sing N N 236 
PHE N   H    sing N N 237 
PHE N   H2   sing N N 238 
PHE CA  C    sing N N 239 
PHE CA  CB   sing N N 240 
PHE CA  HA   sing N N 241 
PHE C   O    doub N N 242 
PHE C   OXT  sing N N 243 
PHE CB  CG   sing N N 244 
PHE CB  HB2  sing N N 245 
PHE CB  HB3  sing N N 246 
PHE CG  CD1  doub Y N 247 
PHE CG  CD2  sing Y N 248 
PHE CD1 CE1  sing Y N 249 
PHE CD1 HD1  sing N N 250 
PHE CD2 CE2  doub Y N 251 
PHE CD2 HD2  sing N N 252 
PHE CE1 CZ   doub Y N 253 
PHE CE1 HE1  sing N N 254 
PHE CE2 CZ   sing Y N 255 
PHE CE2 HE2  sing N N 256 
PHE CZ  HZ   sing N N 257 
PHE OXT HXT  sing N N 258 
PRO N   CA   sing N N 259 
PRO N   CD   sing N N 260 
PRO N   H    sing N N 261 
PRO CA  C    sing N N 262 
PRO CA  CB   sing N N 263 
PRO CA  HA   sing N N 264 
PRO C   O    doub N N 265 
PRO C   OXT  sing N N 266 
PRO CB  CG   sing N N 267 
PRO CB  HB2  sing N N 268 
PRO CB  HB3  sing N N 269 
PRO CG  CD   sing N N 270 
PRO CG  HG2  sing N N 271 
PRO CG  HG3  sing N N 272 
PRO CD  HD2  sing N N 273 
PRO CD  HD3  sing N N 274 
PRO OXT HXT  sing N N 275 
SER N   CA   sing N N 276 
SER N   H    sing N N 277 
SER N   H2   sing N N 278 
SER CA  C    sing N N 279 
SER CA  CB   sing N N 280 
SER CA  HA   sing N N 281 
SER C   O    doub N N 282 
SER C   OXT  sing N N 283 
SER CB  OG   sing N N 284 
SER CB  HB2  sing N N 285 
SER CB  HB3  sing N N 286 
SER OG  HG   sing N N 287 
SER OXT HXT  sing N N 288 
THR N   CA   sing N N 289 
THR N   H    sing N N 290 
THR N   H2   sing N N 291 
THR CA  C    sing N N 292 
THR CA  CB   sing N N 293 
THR CA  HA   sing N N 294 
THR C   O    doub N N 295 
THR C   OXT  sing N N 296 
THR CB  OG1  sing N N 297 
THR CB  CG2  sing N N 298 
THR CB  HB   sing N N 299 
THR OG1 HG1  sing N N 300 
THR CG2 HG21 sing N N 301 
THR CG2 HG22 sing N N 302 
THR CG2 HG23 sing N N 303 
THR OXT HXT  sing N N 304 
TRP N   CA   sing N N 305 
TRP N   H    sing N N 306 
TRP N   H2   sing N N 307 
TRP CA  C    sing N N 308 
TRP CA  CB   sing N N 309 
TRP CA  HA   sing N N 310 
TRP C   O    doub N N 311 
TRP C   OXT  sing N N 312 
TRP CB  CG   sing N N 313 
TRP CB  HB2  sing N N 314 
TRP CB  HB3  sing N N 315 
TRP CG  CD1  doub Y N 316 
TRP CG  CD2  sing Y N 317 
TRP CD1 NE1  sing Y N 318 
TRP CD1 HD1  sing N N 319 
TRP CD2 CE2  doub Y N 320 
TRP CD2 CE3  sing Y N 321 
TRP NE1 CE2  sing Y N 322 
TRP NE1 HE1  sing N N 323 
TRP CE2 CZ2  sing Y N 324 
TRP CE3 CZ3  doub Y N 325 
TRP CE3 HE3  sing N N 326 
TRP CZ2 CH2  doub Y N 327 
TRP CZ2 HZ2  sing N N 328 
TRP CZ3 CH2  sing Y N 329 
TRP CZ3 HZ3  sing N N 330 
TRP CH2 HH2  sing N N 331 
TRP OXT HXT  sing N N 332 
TYR N   CA   sing N N 333 
TYR N   H    sing N N 334 
TYR N   H2   sing N N 335 
TYR CA  C    sing N N 336 
TYR CA  CB   sing N N 337 
TYR CA  HA   sing N N 338 
TYR C   O    doub N N 339 
TYR C   OXT  sing N N 340 
TYR CB  CG   sing N N 341 
TYR CB  HB2  sing N N 342 
TYR CB  HB3  sing N N 343 
TYR CG  CD1  doub Y N 344 
TYR CG  CD2  sing Y N 345 
TYR CD1 CE1  sing Y N 346 
TYR CD1 HD1  sing N N 347 
TYR CD2 CE2  doub Y N 348 
TYR CD2 HD2  sing N N 349 
TYR CE1 CZ   doub Y N 350 
TYR CE1 HE1  sing N N 351 
TYR CE2 CZ   sing Y N 352 
TYR CE2 HE2  sing N N 353 
TYR CZ  OH   sing N N 354 
TYR OH  HH   sing N N 355 
TYR OXT HXT  sing N N 356 
VAL N   CA   sing N N 357 
VAL N   H    sing N N 358 
VAL N   H2   sing N N 359 
VAL CA  C    sing N N 360 
VAL CA  CB   sing N N 361 
VAL CA  HA   sing N N 362 
VAL C   O    doub N N 363 
VAL C   OXT  sing N N 364 
VAL CB  CG1  sing N N 365 
VAL CB  CG2  sing N N 366 
VAL CB  HB   sing N N 367 
VAL CG1 HG11 sing N N 368 
VAL CG1 HG12 sing N N 369 
VAL CG1 HG13 sing N N 370 
VAL CG2 HG21 sing N N 371 
VAL CG2 HG22 sing N N 372 
VAL CG2 HG23 sing N N 373 
VAL OXT HXT  sing N N 374 
# 
loop_
_pdbx_entity_nonpoly.entity_id 
_pdbx_entity_nonpoly.name 
_pdbx_entity_nonpoly.comp_id 
3 'CALCIUM ION'       CA  
4 GAMMA-BUTYROLACTONE GBL 
5 water               HOH 
# 
_pdbx_initial_refinement_model.id               1 
_pdbx_initial_refinement_model.entity_id_list   ? 
_pdbx_initial_refinement_model.type             'experimental model' 
_pdbx_initial_refinement_model.source_name      PDB 
_pdbx_initial_refinement_model.accession_code   1IWQ 
_pdbx_initial_refinement_model.details          'PDB ENTRY 1IWQ' 
# 
